data_9E0E
#
_entry.id   9E0E
#
_cell.length_a   100.457
_cell.length_b   101.500
_cell.length_c   125.333
_cell.angle_alpha   90.00
_cell.angle_beta   106.51
_cell.angle_gamma   90.00
#
_symmetry.space_group_name_H-M   'P 1 21 1'
#
loop_
_entity.id
_entity.type
_entity.pdbx_description
1 polymer 'Bifunctional protein PutA'
2 non-polymer 'FLAVIN-ADENINE DINUCLEOTIDE'
3 non-polymer 'TRIETHYLENE GLYCOL'
4 non-polymer DI(HYDROXYETHYL)ETHER
5 non-polymer 'FORMIC ACID'
6 non-polymer (1H-indol-5-yl)methanol
7 non-polymer NICOTINAMIDE-ADENINE-DINUCLEOTIDE
8 non-polymer 'SULFATE ION'
9 non-polymer 'MAGNESIUM ION'
10 non-polymer 'PENTAETHYLENE GLYCOL'
11 water water
#
_entity_poly.entity_id   1
_entity_poly.type   'polypeptide(L)'
_entity_poly.pdbx_seq_one_letter_code
;SMMSPNPLQKPAIDAAPAPFADFAPPVRPQSTLRRAITAAYRRPETECLPPLVEAATQSKEIRDAAASTARKLIEALRGK
HSGSGVEGLVQEYSLSSQEGVALMCLAEALLRIPDTATRDALIRDKIADGNWKSHLGGSRSLFVNAATWGLVVTGKLTST
VNDRSLAAALTRLISRCGEPVIRRGVDMAMRMMGEQFVTGETIREALKRSKELEEKGFSYSYDMLGEAATTAADAERYYR
DYESAIHAIGKASAGRGIYEGPGISIKLSALHPRYSRAQAARVMGELLPRVKALALLAKNYDIGLNIDAEEADRLELSLD
LLEVLCLDGDLSGWNGMGFVVQAYGKRCPFVLDFIIDLARRSGRRIMVRLVKGAYWDAEIKRAQLDGLADFPVFTRKIHT
DVSYIACAAKLLAATDVVFPQFATHNAQTLAAIYHMAGKDFHVGKYEFQCLHGMGEPLYEEVVGRGKLDRPCRIYAPVGT
HETLLAYLVRRLLENGANSSFVHRINDPKVSIDELIADPVEVVRAMPVVGAKHDRIALPAELFGDARTNSAGLDLSNEET
LASLTEALRESAAMKWTALPQLATGPAAGETRTVLNPGDHRDVVGSVTETSEEDARRAVRLAADAAPDWAAVPPSERAAC
LDRAAELMQARMPTLLGLIIREAGKSALNAIAEVREAIDFLRYYAEQTRRTLGPGHGPLGPIVCISPWNFPLAIFTGQIA
AALVAGNPVLAKPAEETPLIAAEGVRILREAGIPASALQLLPGDGRVGAALVAAAETAGVMFTGSTEVARLIQAQLADRL
SPAGRPIPLIAETGGQNAMIVDSSALAEQVVGDVITSAFDSAGQRCSALRVLCLQEDVADRILTMLKGALHELHIGRTDR
LSVDVGPVITSEAKDNIEKHIERMRGLGRKVEQIGLASETGVGTFVPPTIIELEKLSDLQREVFGPVLHVIRYRRDDLDR
LVDDVNATGYGLTFGLHTRLDETIAHVTSRIKAGNLYINRNIIGAVVGVQPFGGRGLSGTGPKAGGPLYLGRLVTTAPVP
PQHSSVHTDPVLLDFAKWLDGKGARAEAEAARNAGSSSALGLDLELPGPVGERNLYTLHARGRILLVPATESGLYHQLAA
ALATGNSVAIDAASGLQASLKNLPQTVGLRVSWSKDWAADGPFAGALVEGDAERIRAVNKAIAALPGPLLLVQAASSGEI
ARNPDAYCLNWLVEEVSASINTAAAGGNASLMAIG
;
_entity_poly.pdbx_strand_id   A,B
#
# COMPACT_ATOMS: atom_id res chain seq x y z
N ALA A 16 -13.59 -18.56 -56.11
CA ALA A 16 -12.75 -17.82 -55.18
C ALA A 16 -13.47 -16.56 -54.71
N PRO A 17 -13.94 -16.57 -53.46
CA PRO A 17 -14.74 -15.44 -52.97
C PRO A 17 -13.91 -14.16 -52.87
N ALA A 18 -14.55 -13.04 -53.19
CA ALA A 18 -13.86 -11.77 -53.16
C ALA A 18 -13.49 -11.41 -51.72
N PRO A 19 -12.32 -10.81 -51.49
CA PRO A 19 -11.91 -10.50 -50.12
C PRO A 19 -12.86 -9.52 -49.46
N PHE A 20 -13.29 -9.86 -48.25
CA PHE A 20 -14.14 -9.02 -47.42
C PHE A 20 -15.53 -8.80 -47.98
N ALA A 21 -15.92 -9.54 -49.01
CA ALA A 21 -17.26 -9.40 -49.56
C ALA A 21 -18.33 -9.83 -48.57
N ASP A 22 -18.00 -10.66 -47.60
CA ASP A 22 -18.95 -11.12 -46.60
C ASP A 22 -18.40 -10.89 -45.20
N PHE A 23 -17.72 -9.76 -45.02
CA PHE A 23 -16.98 -9.56 -43.78
C PHE A 23 -17.89 -9.56 -42.56
N ALA A 24 -18.92 -8.72 -42.57
CA ALA A 24 -19.77 -8.62 -41.39
C ALA A 24 -21.13 -8.04 -41.72
N PRO A 25 -21.86 -8.64 -42.67
CA PRO A 25 -23.16 -8.09 -43.04
C PRO A 25 -24.09 -8.12 -41.84
N PRO A 26 -24.88 -7.07 -41.65
CA PRO A 26 -25.81 -7.06 -40.52
C PRO A 26 -26.93 -8.08 -40.70
N VAL A 27 -27.54 -8.44 -39.58
CA VAL A 27 -28.66 -9.37 -39.60
C VAL A 27 -29.76 -8.85 -40.53
N ARG A 28 -30.01 -7.55 -40.49
CA ARG A 28 -31.02 -6.93 -41.33
C ARG A 28 -30.57 -5.52 -41.64
N PRO A 29 -31.10 -4.91 -42.70
CA PRO A 29 -30.80 -3.50 -42.94
C PRO A 29 -31.24 -2.67 -41.75
N GLN A 30 -30.43 -1.69 -41.39
CA GLN A 30 -30.65 -0.94 -40.15
C GLN A 30 -31.66 0.16 -40.40
N SER A 31 -32.79 0.08 -39.71
CA SER A 31 -33.83 1.09 -39.84
C SER A 31 -33.34 2.40 -39.22
N THR A 32 -34.11 3.47 -39.46
CA THR A 32 -33.81 4.76 -38.83
C THR A 32 -33.73 4.62 -37.32
N LEU A 33 -34.66 3.88 -36.73
CA LEU A 33 -34.65 3.70 -35.28
C LEU A 33 -33.42 2.92 -34.84
N ARG A 34 -33.07 1.86 -35.58
CA ARG A 34 -31.86 1.11 -35.22
C ARG A 34 -30.62 1.97 -35.37
N ARG A 35 -30.58 2.80 -36.41
CA ARG A 35 -29.40 3.63 -36.60
C ARG A 35 -29.26 4.68 -35.51
N ALA A 36 -30.39 5.16 -34.96
CA ALA A 36 -30.31 6.12 -33.87
C ALA A 36 -29.77 5.47 -32.61
N ILE A 37 -30.08 4.18 -32.40
CA ILE A 37 -29.47 3.45 -31.30
C ILE A 37 -27.97 3.41 -31.47
N THR A 38 -27.52 2.95 -32.63
CA THR A 38 -26.09 2.79 -32.84
C THR A 38 -25.37 4.12 -32.71
N ALA A 39 -25.99 5.20 -33.18
CA ALA A 39 -25.34 6.50 -33.11
C ALA A 39 -25.06 6.93 -31.67
N ALA A 40 -25.84 6.45 -30.70
CA ALA A 40 -25.70 6.87 -29.32
C ALA A 40 -24.73 5.98 -28.54
N TYR A 41 -24.23 4.91 -29.16
CA TYR A 41 -23.46 3.89 -28.45
C TYR A 41 -22.44 4.47 -27.50
N ARG A 42 -21.59 5.38 -27.99
CA ARG A 42 -20.53 5.95 -27.17
C ARG A 42 -20.59 7.46 -27.17
N ARG A 43 -21.80 8.00 -27.25
CA ARG A 43 -21.98 9.43 -27.33
C ARG A 43 -21.41 10.09 -26.08
N PRO A 44 -20.73 11.23 -26.21
CA PRO A 44 -20.17 11.89 -25.03
C PRO A 44 -21.24 12.12 -23.97
N GLU A 45 -20.83 11.92 -22.71
CA GLU A 45 -21.76 12.03 -21.61
C GLU A 45 -22.41 13.42 -21.53
N THR A 46 -21.66 14.48 -21.85
CA THR A 46 -22.23 15.82 -21.84
C THR A 46 -23.32 16.02 -22.89
N GLU A 47 -23.33 15.19 -23.94
CA GLU A 47 -24.38 15.27 -24.95
C GLU A 47 -25.59 14.42 -24.60
N CYS A 48 -25.39 13.35 -23.82
CA CYS A 48 -26.52 12.49 -23.47
C CYS A 48 -27.42 13.13 -22.43
N LEU A 49 -26.83 13.83 -21.46
CA LEU A 49 -27.59 14.22 -20.27
C LEU A 49 -28.69 15.28 -20.49
N PRO A 50 -28.44 16.36 -21.24
CA PRO A 50 -29.44 17.43 -21.31
C PRO A 50 -30.81 16.94 -21.74
N PRO A 51 -30.93 16.13 -22.81
CA PRO A 51 -32.28 15.63 -23.15
C PRO A 51 -32.88 14.74 -22.07
N LEU A 52 -32.05 14.01 -21.33
CA LEU A 52 -32.55 13.19 -20.24
C LEU A 52 -33.08 14.06 -19.09
N VAL A 53 -32.31 15.10 -18.75
CA VAL A 53 -32.78 16.06 -17.74
C VAL A 53 -34.14 16.63 -18.14
N GLU A 54 -34.26 17.04 -19.41
CA GLU A 54 -35.53 17.60 -19.87
C GLU A 54 -36.67 16.60 -19.72
N ALA A 55 -36.44 15.35 -20.15
CA ALA A 55 -37.50 14.35 -20.14
C ALA A 55 -37.88 13.94 -18.73
N ALA A 56 -36.95 14.00 -17.78
CA ALA A 56 -37.18 13.58 -16.42
C ALA A 56 -37.72 14.70 -15.54
N THR A 57 -37.84 15.91 -16.07
CA THR A 57 -38.29 17.04 -15.27
C THR A 57 -39.77 16.86 -14.89
N GLN A 58 -40.09 17.13 -13.64
CA GLN A 58 -41.47 17.09 -13.17
C GLN A 58 -41.79 18.38 -12.43
N SER A 59 -43.08 18.62 -12.25
CA SER A 59 -43.53 19.85 -11.61
C SER A 59 -43.05 19.91 -10.18
N LYS A 60 -42.97 21.13 -9.65
CA LYS A 60 -42.56 21.32 -8.26
C LYS A 60 -43.47 20.56 -7.32
N GLU A 61 -44.78 20.56 -7.58
CA GLU A 61 -45.71 19.82 -6.74
C GLU A 61 -45.36 18.34 -6.71
N ILE A 62 -45.05 17.77 -7.88
CA ILE A 62 -44.71 16.35 -7.92
C ILE A 62 -43.39 16.08 -7.21
N ARG A 63 -42.39 16.93 -7.44
CA ARG A 63 -41.11 16.75 -6.77
C ARG A 63 -41.25 16.79 -5.26
N ASP A 64 -42.08 17.71 -4.74
CA ASP A 64 -42.33 17.74 -3.31
C ASP A 64 -43.08 16.49 -2.85
N ALA A 65 -44.08 16.07 -3.61
CA ALA A 65 -44.81 14.86 -3.25
C ALA A 65 -43.91 13.65 -3.30
N ALA A 66 -43.07 13.55 -4.34
CA ALA A 66 -42.15 12.43 -4.45
C ALA A 66 -41.16 12.39 -3.29
N ALA A 67 -40.61 13.55 -2.91
CA ALA A 67 -39.68 13.57 -1.79
C ALA A 67 -40.37 13.14 -0.51
N SER A 68 -41.62 13.57 -0.32
CA SER A 68 -42.38 13.16 0.85
C SER A 68 -42.61 11.65 0.85
N THR A 69 -42.99 11.10 -0.31
CA THR A 69 -43.18 9.65 -0.39
C THR A 69 -41.87 8.92 -0.17
N ALA A 70 -40.78 9.40 -0.78
CA ALA A 70 -39.48 8.75 -0.60
C ALA A 70 -39.07 8.79 0.86
N ARG A 71 -39.30 9.93 1.53
CA ARG A 71 -38.94 10.01 2.95
C ARG A 71 -39.75 9.03 3.78
N LYS A 72 -41.05 8.93 3.49
CA LYS A 72 -41.91 7.97 4.20
C LYS A 72 -41.43 6.54 4.00
N LEU A 73 -41.09 6.17 2.77
CA LEU A 73 -40.57 4.83 2.51
C LEU A 73 -39.26 4.60 3.25
N ILE A 74 -38.38 5.60 3.24
CA ILE A 74 -37.07 5.43 3.86
C ILE A 74 -37.19 5.36 5.38
N GLU A 75 -38.06 6.19 5.96
CA GLU A 75 -38.30 6.10 7.40
C GLU A 75 -38.84 4.73 7.79
N ALA A 76 -39.76 4.18 6.98
CA ALA A 76 -40.24 2.83 7.24
C ALA A 76 -39.10 1.81 7.14
N LEU A 77 -38.24 1.93 6.12
CA LEU A 77 -37.14 1.00 5.95
C LEU A 77 -36.20 1.04 7.15
N ARG A 78 -35.75 2.24 7.50
CA ARG A 78 -34.83 2.39 8.63
C ARG A 78 -35.50 2.06 9.97
N GLY A 79 -36.81 2.19 10.06
CA GLY A 79 -37.52 1.83 11.27
C GLY A 79 -37.74 0.35 11.48
N LYS A 80 -37.21 -0.49 10.61
CA LYS A 80 -37.39 -1.93 10.74
C LYS A 80 -36.13 -2.68 10.30
N SER A 84 -28.05 -8.50 9.16
CA SER A 84 -28.40 -8.55 10.58
C SER A 84 -28.16 -9.93 11.16
N GLY A 85 -28.49 -10.97 10.39
CA GLY A 85 -28.21 -12.33 10.83
C GLY A 85 -26.72 -12.57 11.01
N VAL A 86 -25.94 -12.32 9.96
CA VAL A 86 -24.49 -12.43 10.07
C VAL A 86 -23.95 -11.46 11.11
N GLU A 87 -24.47 -10.23 11.13
CA GLU A 87 -24.03 -9.24 12.10
C GLU A 87 -24.29 -9.71 13.52
N GLY A 88 -25.44 -10.36 13.76
CA GLY A 88 -25.73 -10.86 15.09
C GLY A 88 -24.83 -12.00 15.49
N LEU A 89 -24.46 -12.85 14.53
CA LEU A 89 -23.53 -13.94 14.80
C LEU A 89 -22.15 -13.39 15.15
N VAL A 90 -21.65 -12.46 14.33
CA VAL A 90 -20.38 -11.81 14.63
C VAL A 90 -20.39 -11.20 16.03
N GLN A 91 -21.50 -10.55 16.39
CA GLN A 91 -21.58 -9.92 17.70
C GLN A 91 -21.61 -10.96 18.82
N GLU A 92 -22.42 -12.01 18.67
CA GLU A 92 -22.59 -12.97 19.76
C GLU A 92 -21.29 -13.69 20.10
N TYR A 93 -20.51 -14.05 19.09
CA TYR A 93 -19.27 -14.79 19.31
C TYR A 93 -18.03 -13.93 19.22
N SER A 94 -18.19 -12.60 19.17
CA SER A 94 -17.07 -11.66 19.13
C SER A 94 -16.10 -12.01 18.02
N LEU A 95 -16.64 -12.26 16.83
CA LEU A 95 -15.83 -12.67 15.70
C LEU A 95 -15.17 -11.46 15.07
N SER A 96 -13.92 -11.63 14.68
CA SER A 96 -13.32 -10.66 13.78
C SER A 96 -13.94 -10.83 12.39
N SER A 97 -13.66 -9.88 11.50
CA SER A 97 -14.15 -10.02 10.13
C SER A 97 -13.64 -11.30 9.48
N GLN A 98 -12.33 -11.57 9.64
CA GLN A 98 -11.79 -12.78 9.04
C GLN A 98 -12.41 -14.03 9.65
N GLU A 99 -12.69 -14.01 10.95
CA GLU A 99 -13.36 -15.16 11.56
C GLU A 99 -14.76 -15.32 11.01
N GLY A 100 -15.49 -14.22 10.84
CA GLY A 100 -16.81 -14.33 10.25
C GLY A 100 -16.77 -14.94 8.86
N VAL A 101 -15.83 -14.46 8.04
CA VAL A 101 -15.70 -15.00 6.69
C VAL A 101 -15.31 -16.46 6.74
N ALA A 102 -14.31 -16.80 7.57
CA ALA A 102 -13.87 -18.18 7.65
C ALA A 102 -15.00 -19.08 8.11
N LEU A 103 -15.78 -18.61 9.08
CA LEU A 103 -16.91 -19.39 9.57
C LEU A 103 -17.92 -19.66 8.45
N MET A 104 -18.23 -18.64 7.65
CA MET A 104 -19.18 -18.88 6.58
C MET A 104 -18.62 -19.83 5.53
N CYS A 105 -17.31 -19.76 5.28
CA CYS A 105 -16.72 -20.72 4.35
C CYS A 105 -16.81 -22.13 4.89
N LEU A 106 -16.53 -22.32 6.18
CA LEU A 106 -16.69 -23.62 6.80
C LEU A 106 -18.14 -24.07 6.72
N ALA A 107 -19.08 -23.17 7.00
CA ALA A 107 -20.48 -23.54 6.92
C ALA A 107 -20.84 -23.97 5.50
N GLU A 108 -20.37 -23.23 4.50
CA GLU A 108 -20.61 -23.61 3.11
C GLU A 108 -20.12 -25.02 2.83
N ALA A 109 -18.89 -25.32 3.26
CA ALA A 109 -18.32 -26.65 3.03
C ALA A 109 -19.12 -27.73 3.75
N LEU A 110 -19.50 -27.46 5.01
CA LEU A 110 -20.31 -28.42 5.76
C LEU A 110 -21.64 -28.67 5.10
N LEU A 111 -22.19 -27.67 4.41
CA LEU A 111 -23.46 -27.84 3.71
C LEU A 111 -23.31 -28.59 2.39
N ARG A 112 -22.08 -28.81 1.92
CA ARG A 112 -21.83 -29.73 0.81
C ARG A 112 -21.93 -31.18 1.24
N ILE A 113 -22.11 -31.44 2.53
CA ILE A 113 -22.39 -32.78 3.03
C ILE A 113 -23.91 -32.97 2.98
N PRO A 114 -24.42 -33.88 2.15
CA PRO A 114 -25.88 -33.99 1.98
C PRO A 114 -26.62 -34.51 3.20
N ASP A 115 -26.14 -35.59 3.81
CA ASP A 115 -26.83 -36.22 4.93
C ASP A 115 -26.70 -35.35 6.16
N THR A 116 -27.83 -34.81 6.64
CA THR A 116 -27.81 -33.88 7.77
C THR A 116 -27.21 -34.52 9.02
N ALA A 117 -27.57 -35.79 9.29
CA ALA A 117 -27.00 -36.46 10.45
C ALA A 117 -25.49 -36.67 10.29
N THR A 118 -25.03 -36.92 9.07
CA THR A 118 -23.60 -37.08 8.84
C THR A 118 -22.87 -35.77 9.06
N ARG A 119 -23.47 -34.66 8.65
CA ARG A 119 -22.88 -33.36 8.88
C ARG A 119 -22.80 -33.04 10.36
N ASP A 120 -23.88 -33.31 11.10
CA ASP A 120 -23.91 -33.02 12.52
C ASP A 120 -22.89 -33.86 13.28
N ALA A 121 -22.71 -35.11 12.85
CA ALA A 121 -21.71 -35.98 13.48
C ALA A 121 -20.30 -35.48 13.19
N LEU A 122 -20.03 -35.08 11.95
CA LEU A 122 -18.72 -34.51 11.64
C LEU A 122 -18.47 -33.25 12.47
N ILE A 123 -19.49 -32.40 12.61
CA ILE A 123 -19.33 -31.18 13.40
C ILE A 123 -19.01 -31.53 14.85
N ARG A 124 -19.86 -32.34 15.47
CA ARG A 124 -19.72 -32.61 16.90
C ARG A 124 -18.45 -33.39 17.21
N ASP A 125 -18.13 -34.40 16.40
CA ASP A 125 -17.04 -35.30 16.74
C ASP A 125 -15.68 -34.83 16.23
N LYS A 126 -15.62 -34.24 15.04
CA LYS A 126 -14.37 -33.96 14.37
C LYS A 126 -14.07 -32.48 14.18
N ILE A 127 -15.03 -31.70 13.66
CA ILE A 127 -14.77 -30.29 13.38
C ILE A 127 -14.60 -29.51 14.68
N ALA A 128 -15.50 -29.72 15.65
CA ALA A 128 -15.49 -28.93 16.87
C ALA A 128 -14.23 -29.16 17.69
N ASP A 129 -13.63 -30.35 17.60
CA ASP A 129 -12.41 -30.68 18.31
C ASP A 129 -11.16 -30.24 17.55
N GLY A 130 -11.23 -29.10 16.87
CA GLY A 130 -10.11 -28.64 16.06
C GLY A 130 -9.93 -29.52 14.84
N ASN A 131 -8.72 -29.46 14.28
CA ASN A 131 -8.31 -30.28 13.14
C ASN A 131 -9.37 -30.31 12.05
N TRP A 132 -10.01 -29.17 11.80
CA TRP A 132 -10.95 -29.09 10.69
C TRP A 132 -10.27 -29.33 9.36
N LYS A 133 -8.96 -29.05 9.30
CA LYS A 133 -8.21 -29.31 8.06
C LYS A 133 -8.20 -30.79 7.72
N SER A 134 -8.05 -31.64 8.74
CA SER A 134 -7.91 -33.08 8.51
C SER A 134 -9.13 -33.67 7.81
N HIS A 135 -10.31 -33.12 8.06
CA HIS A 135 -11.55 -33.68 7.53
C HIS A 135 -12.17 -32.88 6.39
N LEU A 136 -11.73 -31.64 6.19
CA LEU A 136 -12.24 -30.82 5.08
C LEU A 136 -11.10 -30.08 4.39
N SER A 139 -8.72 -31.32 -1.34
CA SER A 139 -8.55 -31.09 -2.78
C SER A 139 -9.08 -29.71 -3.18
N ARG A 140 -9.91 -29.13 -2.33
CA ARG A 140 -10.52 -27.83 -2.56
C ARG A 140 -10.38 -27.03 -1.27
N SER A 141 -9.75 -25.86 -1.36
CA SER A 141 -9.68 -24.98 -0.22
C SER A 141 -11.07 -24.69 0.30
N LEU A 142 -11.21 -24.67 1.63
CA LEU A 142 -12.47 -24.25 2.22
C LEU A 142 -12.85 -22.84 1.81
N PHE A 143 -11.87 -22.06 1.38
CA PHE A 143 -12.03 -20.63 1.24
C PHE A 143 -12.18 -20.19 -0.21
N VAL A 144 -12.50 -21.12 -1.10
CA VAL A 144 -12.61 -20.79 -2.53
CA VAL A 144 -12.62 -20.80 -2.53
C VAL A 144 -13.57 -19.63 -2.76
N ASN A 145 -14.67 -19.58 -2.01
CA ASN A 145 -15.66 -18.52 -2.18
C ASN A 145 -15.56 -17.44 -1.11
N ALA A 146 -14.40 -17.31 -0.47
CA ALA A 146 -14.29 -16.35 0.61
C ALA A 146 -14.48 -14.90 0.14
N ALA A 147 -14.18 -14.59 -1.13
CA ALA A 147 -14.42 -13.23 -1.59
C ALA A 147 -15.90 -12.89 -1.51
N THR A 148 -16.76 -13.86 -1.83
CA THR A 148 -18.19 -13.64 -1.71
C THR A 148 -18.60 -13.49 -0.25
N TRP A 149 -18.15 -14.42 0.61
CA TRP A 149 -18.46 -14.27 2.02
C TRP A 149 -17.85 -13.01 2.60
N GLY A 150 -16.69 -12.58 2.09
CA GLY A 150 -16.14 -11.31 2.52
C GLY A 150 -17.08 -10.16 2.23
N LEU A 151 -17.70 -10.16 1.06
CA LEU A 151 -18.68 -9.14 0.75
C LEU A 151 -19.86 -9.21 1.71
N VAL A 152 -20.32 -10.43 2.01
CA VAL A 152 -21.45 -10.60 2.92
C VAL A 152 -21.10 -10.07 4.31
N VAL A 153 -19.92 -10.43 4.82
CA VAL A 153 -19.56 -10.11 6.19
C VAL A 153 -19.13 -8.66 6.33
N THR A 154 -18.26 -8.18 5.42
CA THR A 154 -17.62 -6.88 5.57
C THR A 154 -18.16 -5.82 4.64
N GLY A 155 -18.94 -6.19 3.62
CA GLY A 155 -19.34 -5.22 2.61
C GLY A 155 -18.25 -4.81 1.66
N LYS A 156 -17.05 -5.37 1.78
CA LYS A 156 -15.92 -5.04 0.95
C LYS A 156 -15.56 -6.23 0.08
N LEU A 157 -15.15 -5.96 -1.15
CA LEU A 157 -14.79 -6.99 -2.11
C LEU A 157 -13.27 -7.08 -2.21
N THR A 158 -12.76 -8.31 -2.21
CA THR A 158 -11.37 -8.59 -2.52
C THR A 158 -11.34 -9.56 -3.69
N SER A 159 -10.39 -9.34 -4.61
CA SER A 159 -10.32 -10.19 -5.79
C SER A 159 -9.82 -11.59 -5.43
N THR A 160 -8.85 -11.66 -4.52
CA THR A 160 -8.28 -12.93 -4.10
C THR A 160 -8.40 -13.06 -2.60
N VAL A 161 -8.16 -14.28 -2.12
CA VAL A 161 -8.51 -14.71 -0.77
C VAL A 161 -7.22 -14.92 0.01
N ASN A 162 -7.10 -14.31 1.18
CA ASN A 162 -5.96 -14.62 2.04
C ASN A 162 -6.30 -15.87 2.81
N ASP A 163 -5.99 -17.02 2.20
CA ASP A 163 -6.41 -18.29 2.75
C ASP A 163 -5.64 -18.65 4.01
N ARG A 164 -4.44 -18.13 4.17
CA ARG A 164 -3.73 -18.41 5.42
CA ARG A 164 -3.72 -18.40 5.41
C ARG A 164 -4.32 -17.61 6.57
N SER A 165 -4.75 -16.38 6.31
CA SER A 165 -5.43 -15.61 7.35
C SER A 165 -6.75 -16.26 7.72
N LEU A 166 -7.49 -16.73 6.72
CA LEU A 166 -8.76 -17.39 7.01
C LEU A 166 -8.56 -18.71 7.76
N ALA A 167 -7.54 -19.47 7.39
CA ALA A 167 -7.28 -20.73 8.09
C ALA A 167 -6.92 -20.47 9.55
N ALA A 168 -6.08 -19.47 9.79
CA ALA A 168 -5.75 -19.09 11.17
C ALA A 168 -7.00 -18.65 11.92
N ALA A 169 -7.84 -17.84 11.27
CA ALA A 169 -9.06 -17.35 11.89
C ALA A 169 -10.02 -18.51 12.21
N LEU A 170 -10.14 -19.48 11.31
CA LEU A 170 -11.05 -20.60 11.55
C LEU A 170 -10.55 -21.44 12.72
N THR A 171 -9.27 -21.76 12.73
CA THR A 171 -8.69 -22.47 13.87
C THR A 171 -8.94 -21.70 15.14
N ARG A 172 -8.73 -20.39 15.12
CA ARG A 172 -8.87 -19.59 16.33
C ARG A 172 -10.31 -19.60 16.83
N LEU A 173 -11.27 -19.42 15.91
CA LEU A 173 -12.64 -19.30 16.37
C LEU A 173 -13.18 -20.64 16.84
N ILE A 174 -12.78 -21.73 16.19
CA ILE A 174 -13.25 -23.05 16.62
C ILE A 174 -12.63 -23.39 17.96
N SER A 175 -11.34 -23.09 18.13
CA SER A 175 -10.69 -23.41 19.41
C SER A 175 -11.24 -22.55 20.53
N ARG A 176 -11.74 -21.36 20.21
CA ARG A 176 -12.26 -20.47 21.24
C ARG A 176 -13.71 -20.78 21.54
N CYS A 177 -14.53 -21.04 20.52
CA CYS A 177 -15.97 -21.13 20.69
C CYS A 177 -16.59 -22.49 20.40
N GLY A 178 -15.88 -23.37 19.70
CA GLY A 178 -16.32 -24.75 19.61
C GLY A 178 -17.57 -24.95 18.78
N GLU A 179 -18.22 -26.08 19.06
CA GLU A 179 -19.41 -26.49 18.31
C GLU A 179 -20.50 -25.44 18.23
N PRO A 180 -20.84 -24.70 19.29
CA PRO A 180 -21.95 -23.74 19.17
C PRO A 180 -21.78 -22.73 18.04
N VAL A 181 -20.57 -22.23 17.82
CA VAL A 181 -20.39 -21.26 16.76
C VAL A 181 -20.47 -21.92 15.39
N ILE A 182 -19.98 -23.15 15.27
CA ILE A 182 -20.10 -23.88 14.00
C ILE A 182 -21.56 -24.11 13.68
N ARG A 183 -22.33 -24.56 14.67
CA ARG A 183 -23.75 -24.78 14.48
CA ARG A 183 -23.76 -24.78 14.50
C ARG A 183 -24.45 -23.50 14.02
N ARG A 184 -24.16 -22.39 14.68
CA ARG A 184 -24.78 -21.12 14.30
C ARG A 184 -24.38 -20.71 12.90
N GLY A 185 -23.11 -20.91 12.54
CA GLY A 185 -22.68 -20.58 11.20
C GLY A 185 -23.36 -21.44 10.14
N VAL A 186 -23.47 -22.74 10.41
CA VAL A 186 -24.14 -23.64 9.46
C VAL A 186 -25.58 -23.23 9.25
N ASP A 187 -26.28 -22.93 10.34
CA ASP A 187 -27.69 -22.57 10.22
C ASP A 187 -27.85 -21.24 9.50
N MET A 188 -26.93 -20.30 9.76
CA MET A 188 -26.95 -19.02 9.06
C MET A 188 -26.69 -19.20 7.56
N ALA A 189 -25.66 -19.98 7.22
CA ALA A 189 -25.34 -20.17 5.81
C ALA A 189 -26.44 -20.94 5.09
N MET A 190 -27.04 -21.91 5.78
CA MET A 190 -28.16 -22.65 5.19
C MET A 190 -29.31 -21.72 4.86
N ARG A 191 -29.65 -20.82 5.79
CA ARG A 191 -30.72 -19.87 5.55
C ARG A 191 -30.38 -18.95 4.40
N MET A 192 -29.15 -18.41 4.38
CA MET A 192 -28.80 -17.45 3.33
C MET A 192 -28.77 -18.11 1.96
N MET A 193 -28.07 -19.24 1.84
CA MET A 193 -27.89 -19.86 0.53
CA MET A 193 -27.90 -19.86 0.53
C MET A 193 -29.15 -20.56 0.03
N GLY A 194 -30.06 -20.94 0.92
CA GLY A 194 -31.25 -21.65 0.50
C GLY A 194 -32.51 -20.82 0.47
N GLU A 195 -32.50 -19.67 1.16
CA GLU A 195 -33.72 -18.88 1.31
C GLU A 195 -33.56 -17.40 1.02
N GLN A 196 -32.34 -16.85 1.04
CA GLN A 196 -32.12 -15.43 0.81
C GLN A 196 -31.48 -15.15 -0.55
N PHE A 197 -30.37 -15.82 -0.86
CA PHE A 197 -29.73 -15.64 -2.15
C PHE A 197 -30.54 -16.26 -3.27
N VAL A 198 -31.39 -17.23 -2.93
CA VAL A 198 -32.30 -17.83 -3.89
C VAL A 198 -33.66 -17.93 -3.22
N THR A 199 -34.70 -17.90 -4.05
CA THR A 199 -36.04 -18.16 -3.54
C THR A 199 -36.20 -19.65 -3.24
N GLY A 200 -35.51 -20.50 -3.98
CA GLY A 200 -35.52 -21.92 -3.71
C GLY A 200 -34.40 -22.59 -4.45
N GLU A 201 -34.08 -23.81 -3.99
CA GLU A 201 -33.02 -24.57 -4.66
C GLU A 201 -33.50 -25.10 -6.01
N THR A 202 -34.79 -25.38 -6.12
CA THR A 202 -35.41 -25.87 -7.34
C THR A 202 -36.64 -25.03 -7.63
N ILE A 203 -37.13 -25.10 -8.86
CA ILE A 203 -38.29 -24.30 -9.21
C ILE A 203 -39.51 -24.70 -8.39
N ARG A 204 -39.65 -26.00 -8.07
CA ARG A 204 -40.78 -26.44 -7.26
C ARG A 204 -40.71 -25.82 -5.87
N GLU A 205 -39.53 -25.81 -5.26
CA GLU A 205 -39.39 -25.18 -3.95
C GLU A 205 -39.66 -23.68 -4.04
N ALA A 206 -39.11 -23.03 -5.07
CA ALA A 206 -39.32 -21.60 -5.22
C ALA A 206 -40.80 -21.28 -5.40
N LEU A 207 -41.52 -22.09 -6.17
CA LEU A 207 -42.94 -21.86 -6.36
C LEU A 207 -43.72 -22.01 -5.06
N LYS A 208 -43.39 -23.03 -4.26
CA LYS A 208 -44.07 -23.20 -2.99
C LYS A 208 -43.86 -22.00 -2.08
N ARG A 209 -42.63 -21.49 -2.04
CA ARG A 209 -42.30 -20.36 -1.19
C ARG A 209 -42.84 -19.03 -1.72
N SER A 210 -43.34 -19.00 -2.95
CA SER A 210 -43.84 -17.76 -3.52
C SER A 210 -45.28 -17.46 -3.14
N LYS A 211 -46.01 -18.45 -2.63
CA LYS A 211 -47.43 -18.28 -2.34
C LYS A 211 -47.66 -17.17 -1.31
N GLU A 212 -46.80 -17.07 -0.30
CA GLU A 212 -47.01 -16.11 0.77
C GLU A 212 -47.11 -14.68 0.22
N LEU A 213 -46.10 -14.26 -0.55
CA LEU A 213 -46.12 -12.89 -1.04
C LEU A 213 -47.07 -12.69 -2.21
N GLU A 214 -47.34 -13.74 -2.99
CA GLU A 214 -48.35 -13.61 -4.03
C GLU A 214 -49.72 -13.29 -3.41
N GLU A 215 -50.00 -13.85 -2.24
CA GLU A 215 -51.25 -13.57 -1.54
C GLU A 215 -51.34 -12.13 -1.08
N LYS A 216 -50.20 -11.44 -0.95
CA LYS A 216 -50.16 -10.05 -0.55
C LYS A 216 -50.14 -9.09 -1.74
N GLY A 217 -50.09 -9.60 -2.97
CA GLY A 217 -50.14 -8.76 -4.15
C GLY A 217 -48.84 -8.70 -4.93
N PHE A 218 -47.82 -9.44 -4.51
CA PHE A 218 -46.60 -9.54 -5.30
C PHE A 218 -46.79 -10.57 -6.41
N SER A 219 -45.96 -10.45 -7.43
CA SER A 219 -45.80 -11.50 -8.43
C SER A 219 -44.33 -11.90 -8.48
N TYR A 220 -44.02 -12.86 -9.35
CA TYR A 220 -42.68 -13.41 -9.41
C TYR A 220 -42.20 -13.54 -10.85
N SER A 221 -40.89 -13.40 -11.03
CA SER A 221 -40.22 -13.80 -12.26
C SER A 221 -39.03 -14.66 -11.85
N TYR A 222 -39.00 -15.89 -12.32
CA TYR A 222 -37.99 -16.82 -11.84
C TYR A 222 -36.77 -16.84 -12.75
N ASP A 223 -35.60 -16.88 -12.14
CA ASP A 223 -34.32 -16.90 -12.83
C ASP A 223 -33.61 -18.19 -12.46
N MET A 224 -33.49 -19.10 -13.43
CA MET A 224 -32.86 -20.40 -13.24
C MET A 224 -31.34 -20.33 -13.18
N LEU A 225 -30.77 -19.12 -13.17
CA LEU A 225 -29.35 -18.86 -12.92
C LEU A 225 -28.43 -19.26 -14.06
N GLY A 226 -28.97 -19.58 -15.23
CA GLY A 226 -28.11 -19.87 -16.37
C GLY A 226 -27.49 -18.59 -16.93
N GLU A 227 -26.23 -18.69 -17.35
CA GLU A 227 -25.54 -17.52 -17.87
C GLU A 227 -24.23 -17.98 -18.50
N ALA A 228 -23.86 -17.32 -19.60
CA ALA A 228 -22.55 -17.48 -20.21
C ALA A 228 -22.20 -18.95 -20.45
N ALA A 229 -23.01 -19.60 -21.28
CA ALA A 229 -22.70 -20.95 -21.72
C ALA A 229 -21.33 -20.98 -22.38
N THR A 230 -20.51 -21.95 -21.99
CA THR A 230 -19.18 -22.13 -22.58
C THR A 230 -19.18 -23.18 -23.67
N THR A 231 -20.12 -24.12 -23.63
CA THR A 231 -20.13 -25.22 -24.56
C THR A 231 -21.55 -25.43 -25.05
N ALA A 232 -21.67 -26.19 -26.14
CA ALA A 232 -22.99 -26.61 -26.58
C ALA A 232 -23.72 -27.35 -25.47
N ALA A 233 -23.02 -28.19 -24.73
CA ALA A 233 -23.70 -28.94 -23.67
C ALA A 233 -24.22 -28.04 -22.57
N ASP A 234 -23.46 -26.99 -22.21
CA ASP A 234 -23.96 -26.03 -21.22
C ASP A 234 -25.22 -25.36 -21.73
N ALA A 235 -25.19 -24.92 -22.99
CA ALA A 235 -26.34 -24.23 -23.55
C ALA A 235 -27.55 -25.15 -23.56
N GLU A 236 -27.34 -26.43 -23.86
CA GLU A 236 -28.45 -27.37 -23.84
C GLU A 236 -28.96 -27.58 -22.42
N ARG A 237 -28.06 -27.61 -21.44
CA ARG A 237 -28.48 -27.74 -20.04
C ARG A 237 -29.29 -26.54 -19.60
N TYR A 238 -28.85 -25.34 -19.94
CA TYR A 238 -29.62 -24.17 -19.55
C TYR A 238 -30.95 -24.13 -20.28
N TYR A 239 -30.96 -24.57 -21.55
CA TYR A 239 -32.22 -24.67 -22.28
C TYR A 239 -33.20 -25.58 -21.55
N ARG A 240 -32.76 -26.80 -21.21
CA ARG A 240 -33.71 -27.69 -20.58
C ARG A 240 -34.09 -27.23 -19.18
N ASP A 241 -33.22 -26.48 -18.50
CA ASP A 241 -33.60 -25.88 -17.22
C ASP A 241 -34.71 -24.85 -17.43
N TYR A 242 -34.57 -23.99 -18.43
CA TYR A 242 -35.61 -23.01 -18.70
C TYR A 242 -36.90 -23.69 -19.12
N GLU A 243 -36.81 -24.69 -20.00
CA GLU A 243 -38.01 -25.36 -20.47
C GLU A 243 -38.73 -26.04 -19.31
N SER A 244 -37.98 -26.74 -18.46
CA SER A 244 -38.61 -27.38 -17.32
C SER A 244 -39.19 -26.34 -16.36
N ALA A 245 -38.52 -25.21 -16.20
CA ALA A 245 -39.06 -24.17 -15.34
C ALA A 245 -40.34 -23.57 -15.92
N ILE A 246 -40.38 -23.34 -17.22
CA ILE A 246 -41.60 -22.80 -17.83
C ILE A 246 -42.78 -23.71 -17.55
N HIS A 247 -42.58 -25.03 -17.67
CA HIS A 247 -43.67 -25.94 -17.37
C HIS A 247 -44.12 -25.79 -15.92
N ALA A 248 -43.16 -25.76 -15.00
CA ALA A 248 -43.54 -25.68 -13.59
C ALA A 248 -44.23 -24.36 -13.28
N ILE A 249 -43.69 -23.26 -13.80
CA ILE A 249 -44.27 -21.94 -13.59
C ILE A 249 -45.64 -21.85 -14.25
N GLY A 250 -45.76 -22.37 -15.47
CA GLY A 250 -47.04 -22.33 -16.15
C GLY A 250 -48.10 -23.17 -15.47
N LYS A 251 -47.71 -24.35 -14.97
CA LYS A 251 -48.64 -25.17 -14.20
C LYS A 251 -49.12 -24.42 -12.97
N ALA A 252 -48.19 -23.73 -12.29
CA ALA A 252 -48.55 -23.02 -11.08
C ALA A 252 -49.34 -21.76 -11.40
N SER A 253 -49.00 -21.09 -12.51
CA SER A 253 -49.72 -19.88 -12.85
C SER A 253 -51.20 -20.18 -13.00
N ALA A 254 -51.52 -21.34 -13.58
CA ALA A 254 -52.89 -21.85 -13.66
C ALA A 254 -53.84 -20.80 -14.23
N GLY A 255 -53.42 -20.13 -15.29
CA GLY A 255 -54.31 -19.21 -15.98
C GLY A 255 -54.36 -17.82 -15.40
N ARG A 256 -53.47 -17.46 -14.48
CA ARG A 256 -53.49 -16.11 -13.94
C ARG A 256 -53.03 -15.07 -14.95
N GLY A 257 -52.38 -15.49 -16.03
CA GLY A 257 -51.97 -14.54 -17.05
C GLY A 257 -50.65 -13.87 -16.74
N ILE A 258 -50.26 -12.98 -17.65
CA ILE A 258 -48.90 -12.47 -17.62
C ILE A 258 -48.69 -11.38 -16.57
N TYR A 259 -49.74 -10.74 -16.09
CA TYR A 259 -49.57 -9.65 -15.13
C TYR A 259 -49.71 -10.12 -13.69
N GLU A 260 -50.77 -10.85 -13.37
CA GLU A 260 -50.93 -11.35 -12.02
C GLU A 260 -50.05 -12.57 -11.76
N GLY A 261 -49.83 -13.38 -12.78
CA GLY A 261 -49.18 -14.65 -12.60
C GLY A 261 -47.69 -14.55 -12.80
N PRO A 262 -47.00 -15.59 -12.40
CA PRO A 262 -45.53 -15.62 -12.46
C PRO A 262 -45.03 -15.76 -13.88
N GLY A 263 -43.77 -15.39 -14.07
CA GLY A 263 -43.11 -15.56 -15.34
C GLY A 263 -41.70 -16.05 -15.15
N ILE A 264 -40.94 -16.05 -16.23
CA ILE A 264 -39.56 -16.51 -16.21
C ILE A 264 -38.71 -15.42 -16.83
N SER A 265 -37.45 -15.38 -16.42
CA SER A 265 -36.44 -14.51 -17.00
C SER A 265 -35.32 -15.40 -17.52
N ILE A 266 -34.85 -15.10 -18.72
CA ILE A 266 -33.80 -15.89 -19.35
C ILE A 266 -32.68 -14.96 -19.77
N LYS A 267 -31.48 -15.52 -19.90
CA LYS A 267 -30.33 -14.81 -20.44
C LYS A 267 -29.94 -15.46 -21.75
N LEU A 268 -29.87 -14.67 -22.81
CA LEU A 268 -29.51 -15.22 -24.10
C LEU A 268 -28.13 -15.86 -24.08
N SER A 269 -27.21 -15.33 -23.27
CA SER A 269 -25.89 -15.92 -23.20
C SER A 269 -25.91 -17.32 -22.62
N ALA A 270 -26.98 -17.69 -21.89
CA ALA A 270 -27.08 -19.05 -21.40
C ALA A 270 -27.43 -20.02 -22.52
N LEU A 271 -27.97 -19.54 -23.63
CA LEU A 271 -28.59 -20.42 -24.62
C LEU A 271 -27.71 -20.66 -25.83
N HIS A 272 -26.54 -20.04 -25.90
CA HIS A 272 -25.66 -20.35 -27.00
C HIS A 272 -24.26 -20.02 -26.53
N PRO A 273 -23.27 -20.86 -26.82
CA PRO A 273 -21.91 -20.57 -26.35
C PRO A 273 -21.20 -19.51 -27.15
N ARG A 274 -21.74 -19.05 -28.26
CA ARG A 274 -21.12 -18.01 -29.07
C ARG A 274 -22.11 -16.88 -29.32
N TYR A 275 -22.68 -16.38 -28.24
CA TYR A 275 -23.65 -15.30 -28.34
C TYR A 275 -22.87 -13.99 -28.45
N SER A 276 -22.65 -13.55 -29.69
CA SER A 276 -21.90 -12.32 -29.91
C SER A 276 -22.21 -11.84 -31.31
N ARG A 277 -21.99 -10.53 -31.52
CA ARG A 277 -22.17 -9.96 -32.85
C ARG A 277 -21.28 -10.65 -33.89
N ALA A 278 -20.06 -11.04 -33.50
CA ALA A 278 -19.18 -11.70 -34.46
C ALA A 278 -19.79 -12.99 -34.97
N GLN A 279 -20.63 -13.63 -34.17
CA GLN A 279 -21.28 -14.88 -34.52
C GLN A 279 -22.76 -14.69 -34.78
N ALA A 280 -23.13 -13.51 -35.31
CA ALA A 280 -24.53 -13.17 -35.48
C ALA A 280 -25.29 -14.21 -36.28
N ALA A 281 -24.68 -14.73 -37.35
CA ALA A 281 -25.35 -15.73 -38.17
C ALA A 281 -25.68 -16.98 -37.36
N ARG A 282 -24.74 -17.44 -36.53
CA ARG A 282 -25.04 -18.59 -35.69
C ARG A 282 -26.09 -18.23 -34.66
N VAL A 283 -26.06 -17.01 -34.15
CA VAL A 283 -27.04 -16.59 -33.18
C VAL A 283 -28.45 -16.63 -33.78
N MET A 284 -28.61 -16.06 -34.97
CA MET A 284 -29.93 -16.07 -35.59
C MET A 284 -30.34 -17.46 -36.03
N GLY A 285 -29.38 -18.31 -36.40
CA GLY A 285 -29.73 -19.61 -36.92
C GLY A 285 -29.94 -20.63 -35.84
N GLU A 286 -29.26 -20.47 -34.71
CA GLU A 286 -29.23 -21.48 -33.67
C GLU A 286 -29.80 -21.02 -32.35
N LEU A 287 -29.52 -19.80 -31.93
CA LEU A 287 -30.08 -19.32 -30.67
CA LEU A 287 -30.07 -19.31 -30.68
C LEU A 287 -31.54 -18.93 -30.82
N LEU A 288 -31.85 -18.16 -31.86
CA LEU A 288 -33.23 -17.71 -32.07
C LEU A 288 -34.25 -18.83 -32.03
N PRO A 289 -34.09 -19.95 -32.73
CA PRO A 289 -35.09 -21.02 -32.60
C PRO A 289 -35.25 -21.54 -31.20
N ARG A 290 -34.19 -21.53 -30.39
CA ARG A 290 -34.32 -21.97 -29.02
C ARG A 290 -35.18 -21.00 -28.21
N VAL A 291 -34.95 -19.71 -28.36
CA VAL A 291 -35.80 -18.74 -27.68
C VAL A 291 -37.23 -18.88 -28.16
N LYS A 292 -37.41 -19.07 -29.46
CA LYS A 292 -38.75 -19.22 -29.99
C LYS A 292 -39.45 -20.41 -29.36
N ALA A 293 -38.74 -21.54 -29.22
CA ALA A 293 -39.37 -22.71 -28.61
C ALA A 293 -39.76 -22.44 -27.16
N LEU A 294 -38.91 -21.76 -26.41
CA LEU A 294 -39.27 -21.41 -25.04
C LEU A 294 -40.44 -20.45 -25.02
N ALA A 295 -40.43 -19.47 -25.93
CA ALA A 295 -41.52 -18.50 -25.97
C ALA A 295 -42.83 -19.15 -26.36
N LEU A 296 -42.79 -20.13 -27.27
CA LEU A 296 -44.00 -20.86 -27.62
C LEU A 296 -44.59 -21.57 -26.41
N LEU A 297 -43.73 -22.12 -25.55
CA LEU A 297 -44.24 -22.76 -24.34
C LEU A 297 -44.78 -21.72 -23.37
N ALA A 298 -44.08 -20.59 -23.22
CA ALA A 298 -44.60 -19.54 -22.36
C ALA A 298 -45.94 -19.03 -22.86
N LYS A 299 -46.08 -18.90 -24.18
CA LYS A 299 -47.36 -18.53 -24.79
C LYS A 299 -48.46 -19.53 -24.41
N ASN A 300 -48.16 -20.83 -24.46
CA ASN A 300 -49.22 -21.79 -24.20
C ASN A 300 -49.70 -21.71 -22.76
N TYR A 301 -48.80 -21.46 -21.82
CA TYR A 301 -49.21 -21.28 -20.43
C TYR A 301 -49.62 -19.86 -20.12
N ASP A 302 -49.43 -18.93 -21.06
CA ASP A 302 -49.71 -17.51 -20.86
C ASP A 302 -48.97 -16.94 -19.65
N ILE A 303 -47.65 -17.11 -19.66
CA ILE A 303 -46.78 -16.54 -18.65
C ILE A 303 -45.80 -15.58 -19.31
N GLY A 304 -45.21 -14.70 -18.50
CA GLY A 304 -44.20 -13.80 -19.02
C GLY A 304 -42.90 -14.54 -19.28
N LEU A 305 -42.21 -14.13 -20.34
CA LEU A 305 -40.87 -14.61 -20.63
C LEU A 305 -40.04 -13.37 -20.93
N ASN A 306 -39.12 -13.05 -20.03
CA ASN A 306 -38.34 -11.83 -20.11
C ASN A 306 -36.92 -12.16 -20.55
N ILE A 307 -36.41 -11.38 -21.50
CA ILE A 307 -35.02 -11.48 -21.91
C ILE A 307 -34.21 -10.48 -21.07
N ASP A 308 -33.36 -11.00 -20.17
CA ASP A 308 -32.52 -10.15 -19.35
C ASP A 308 -31.49 -9.45 -20.22
N ALA A 309 -31.04 -8.29 -19.77
CA ALA A 309 -30.02 -7.53 -20.49
C ALA A 309 -28.65 -7.81 -19.92
N GLU A 310 -27.68 -7.97 -20.81
CA GLU A 310 -26.34 -8.34 -20.39
C GLU A 310 -25.34 -7.27 -20.80
N GLU A 311 -24.20 -7.67 -21.34
CA GLU A 311 -23.17 -6.69 -21.64
C GLU A 311 -23.59 -5.76 -22.77
N ALA A 312 -22.95 -4.60 -22.81
CA ALA A 312 -23.34 -3.58 -23.78
C ALA A 312 -23.16 -4.06 -25.21
N ASP A 313 -22.17 -4.91 -25.48
CA ASP A 313 -21.93 -5.36 -26.84
C ASP A 313 -22.92 -6.43 -27.29
N ARG A 314 -23.88 -6.77 -26.44
CA ARG A 314 -24.93 -7.71 -26.81
C ARG A 314 -26.27 -7.02 -26.97
N LEU A 315 -26.38 -5.75 -26.61
CA LEU A 315 -27.66 -5.05 -26.66
C LEU A 315 -28.25 -5.11 -28.06
N GLU A 316 -27.55 -4.57 -29.04
CA GLU A 316 -28.17 -4.45 -30.35
C GLU A 316 -28.42 -5.81 -30.99
N LEU A 317 -27.53 -6.78 -30.75
CA LEU A 317 -27.77 -8.13 -31.24
C LEU A 317 -29.07 -8.69 -30.66
N SER A 318 -29.31 -8.46 -29.37
CA SER A 318 -30.53 -8.98 -28.76
C SER A 318 -31.77 -8.35 -29.40
N LEU A 319 -31.65 -7.12 -29.90
CA LEU A 319 -32.78 -6.48 -30.57
C LEU A 319 -33.16 -7.22 -31.84
N ASP A 320 -32.20 -7.82 -32.52
CA ASP A 320 -32.52 -8.57 -33.72
C ASP A 320 -33.34 -9.81 -33.36
N LEU A 321 -33.05 -10.41 -32.22
CA LEU A 321 -33.86 -11.54 -31.80
C LEU A 321 -35.23 -11.07 -31.37
N LEU A 322 -35.28 -9.99 -30.60
CA LEU A 322 -36.57 -9.47 -30.16
C LEU A 322 -37.44 -9.14 -31.36
N GLU A 323 -36.86 -8.53 -32.40
CA GLU A 323 -37.62 -8.17 -33.58
C GLU A 323 -38.22 -9.40 -34.24
N VAL A 324 -37.39 -10.42 -34.48
CA VAL A 324 -37.88 -11.62 -35.14
C VAL A 324 -38.98 -12.27 -34.32
N LEU A 325 -38.78 -12.37 -33.01
CA LEU A 325 -39.78 -13.04 -32.17
C LEU A 325 -41.09 -12.28 -32.18
N CYS A 326 -41.03 -10.96 -32.09
CA CYS A 326 -42.26 -10.19 -32.04
C CYS A 326 -42.99 -10.18 -33.37
N LEU A 327 -42.29 -10.41 -34.49
CA LEU A 327 -42.91 -10.48 -35.79
C LEU A 327 -43.31 -11.90 -36.18
N ASP A 328 -42.98 -12.89 -35.37
CA ASP A 328 -43.26 -14.28 -35.71
C ASP A 328 -44.70 -14.60 -35.38
N GLY A 329 -45.49 -14.90 -36.41
CA GLY A 329 -46.91 -15.17 -36.21
C GLY A 329 -47.19 -16.34 -35.31
N ASP A 330 -46.26 -17.29 -35.17
CA ASP A 330 -46.50 -18.42 -34.29
C ASP A 330 -46.63 -17.99 -32.83
N LEU A 331 -46.10 -16.83 -32.47
CA LEU A 331 -46.19 -16.33 -31.11
C LEU A 331 -47.31 -15.33 -30.93
N SER A 332 -48.13 -15.14 -31.95
CA SER A 332 -49.18 -14.14 -31.86
C SER A 332 -50.22 -14.54 -30.83
N GLY A 333 -50.87 -13.55 -30.24
CA GLY A 333 -51.88 -13.80 -29.23
C GLY A 333 -51.36 -13.80 -27.82
N TRP A 334 -50.06 -13.68 -27.64
CA TRP A 334 -49.43 -13.71 -26.33
C TRP A 334 -48.65 -12.43 -26.16
N ASN A 335 -48.86 -11.75 -25.03
CA ASN A 335 -48.21 -10.49 -24.72
C ASN A 335 -47.14 -10.66 -23.64
N GLY A 336 -46.71 -11.88 -23.40
CA GLY A 336 -45.77 -12.13 -22.32
C GLY A 336 -44.32 -11.93 -22.64
N MET A 337 -43.96 -11.67 -23.90
CA MET A 337 -42.56 -11.43 -24.21
CA MET A 337 -42.56 -11.43 -24.21
C MET A 337 -42.08 -10.16 -23.54
N GLY A 338 -40.97 -10.27 -22.80
CA GLY A 338 -40.40 -9.16 -22.06
C GLY A 338 -38.96 -8.91 -22.43
N PHE A 339 -38.49 -7.70 -22.20
CA PHE A 339 -37.16 -7.31 -22.61
C PHE A 339 -36.66 -6.23 -21.66
N VAL A 340 -35.44 -6.40 -21.18
CA VAL A 340 -34.85 -5.45 -20.25
C VAL A 340 -34.07 -4.39 -21.02
N VAL A 341 -34.17 -3.14 -20.57
CA VAL A 341 -33.30 -2.07 -21.04
CA VAL A 341 -33.31 -2.07 -21.04
C VAL A 341 -32.60 -1.44 -19.85
N GLN A 342 -31.32 -1.13 -20.03
CA GLN A 342 -30.47 -0.67 -18.94
C GLN A 342 -30.30 0.83 -19.03
N ALA A 343 -30.81 1.54 -18.03
CA ALA A 343 -30.78 2.99 -18.03
C ALA A 343 -29.38 3.54 -17.85
N TYR A 344 -28.42 2.74 -17.36
CA TYR A 344 -27.06 3.24 -17.33
C TYR A 344 -26.45 3.32 -18.71
N GLY A 345 -27.14 2.80 -19.73
CA GLY A 345 -26.60 2.78 -21.07
C GLY A 345 -27.03 3.99 -21.87
N LYS A 346 -26.10 4.53 -22.65
CA LYS A 346 -26.34 5.75 -23.40
C LYS A 346 -27.39 5.55 -24.48
N ARG A 347 -27.61 4.32 -24.92
CA ARG A 347 -28.58 4.05 -25.96
C ARG A 347 -29.99 3.86 -25.44
N CYS A 348 -30.17 3.81 -24.12
CA CYS A 348 -31.44 3.42 -23.52
C CYS A 348 -32.67 4.11 -24.11
N PRO A 349 -32.74 5.44 -24.18
CA PRO A 349 -33.96 6.04 -24.74
C PRO A 349 -34.19 5.67 -26.18
N PHE A 350 -33.12 5.48 -26.96
CA PHE A 350 -33.28 5.13 -28.37
C PHE A 350 -33.67 3.67 -28.52
N VAL A 351 -33.18 2.82 -27.62
CA VAL A 351 -33.67 1.44 -27.57
C VAL A 351 -35.14 1.42 -27.26
N LEU A 352 -35.57 2.23 -26.29
CA LEU A 352 -36.99 2.29 -25.95
C LEU A 352 -37.83 2.77 -27.13
N ASP A 353 -37.34 3.79 -27.87
CA ASP A 353 -38.08 4.20 -29.07
C ASP A 353 -38.23 3.04 -30.04
N PHE A 354 -37.16 2.27 -30.23
CA PHE A 354 -37.22 1.13 -31.12
C PHE A 354 -38.21 0.09 -30.62
N ILE A 355 -38.16 -0.22 -29.32
CA ILE A 355 -39.05 -1.24 -28.78
C ILE A 355 -40.51 -0.79 -28.85
N ILE A 356 -40.77 0.46 -28.49
CA ILE A 356 -42.14 0.96 -28.54
C ILE A 356 -42.67 0.89 -29.96
N ASP A 357 -41.83 1.24 -30.93
CA ASP A 357 -42.25 1.14 -32.32
C ASP A 357 -42.45 -0.32 -32.72
N LEU A 358 -41.59 -1.22 -32.25
CA LEU A 358 -41.76 -2.64 -32.56
C LEU A 358 -43.05 -3.16 -31.96
N ALA A 359 -43.39 -2.71 -30.74
CA ALA A 359 -44.65 -3.10 -30.13
C ALA A 359 -45.82 -2.63 -30.98
N ARG A 360 -45.72 -1.41 -31.50
CA ARG A 360 -46.78 -0.89 -32.37
C ARG A 360 -46.88 -1.71 -33.65
N ARG A 361 -45.75 -1.98 -34.29
CA ARG A 361 -45.78 -2.72 -35.56
C ARG A 361 -46.28 -4.14 -35.36
N SER A 362 -45.82 -4.81 -34.31
CA SER A 362 -46.17 -6.19 -34.09
C SER A 362 -47.52 -6.36 -33.42
N GLY A 363 -48.03 -5.30 -32.80
CA GLY A 363 -49.22 -5.42 -32.00
C GLY A 363 -49.04 -6.19 -30.71
N ARG A 364 -47.80 -6.44 -30.30
CA ARG A 364 -47.49 -7.14 -29.06
C ARG A 364 -47.21 -6.09 -27.99
N ARG A 365 -47.83 -6.24 -26.83
CA ARG A 365 -47.60 -5.30 -25.74
C ARG A 365 -46.35 -5.77 -25.01
N ILE A 366 -45.20 -5.32 -25.50
CA ILE A 366 -43.93 -5.83 -24.99
C ILE A 366 -43.78 -5.43 -23.53
N MET A 367 -43.42 -6.38 -22.69
CA MET A 367 -43.11 -6.08 -21.30
C MET A 367 -41.69 -5.54 -21.26
N VAL A 368 -41.53 -4.32 -20.77
CA VAL A 368 -40.23 -3.68 -20.79
C VAL A 368 -39.79 -3.47 -19.37
N ARG A 369 -38.75 -4.18 -18.96
CA ARG A 369 -38.19 -3.99 -17.63
C ARG A 369 -37.10 -2.94 -17.71
N LEU A 370 -37.31 -1.83 -17.03
CA LEU A 370 -36.30 -0.79 -16.97
C LEU A 370 -35.46 -1.05 -15.73
N VAL A 371 -34.16 -1.23 -15.93
CA VAL A 371 -33.21 -1.42 -14.85
C VAL A 371 -32.15 -0.35 -15.01
N LYS A 372 -31.33 -0.18 -13.97
CA LYS A 372 -30.18 0.69 -14.15
C LYS A 372 -29.05 -0.03 -14.88
N GLY A 373 -28.61 -1.18 -14.40
CA GLY A 373 -27.66 -1.99 -15.14
C GLY A 373 -26.66 -2.65 -14.23
N ALA A 374 -26.30 -3.90 -14.50
CA ALA A 374 -25.56 -4.70 -13.53
C ALA A 374 -24.09 -4.88 -13.86
N TYR A 375 -23.60 -4.35 -14.97
CA TYR A 375 -22.26 -4.67 -15.46
C TYR A 375 -21.36 -3.44 -15.50
N TRP A 376 -21.62 -2.47 -14.63
CA TRP A 376 -20.98 -1.16 -14.78
C TRP A 376 -19.46 -1.26 -14.76
N ASP A 377 -18.88 -1.86 -13.71
CA ASP A 377 -17.42 -1.97 -13.60
CA ASP A 377 -17.43 -1.88 -13.66
C ASP A 377 -16.84 -2.66 -14.82
N ALA A 378 -17.51 -3.71 -15.29
CA ALA A 378 -16.99 -4.47 -16.41
C ALA A 378 -17.03 -3.65 -17.69
N GLU A 379 -18.05 -2.81 -17.84
CA GLU A 379 -18.11 -1.97 -19.03
C GLU A 379 -17.00 -0.94 -19.05
N ILE A 380 -16.66 -0.38 -17.87
CA ILE A 380 -15.58 0.58 -17.82
C ILE A 380 -14.28 -0.10 -18.22
N LYS A 381 -14.00 -1.26 -17.63
CA LYS A 381 -12.78 -1.97 -17.94
C LYS A 381 -12.70 -2.34 -19.41
N ARG A 382 -13.79 -2.86 -19.96
CA ARG A 382 -13.77 -3.33 -21.34
C ARG A 382 -13.48 -2.19 -22.29
N ALA A 383 -14.12 -1.04 -22.10
CA ALA A 383 -13.89 0.08 -23.00
C ALA A 383 -12.44 0.56 -22.92
N GLN A 384 -11.87 0.56 -21.71
CA GLN A 384 -10.48 0.95 -21.56
C GLN A 384 -9.56 -0.05 -22.25
N LEU A 385 -9.78 -1.35 -22.03
CA LEU A 385 -8.95 -2.36 -22.66
C LEU A 385 -9.01 -2.25 -24.17
N ASP A 386 -10.18 -1.96 -24.72
CA ASP A 386 -10.36 -1.97 -26.16
C ASP A 386 -10.00 -0.63 -26.79
N GLY A 387 -9.61 0.35 -25.99
CA GLY A 387 -9.19 1.65 -26.52
C GLY A 387 -10.27 2.35 -27.30
N LEU A 388 -11.51 2.29 -26.81
CA LEU A 388 -12.61 2.83 -27.58
C LEU A 388 -12.85 4.30 -27.24
N ALA A 389 -13.70 4.93 -28.05
CA ALA A 389 -13.81 6.39 -27.96
C ALA A 389 -14.36 6.84 -26.64
N ASP A 390 -15.25 6.06 -26.05
CA ASP A 390 -15.94 6.47 -24.82
C ASP A 390 -16.61 5.23 -24.26
N PHE A 391 -17.28 5.39 -23.18
CA PHE A 391 -17.96 4.28 -22.55
C PHE A 391 -19.38 4.16 -23.09
N PRO A 392 -19.93 2.95 -23.09
CA PRO A 392 -21.33 2.75 -23.49
C PRO A 392 -22.31 2.94 -22.34
N VAL A 393 -21.78 3.34 -21.18
CA VAL A 393 -22.56 3.57 -19.99
C VAL A 393 -22.13 4.91 -19.42
N PHE A 394 -23.00 5.47 -18.59
CA PHE A 394 -22.62 6.66 -17.86
C PHE A 394 -21.54 6.34 -16.85
N THR A 395 -20.85 7.37 -16.40
CA THR A 395 -19.77 7.22 -15.44
C THR A 395 -20.04 7.89 -14.12
N ARG A 396 -21.11 8.65 -14.01
CA ARG A 396 -21.58 9.16 -12.72
C ARG A 396 -22.91 8.50 -12.41
N LYS A 397 -23.02 7.98 -11.19
CA LYS A 397 -24.23 7.26 -10.81
C LYS A 397 -25.48 8.13 -10.97
N ILE A 398 -25.35 9.42 -10.68
CA ILE A 398 -26.51 10.31 -10.77
C ILE A 398 -26.99 10.43 -12.21
N HIS A 399 -26.09 10.24 -13.18
CA HIS A 399 -26.50 10.24 -14.58
C HIS A 399 -27.40 9.07 -14.89
N THR A 400 -27.04 7.89 -14.39
CA THR A 400 -27.90 6.73 -14.55
C THR A 400 -29.26 6.98 -13.92
N ASP A 401 -29.29 7.63 -12.75
CA ASP A 401 -30.57 7.91 -12.11
C ASP A 401 -31.43 8.83 -12.96
N VAL A 402 -30.83 9.87 -13.54
CA VAL A 402 -31.60 10.76 -14.41
C VAL A 402 -32.07 10.02 -15.65
N SER A 403 -31.17 9.22 -16.24
CA SER A 403 -31.53 8.42 -17.40
C SER A 403 -32.72 7.52 -17.07
N TYR A 404 -32.67 6.87 -15.91
CA TYR A 404 -33.77 6.00 -15.51
C TYR A 404 -35.09 6.76 -15.47
N ILE A 405 -35.08 7.93 -14.85
CA ILE A 405 -36.33 8.67 -14.69
C ILE A 405 -36.82 9.19 -16.04
N ALA A 406 -35.90 9.63 -16.90
CA ALA A 406 -36.28 10.07 -18.23
C ALA A 406 -36.87 8.93 -19.05
N CYS A 407 -36.27 7.74 -18.94
CA CYS A 407 -36.78 6.59 -19.68
C CYS A 407 -38.11 6.13 -19.11
N ALA A 408 -38.31 6.28 -17.80
CA ALA A 408 -39.61 5.98 -17.21
C ALA A 408 -40.69 6.90 -17.76
N ALA A 409 -40.37 8.17 -17.96
CA ALA A 409 -41.33 9.09 -18.55
C ALA A 409 -41.73 8.65 -19.96
N LYS A 410 -40.76 8.17 -20.73
CA LYS A 410 -41.04 7.68 -22.07
C LYS A 410 -41.93 6.44 -22.02
N LEU A 411 -41.61 5.51 -21.12
CA LEU A 411 -42.41 4.30 -20.99
C LEU A 411 -43.82 4.61 -20.50
N LEU A 412 -43.96 5.53 -19.55
CA LEU A 412 -45.27 5.84 -19.00
C LEU A 412 -46.15 6.53 -20.00
N ALA A 413 -45.58 7.11 -21.05
CA ALA A 413 -46.39 7.69 -22.12
C ALA A 413 -46.86 6.66 -23.13
N ALA A 414 -46.41 5.41 -23.00
CA ALA A 414 -46.68 4.38 -24.00
C ALA A 414 -47.27 3.13 -23.37
N THR A 415 -47.97 3.29 -22.23
CA THR A 415 -48.55 2.12 -21.56
C THR A 415 -49.61 1.43 -22.39
N ASP A 416 -50.15 2.07 -23.42
CA ASP A 416 -51.09 1.37 -24.27
C ASP A 416 -50.39 0.31 -25.12
N VAL A 417 -49.10 0.48 -25.41
CA VAL A 417 -48.43 -0.43 -26.31
C VAL A 417 -47.30 -1.22 -25.66
N VAL A 418 -46.78 -0.80 -24.50
CA VAL A 418 -45.83 -1.60 -23.75
C VAL A 418 -46.30 -1.65 -22.30
N PHE A 419 -45.76 -2.63 -21.57
CA PHE A 419 -46.04 -2.77 -20.15
C PHE A 419 -44.75 -2.42 -19.41
N PRO A 420 -44.63 -1.23 -18.84
CA PRO A 420 -43.39 -0.88 -18.14
C PRO A 420 -43.28 -1.60 -16.81
N GLN A 421 -42.06 -2.03 -16.52
CA GLN A 421 -41.76 -2.74 -15.29
C GLN A 421 -40.55 -2.05 -14.69
N PHE A 422 -40.74 -1.34 -13.60
CA PHE A 422 -39.70 -0.47 -13.05
C PHE A 422 -38.96 -1.22 -11.96
N ALA A 423 -37.82 -1.79 -12.33
CA ALA A 423 -37.02 -2.59 -11.41
C ALA A 423 -36.06 -1.67 -10.69
N THR A 424 -36.26 -1.49 -9.39
CA THR A 424 -35.32 -0.66 -8.62
C THR A 424 -35.56 -0.90 -7.14
N HIS A 425 -34.47 -0.77 -6.38
CA HIS A 425 -34.56 -0.79 -4.92
C HIS A 425 -34.40 0.59 -4.34
N ASN A 426 -34.30 1.60 -5.18
CA ASN A 426 -34.01 2.96 -4.73
C ASN A 426 -35.34 3.66 -4.47
N ALA A 427 -35.59 4.00 -3.19
CA ALA A 427 -36.86 4.58 -2.82
C ALA A 427 -37.09 5.95 -3.46
N GLN A 428 -36.03 6.68 -3.75
CA GLN A 428 -36.19 7.96 -4.45
C GLN A 428 -36.64 7.73 -5.88
N THR A 429 -35.98 6.79 -6.58
CA THR A 429 -36.39 6.46 -7.93
C THR A 429 -37.83 5.98 -7.96
N LEU A 430 -38.18 5.09 -7.04
CA LEU A 430 -39.53 4.56 -6.96
C LEU A 430 -40.55 5.67 -6.78
N ALA A 431 -40.31 6.53 -5.79
CA ALA A 431 -41.26 7.59 -5.50
C ALA A 431 -41.44 8.53 -6.68
N ALA A 432 -40.34 8.86 -7.36
CA ALA A 432 -40.42 9.74 -8.53
C ALA A 432 -41.33 9.14 -9.59
N ILE A 433 -41.25 7.84 -9.80
CA ILE A 433 -42.04 7.19 -10.84
C ILE A 433 -43.47 6.98 -10.38
N TYR A 434 -43.65 6.63 -9.11
CA TYR A 434 -45.00 6.49 -8.56
C TYR A 434 -45.81 7.75 -8.77
N HIS A 435 -45.21 8.91 -8.50
CA HIS A 435 -45.92 10.17 -8.72
C HIS A 435 -45.99 10.54 -10.19
N MET A 436 -44.96 10.22 -10.97
CA MET A 436 -45.00 10.48 -12.40
C MET A 436 -46.14 9.72 -13.07
N ALA A 437 -46.41 8.51 -12.61
CA ALA A 437 -47.43 7.69 -13.23
C ALA A 437 -48.84 8.17 -12.89
N GLY A 438 -49.01 8.85 -11.77
CA GLY A 438 -50.29 9.45 -11.43
C GLY A 438 -51.22 8.52 -10.71
N LYS A 439 -52.42 9.05 -10.43
CA LYS A 439 -53.39 8.37 -9.58
C LYS A 439 -54.19 7.31 -10.32
N ASP A 440 -54.32 7.41 -11.64
CA ASP A 440 -55.05 6.41 -12.40
C ASP A 440 -54.19 5.16 -12.53
N PHE A 441 -54.64 4.06 -11.93
CA PHE A 441 -53.89 2.82 -12.02
C PHE A 441 -54.84 1.64 -12.15
N HIS A 442 -54.39 0.64 -12.92
CA HIS A 442 -55.04 -0.64 -12.98
C HIS A 442 -53.96 -1.70 -13.16
N VAL A 443 -54.19 -2.90 -12.62
CA VAL A 443 -53.22 -3.96 -12.81
C VAL A 443 -53.10 -4.24 -14.30
N GLY A 444 -51.85 -4.30 -14.77
CA GLY A 444 -51.56 -4.35 -16.18
C GLY A 444 -51.07 -3.03 -16.77
N LYS A 445 -51.25 -1.91 -16.07
CA LYS A 445 -50.76 -0.66 -16.63
C LYS A 445 -49.24 -0.59 -16.57
N TYR A 446 -48.69 -0.79 -15.38
CA TYR A 446 -47.25 -0.91 -15.16
CA TYR A 446 -47.25 -0.94 -15.18
C TYR A 446 -47.06 -1.65 -13.86
N GLU A 447 -45.82 -2.01 -13.56
CA GLU A 447 -45.55 -2.60 -12.26
C GLU A 447 -44.16 -2.15 -11.84
N PHE A 448 -43.87 -2.35 -10.56
CA PHE A 448 -42.50 -2.28 -10.08
C PHE A 448 -41.91 -3.69 -10.03
N GLN A 449 -40.59 -3.76 -9.89
CA GLN A 449 -39.94 -5.04 -9.70
C GLN A 449 -38.80 -4.88 -8.69
N CYS A 450 -38.50 -5.97 -8.02
CA CYS A 450 -37.40 -5.96 -7.07
C CYS A 450 -36.79 -7.35 -7.04
N LEU A 451 -35.66 -7.44 -6.35
CA LEU A 451 -34.96 -8.71 -6.23
C LEU A 451 -35.37 -9.41 -4.95
N HIS A 452 -35.57 -10.72 -5.06
CA HIS A 452 -35.85 -11.54 -3.89
C HIS A 452 -34.80 -11.33 -2.80
N GLY A 453 -35.27 -11.30 -1.55
CA GLY A 453 -34.35 -11.21 -0.43
C GLY A 453 -33.58 -9.91 -0.36
N MET A 454 -34.03 -8.89 -1.07
CA MET A 454 -33.37 -7.60 -1.07
C MET A 454 -34.42 -6.51 -1.11
N GLY A 455 -35.40 -6.65 -1.99
CA GLY A 455 -36.36 -5.58 -2.20
C GLY A 455 -37.65 -5.68 -1.42
N GLU A 456 -37.91 -6.81 -0.77
CA GLU A 456 -39.17 -6.96 -0.05
C GLU A 456 -39.37 -5.92 1.05
N PRO A 457 -38.37 -5.55 1.86
CA PRO A 457 -38.63 -4.51 2.87
C PRO A 457 -39.14 -3.20 2.27
N LEU A 458 -38.59 -2.78 1.13
CA LEU A 458 -39.10 -1.58 0.48
C LEU A 458 -40.49 -1.83 -0.09
N TYR A 459 -40.67 -2.93 -0.82
CA TYR A 459 -41.93 -3.09 -1.53
C TYR A 459 -43.07 -3.56 -0.64
N GLU A 460 -42.78 -4.04 0.56
CA GLU A 460 -43.86 -4.22 1.51
C GLU A 460 -44.44 -2.89 1.99
N GLU A 461 -43.76 -1.79 1.72
CA GLU A 461 -44.30 -0.45 1.92
C GLU A 461 -44.99 0.09 0.68
N VAL A 462 -45.11 -0.72 -0.37
CA VAL A 462 -45.63 -0.29 -1.67
C VAL A 462 -46.86 -1.10 -2.06
N VAL A 463 -46.73 -2.44 -2.03
CA VAL A 463 -47.81 -3.31 -2.48
C VAL A 463 -48.96 -3.27 -1.48
N GLY A 464 -50.18 -3.33 -2.00
CA GLY A 464 -51.33 -3.47 -1.13
C GLY A 464 -52.07 -2.17 -0.96
N ARG A 465 -53.39 -2.28 -0.74
CA ARG A 465 -54.25 -1.12 -0.64
C ARG A 465 -53.89 -0.22 0.54
N GLY A 466 -53.31 -0.80 1.59
CA GLY A 466 -52.87 -0.01 2.72
C GLY A 466 -51.55 0.68 2.54
N LYS A 467 -50.91 0.54 1.37
CA LYS A 467 -49.62 1.17 1.10
C LYS A 467 -49.81 2.09 -0.10
N LEU A 468 -49.03 1.90 -1.17
CA LEU A 468 -49.21 2.67 -2.39
C LEU A 468 -50.10 1.97 -3.40
N ASP A 469 -50.48 0.72 -3.13
CA ASP A 469 -51.38 -0.05 -3.99
C ASP A 469 -50.84 -0.16 -5.41
N ARG A 470 -49.55 -0.49 -5.51
CA ARG A 470 -48.91 -0.75 -6.78
C ARG A 470 -48.22 -2.10 -6.69
N PRO A 471 -48.32 -2.91 -7.74
CA PRO A 471 -47.79 -4.27 -7.68
C PRO A 471 -46.29 -4.27 -7.89
N CYS A 472 -45.67 -5.33 -7.41
CA CYS A 472 -44.25 -5.52 -7.56
C CYS A 472 -44.01 -6.96 -7.92
N ARG A 473 -43.17 -7.17 -8.94
CA ARG A 473 -42.77 -8.51 -9.34
C ARG A 473 -41.39 -8.79 -8.77
N ILE A 474 -41.27 -9.91 -8.08
CA ILE A 474 -40.02 -10.28 -7.43
C ILE A 474 -39.23 -11.15 -8.38
N TYR A 475 -38.01 -10.69 -8.69
CA TYR A 475 -37.08 -11.49 -9.48
C TYR A 475 -36.47 -12.52 -8.55
N ALA A 476 -36.72 -13.79 -8.85
CA ALA A 476 -36.49 -14.87 -7.90
C ALA A 476 -35.44 -15.82 -8.44
N PRO A 477 -34.19 -15.73 -7.95
CA PRO A 477 -33.17 -16.69 -8.38
C PRO A 477 -33.52 -18.06 -7.83
N VAL A 478 -33.25 -19.07 -8.64
CA VAL A 478 -33.56 -20.45 -8.31
C VAL A 478 -32.33 -21.27 -8.66
N GLY A 479 -31.78 -21.96 -7.67
CA GLY A 479 -30.65 -22.82 -7.98
C GLY A 479 -29.93 -23.26 -6.73
N THR A 480 -28.94 -24.13 -6.96
CA THR A 480 -28.18 -24.72 -5.88
C THR A 480 -27.11 -23.76 -5.38
N HIS A 481 -26.43 -24.18 -4.30
CA HIS A 481 -25.34 -23.38 -3.75
C HIS A 481 -24.24 -23.14 -4.78
N GLU A 482 -23.93 -24.17 -5.57
CA GLU A 482 -22.87 -24.04 -6.58
C GLU A 482 -23.22 -22.96 -7.59
N THR A 483 -24.44 -22.99 -8.13
CA THR A 483 -24.85 -22.01 -9.12
C THR A 483 -24.97 -20.62 -8.51
N LEU A 484 -25.46 -20.53 -7.27
CA LEU A 484 -25.68 -19.23 -6.63
C LEU A 484 -24.38 -18.45 -6.47
N LEU A 485 -23.35 -19.09 -5.90
CA LEU A 485 -22.10 -18.40 -5.61
C LEU A 485 -21.35 -18.01 -6.88
N ALA A 486 -21.74 -18.51 -8.04
CA ALA A 486 -20.98 -18.27 -9.27
C ALA A 486 -20.95 -16.80 -9.63
N TYR A 487 -22.07 -16.09 -9.46
CA TYR A 487 -22.15 -14.67 -9.79
C TYR A 487 -22.79 -13.86 -8.67
N LEU A 488 -22.63 -14.33 -7.42
CA LEU A 488 -23.18 -13.55 -6.31
C LEU A 488 -22.40 -12.26 -6.09
N VAL A 489 -21.12 -12.23 -6.47
CA VAL A 489 -20.32 -11.03 -6.30
C VAL A 489 -20.94 -9.86 -7.05
N ARG A 490 -21.17 -10.04 -8.36
CA ARG A 490 -21.82 -9.00 -9.15
C ARG A 490 -23.19 -8.65 -8.58
N ARG A 491 -23.92 -9.65 -8.10
CA ARG A 491 -25.27 -9.42 -7.59
C ARG A 491 -25.24 -8.57 -6.33
N LEU A 492 -24.26 -8.81 -5.45
CA LEU A 492 -24.15 -8.05 -4.21
C LEU A 492 -23.67 -6.62 -4.46
N LEU A 493 -22.78 -6.43 -5.45
CA LEU A 493 -22.29 -5.09 -5.74
C LEU A 493 -23.41 -4.17 -6.19
N GLU A 494 -24.48 -4.73 -6.75
CA GLU A 494 -25.59 -3.92 -7.25
C GLU A 494 -26.24 -3.11 -6.14
N GLY A 496 -24.54 -2.96 -3.07
CA GLY A 496 -23.56 -3.04 -2.00
C GLY A 496 -22.42 -2.04 -2.12
N ALA A 497 -22.27 -1.45 -3.30
CA ALA A 497 -21.25 -0.43 -3.54
C ALA A 497 -21.59 0.85 -2.76
N ASN A 498 -20.57 1.67 -2.53
CA ASN A 498 -20.77 2.88 -1.73
C ASN A 498 -21.85 3.79 -2.30
N SER A 499 -22.01 3.79 -3.63
CA SER A 499 -23.04 4.60 -4.26
C SER A 499 -24.41 3.95 -4.28
N SER A 500 -24.52 2.67 -3.93
CA SER A 500 -25.79 1.97 -4.03
C SER A 500 -26.76 2.43 -2.94
N PHE A 501 -28.04 2.57 -3.33
CA PHE A 501 -29.07 2.95 -2.38
C PHE A 501 -29.09 2.01 -1.18
N VAL A 502 -29.00 0.71 -1.43
CA VAL A 502 -29.15 -0.24 -0.34
C VAL A 502 -27.98 -0.14 0.64
N HIS A 503 -26.78 0.11 0.13
CA HIS A 503 -25.67 0.39 1.03
C HIS A 503 -25.92 1.69 1.79
N ARG A 504 -26.42 2.71 1.10
CA ARG A 504 -26.59 4.02 1.73
C ARG A 504 -27.72 4.01 2.76
N ILE A 505 -28.79 3.25 2.50
CA ILE A 505 -29.89 3.19 3.46
C ILE A 505 -29.39 2.64 4.79
N ASN A 506 -28.41 1.75 4.77
CA ASN A 506 -27.86 1.16 5.97
C ASN A 506 -26.70 1.96 6.55
N ASP A 507 -26.27 3.04 5.89
CA ASP A 507 -25.17 3.85 6.38
C ASP A 507 -25.73 4.91 7.33
N PRO A 508 -25.36 4.90 8.61
CA PRO A 508 -25.92 5.90 9.54
C PRO A 508 -25.51 7.32 9.20
N LYS A 509 -24.38 7.51 8.51
CA LYS A 509 -23.91 8.84 8.16
C LYS A 509 -24.70 9.46 7.01
N VAL A 510 -25.51 8.68 6.31
CA VAL A 510 -26.30 9.19 5.19
C VAL A 510 -27.68 9.57 5.70
N SER A 511 -28.03 10.84 5.56
CA SER A 511 -29.31 11.32 6.05
C SER A 511 -30.42 10.99 5.05
N ILE A 512 -31.66 11.08 5.53
CA ILE A 512 -32.80 10.86 4.64
C ILE A 512 -32.86 11.95 3.60
N ASP A 513 -32.55 13.19 3.98
CA ASP A 513 -32.48 14.28 3.01
C ASP A 513 -31.49 13.96 1.88
N GLU A 514 -30.35 13.36 2.23
CA GLU A 514 -29.40 12.94 1.20
C GLU A 514 -30.02 11.86 0.31
N LEU A 515 -30.75 10.91 0.91
CA LEU A 515 -31.32 9.83 0.13
C LEU A 515 -32.47 10.30 -0.76
N ILE A 516 -33.16 11.37 -0.39
CA ILE A 516 -34.32 11.80 -1.16
C ILE A 516 -33.95 12.93 -2.11
N ALA A 517 -32.65 13.22 -2.20
CA ALA A 517 -32.17 14.24 -3.14
C ALA A 517 -32.60 13.87 -4.55
N ASP A 518 -33.04 14.87 -5.30
CA ASP A 518 -33.61 14.64 -6.62
C ASP A 518 -32.48 14.66 -7.64
N PRO A 519 -32.14 13.52 -8.25
CA PRO A 519 -31.00 13.52 -9.19
C PRO A 519 -31.20 14.44 -10.39
N VAL A 520 -32.45 14.64 -10.82
CA VAL A 520 -32.71 15.51 -11.96
C VAL A 520 -32.28 16.94 -11.64
N GLU A 521 -32.73 17.46 -10.50
CA GLU A 521 -32.39 18.83 -10.13
C GLU A 521 -30.92 18.96 -9.74
N VAL A 522 -30.33 17.92 -9.15
CA VAL A 522 -28.91 17.97 -8.83
C VAL A 522 -28.09 18.01 -10.12
N VAL A 523 -28.45 17.21 -11.11
CA VAL A 523 -27.71 17.22 -12.37
C VAL A 523 -27.91 18.56 -13.08
N ARG A 524 -29.14 19.07 -13.12
CA ARG A 524 -29.41 20.31 -13.83
C ARG A 524 -28.59 21.46 -13.28
N ALA A 525 -28.27 21.43 -11.99
CA ALA A 525 -27.57 22.53 -11.34
C ALA A 525 -26.05 22.37 -11.34
N MET A 526 -25.53 21.33 -11.98
CA MET A 526 -24.08 21.16 -12.02
C MET A 526 -23.45 22.12 -13.03
N PRO A 527 -22.18 22.48 -12.84
CA PRO A 527 -21.55 23.46 -13.75
C PRO A 527 -21.51 22.99 -15.20
N VAL A 528 -21.04 21.78 -15.45
CA VAL A 528 -21.11 21.16 -16.76
C VAL A 528 -22.08 19.99 -16.63
N VAL A 529 -23.25 20.11 -17.26
CA VAL A 529 -24.24 19.04 -17.20
C VAL A 529 -23.69 17.81 -17.93
N GLY A 530 -23.64 16.69 -17.22
CA GLY A 530 -23.24 15.45 -17.85
C GLY A 530 -21.75 15.23 -17.97
N ALA A 531 -20.92 15.95 -17.22
CA ALA A 531 -19.49 15.72 -17.29
C ALA A 531 -19.13 14.31 -16.84
N LYS A 532 -18.14 13.71 -17.51
CA LYS A 532 -17.61 12.41 -17.12
C LYS A 532 -17.11 12.47 -15.68
N HIS A 533 -17.18 11.33 -15.00
CA HIS A 533 -16.60 11.22 -13.68
C HIS A 533 -15.13 11.61 -13.72
N ASP A 534 -14.72 12.45 -12.77
CA ASP A 534 -13.35 12.95 -12.75
C ASP A 534 -12.33 11.84 -12.55
N ARG A 535 -12.71 10.76 -11.88
CA ARG A 535 -11.76 9.71 -11.51
C ARG A 535 -11.79 8.52 -12.46
N ILE A 536 -12.44 8.63 -13.61
CA ILE A 536 -12.46 7.56 -14.59
C ILE A 536 -11.84 8.08 -15.88
N ALA A 537 -10.77 7.45 -16.32
CA ALA A 537 -10.09 7.87 -17.52
C ALA A 537 -10.82 7.35 -18.75
N LEU A 538 -11.02 8.22 -19.73
CA LEU A 538 -11.39 7.77 -21.06
C LEU A 538 -10.29 6.84 -21.55
N PRO A 539 -10.61 5.86 -22.39
CA PRO A 539 -9.57 4.93 -22.84
C PRO A 539 -8.35 5.62 -23.44
N ALA A 540 -8.55 6.69 -24.19
CA ALA A 540 -7.41 7.38 -24.80
C ALA A 540 -6.48 7.99 -23.78
N GLU A 541 -6.94 8.17 -22.54
CA GLU A 541 -6.22 8.93 -21.53
C GLU A 541 -5.68 8.05 -20.41
N LEU A 542 -5.60 6.74 -20.64
CA LEU A 542 -5.11 5.83 -19.61
C LEU A 542 -3.74 6.22 -19.10
N PHE A 543 -2.90 6.80 -19.95
CA PHE A 543 -1.54 7.13 -19.57
C PHE A 543 -1.36 8.59 -19.24
N GLY A 544 -2.45 9.35 -19.21
CA GLY A 544 -2.37 10.74 -18.80
C GLY A 544 -1.45 11.52 -19.71
N ASP A 545 -0.61 12.36 -19.11
CA ASP A 545 0.27 13.24 -19.86
C ASP A 545 1.42 12.52 -20.54
N ALA A 546 1.68 11.27 -20.17
CA ALA A 546 2.82 10.56 -20.74
C ALA A 546 2.66 10.37 -22.24
N ARG A 547 1.49 9.93 -22.67
CA ARG A 547 1.26 9.68 -24.08
C ARG A 547 -0.21 9.32 -24.27
N THR A 548 -0.63 9.35 -25.52
CA THR A 548 -2.00 9.04 -25.89
C THR A 548 -2.09 7.55 -26.18
N ASN A 549 -3.06 6.90 -25.54
CA ASN A 549 -3.29 5.48 -25.77
C ASN A 549 -3.73 5.29 -27.21
N SER A 550 -3.29 4.18 -27.82
CA SER A 550 -3.81 3.83 -29.13
C SER A 550 -5.31 3.59 -29.04
N ALA A 551 -6.00 3.81 -30.15
CA ALA A 551 -7.44 3.60 -30.22
C ALA A 551 -7.73 2.34 -31.01
N GLY A 552 -8.69 1.57 -30.53
CA GLY A 552 -9.18 0.42 -31.24
C GLY A 552 -10.44 0.74 -32.02
N LEU A 553 -11.17 -0.32 -32.34
CA LEU A 553 -12.40 -0.22 -33.12
C LEU A 553 -13.41 -1.14 -32.49
N ASP A 554 -14.66 -0.71 -32.48
CA ASP A 554 -15.71 -1.47 -31.81
C ASP A 554 -16.37 -2.36 -32.86
N LEU A 555 -16.02 -3.64 -32.83
CA LEU A 555 -16.56 -4.56 -33.82
C LEU A 555 -17.97 -5.01 -33.49
N SER A 556 -18.58 -4.43 -32.46
CA SER A 556 -20.02 -4.62 -32.22
C SER A 556 -20.84 -3.46 -32.73
N ASN A 557 -20.20 -2.42 -33.27
CA ASN A 557 -20.90 -1.22 -33.73
C ASN A 557 -21.16 -1.35 -35.22
N GLU A 558 -22.44 -1.30 -35.62
CA GLU A 558 -22.77 -1.53 -37.03
C GLU A 558 -22.19 -0.46 -37.93
N GLU A 559 -22.13 0.79 -37.46
CA GLU A 559 -21.50 1.83 -38.26
C GLU A 559 -20.03 1.50 -38.49
N THR A 560 -19.33 1.09 -37.44
CA THR A 560 -17.93 0.71 -37.58
C THR A 560 -17.77 -0.46 -38.51
N LEU A 561 -18.64 -1.47 -38.38
CA LEU A 561 -18.54 -2.63 -39.25
C LEU A 561 -18.80 -2.26 -40.70
N ALA A 562 -19.77 -1.37 -40.93
CA ALA A 562 -20.06 -0.97 -42.30
C ALA A 562 -18.90 -0.19 -42.90
N SER A 563 -18.36 0.76 -42.13
CA SER A 563 -17.23 1.54 -42.63
CA SER A 563 -17.24 1.54 -42.66
C SER A 563 -15.99 0.67 -42.80
N LEU A 564 -15.76 -0.24 -41.85
CA LEU A 564 -14.61 -1.13 -41.93
C LEU A 564 -14.73 -2.06 -43.12
N THR A 565 -15.95 -2.57 -43.38
CA THR A 565 -16.13 -3.44 -44.55
C THR A 565 -15.63 -2.75 -45.81
N GLU A 566 -16.01 -1.49 -45.99
CA GLU A 566 -15.61 -0.78 -47.20
C GLU A 566 -14.11 -0.54 -47.22
N ALA A 567 -13.54 -0.12 -46.08
CA ALA A 567 -12.10 0.12 -46.04
C ALA A 567 -11.32 -1.17 -46.27
N LEU A 568 -11.81 -2.27 -45.72
CA LEU A 568 -11.14 -3.56 -45.91
C LEU A 568 -11.21 -3.99 -47.36
N ARG A 569 -12.38 -3.90 -47.99
CA ARG A 569 -12.48 -4.20 -49.41
C ARG A 569 -11.56 -3.31 -50.21
N GLU A 570 -11.49 -2.03 -49.86
CA GLU A 570 -10.61 -1.12 -50.59
C GLU A 570 -9.15 -1.52 -50.44
N SER A 571 -8.79 -2.02 -49.26
CA SER A 571 -7.41 -2.44 -49.05
C SER A 571 -7.05 -3.65 -49.89
N ALA A 572 -8.02 -4.52 -50.18
CA ALA A 572 -7.74 -5.70 -50.97
C ALA A 572 -7.61 -5.39 -52.45
N ALA A 573 -8.02 -4.21 -52.88
CA ALA A 573 -7.86 -3.80 -54.26
C ALA A 573 -6.52 -3.12 -54.50
N MET A 574 -5.77 -2.84 -53.44
CA MET A 574 -4.52 -2.09 -53.56
C MET A 574 -3.39 -3.00 -54.01
N LYS A 575 -2.46 -2.44 -54.78
CA LYS A 575 -1.32 -3.18 -55.31
C LYS A 575 -0.13 -3.06 -54.35
N TRP A 576 -0.27 -3.76 -53.23
CA TRP A 576 0.75 -3.75 -52.19
C TRP A 576 2.04 -4.34 -52.71
N THR A 577 3.15 -3.65 -52.45
CA THR A 577 4.47 -4.16 -52.80
C THR A 577 5.44 -3.93 -51.66
N ALA A 578 6.50 -4.72 -51.68
CA ALA A 578 7.63 -4.55 -50.78
C ALA A 578 8.88 -4.67 -51.64
N LEU A 579 9.76 -3.69 -51.52
CA LEU A 579 10.94 -3.57 -52.36
C LEU A 579 12.12 -3.30 -51.45
N PRO A 580 13.33 -3.65 -51.87
CA PRO A 580 14.50 -3.19 -51.13
C PRO A 580 14.59 -1.68 -51.24
N GLN A 581 14.32 -0.99 -50.16
CA GLN A 581 14.32 0.47 -50.13
C GLN A 581 15.64 0.91 -49.52
N LEU A 582 16.65 1.01 -50.37
CA LEU A 582 17.96 1.48 -49.94
C LEU A 582 17.96 2.99 -49.80
N ALA A 583 19.01 3.51 -49.15
CA ALA A 583 19.11 4.95 -48.96
C ALA A 583 19.06 5.69 -50.29
N THR A 584 19.52 5.05 -51.36
CA THR A 584 19.64 5.65 -52.68
C THR A 584 18.41 5.40 -53.56
N GLY A 585 17.36 4.78 -53.02
CA GLY A 585 16.19 4.49 -53.78
C GLY A 585 15.90 3.00 -53.84
N PRO A 586 14.76 2.62 -54.42
CA PRO A 586 14.42 1.19 -54.51
C PRO A 586 15.43 0.46 -55.37
N ALA A 587 15.78 -0.75 -54.96
CA ALA A 587 16.71 -1.58 -55.70
C ALA A 587 15.97 -2.71 -56.40
N ALA A 588 16.57 -3.19 -57.50
CA ALA A 588 16.00 -4.32 -58.21
C ALA A 588 16.33 -5.62 -57.49
N GLY A 589 15.55 -6.64 -57.79
CA GLY A 589 15.80 -7.95 -57.18
C GLY A 589 14.80 -8.95 -57.67
N GLU A 590 14.88 -10.14 -57.08
CA GLU A 590 13.96 -11.22 -57.44
C GLU A 590 12.58 -10.93 -56.86
N THR A 591 11.56 -10.99 -57.71
CA THR A 591 10.21 -10.60 -57.35
C THR A 591 9.28 -11.80 -57.36
N ARG A 592 8.45 -11.92 -56.33
CA ARG A 592 7.47 -12.99 -56.26
C ARG A 592 6.20 -12.46 -55.61
N THR A 593 5.11 -13.20 -55.80
CA THR A 593 3.85 -12.81 -55.18
C THR A 593 3.83 -13.20 -53.71
N VAL A 594 3.01 -12.47 -52.95
CA VAL A 594 2.71 -12.78 -51.56
C VAL A 594 1.28 -13.29 -51.54
N LEU A 595 1.08 -14.51 -51.06
CA LEU A 595 -0.22 -15.16 -51.10
C LEU A 595 -0.87 -15.18 -49.72
N ASN A 596 -2.19 -15.09 -49.70
CA ASN A 596 -2.95 -15.16 -48.45
C ASN A 596 -2.79 -16.56 -47.87
N PRO A 597 -2.29 -16.72 -46.64
CA PRO A 597 -2.10 -18.08 -46.11
C PRO A 597 -3.41 -18.82 -45.94
N GLY A 598 -4.53 -18.11 -45.85
CA GLY A 598 -5.81 -18.77 -45.76
C GLY A 598 -6.43 -19.15 -47.06
N ASP A 599 -5.84 -18.73 -48.18
CA ASP A 599 -6.35 -19.02 -49.51
C ASP A 599 -5.30 -18.58 -50.51
N HIS A 600 -4.51 -19.53 -50.99
CA HIS A 600 -3.40 -19.18 -51.86
C HIS A 600 -3.84 -18.58 -53.20
N ARG A 601 -5.13 -18.68 -53.53
CA ARG A 601 -5.66 -18.04 -54.73
C ARG A 601 -5.74 -16.53 -54.57
N ASP A 602 -5.73 -16.03 -53.35
CA ASP A 602 -5.85 -14.60 -53.06
C ASP A 602 -4.44 -14.03 -53.04
N VAL A 603 -4.04 -13.36 -54.12
CA VAL A 603 -2.73 -12.73 -54.18
C VAL A 603 -2.81 -11.38 -53.49
N VAL A 604 -1.99 -11.20 -52.46
CA VAL A 604 -2.04 -9.98 -51.64
C VAL A 604 -1.14 -8.90 -52.19
N GLY A 605 0.00 -9.29 -52.73
CA GLY A 605 0.91 -8.30 -53.25
C GLY A 605 2.13 -8.95 -53.84
N SER A 606 3.17 -8.15 -53.99
CA SER A 606 4.41 -8.62 -54.58
CA SER A 606 4.41 -8.60 -54.61
C SER A 606 5.58 -8.10 -53.78
N VAL A 607 6.57 -8.96 -53.58
CA VAL A 607 7.77 -8.59 -52.85
C VAL A 607 8.97 -8.75 -53.77
N THR A 608 9.82 -7.75 -53.79
CA THR A 608 11.13 -7.83 -54.43
C THR A 608 12.15 -8.00 -53.31
N GLU A 609 12.85 -9.12 -53.33
CA GLU A 609 13.76 -9.43 -52.24
C GLU A 609 15.17 -8.90 -52.51
N THR A 610 15.93 -8.76 -51.43
CA THR A 610 17.20 -8.05 -51.45
C THR A 610 18.33 -9.03 -51.76
N SER A 611 19.19 -8.64 -52.69
CA SER A 611 20.40 -9.42 -52.91
C SER A 611 21.34 -9.24 -51.73
N GLU A 612 22.17 -10.25 -51.49
CA GLU A 612 23.15 -10.13 -50.42
C GLU A 612 24.12 -8.99 -50.70
N GLU A 613 24.36 -8.68 -51.98
CA GLU A 613 25.18 -7.52 -52.32
C GLU A 613 24.51 -6.23 -51.86
N ASP A 614 23.20 -6.10 -52.10
CA ASP A 614 22.53 -4.86 -51.72
C ASP A 614 22.34 -4.75 -50.22
N ALA A 615 22.22 -5.88 -49.53
CA ALA A 615 22.16 -5.84 -48.08
C ALA A 615 23.44 -5.27 -47.50
N ARG A 616 24.59 -5.74 -48.01
CA ARG A 616 25.86 -5.19 -47.54
C ARG A 616 25.99 -3.73 -47.94
N ARG A 617 25.51 -3.38 -49.14
CA ARG A 617 25.50 -1.97 -49.54
C ARG A 617 24.64 -1.14 -48.60
N ALA A 618 23.48 -1.68 -48.19
CA ALA A 618 22.61 -0.93 -47.30
C ALA A 618 23.29 -0.61 -45.97
N VAL A 619 24.05 -1.57 -45.43
CA VAL A 619 24.75 -1.31 -44.18
C VAL A 619 25.78 -0.21 -44.36
N ARG A 620 26.49 -0.22 -45.49
CA ARG A 620 27.47 0.84 -45.70
C ARG A 620 26.79 2.21 -45.83
N LEU A 621 25.63 2.24 -46.51
CA LEU A 621 24.90 3.50 -46.61
C LEU A 621 24.40 3.95 -45.24
N ALA A 622 23.96 3.00 -44.41
CA ALA A 622 23.56 3.34 -43.05
C ALA A 622 24.72 3.90 -42.27
N ALA A 623 25.91 3.28 -42.41
CA ALA A 623 27.08 3.78 -41.71
C ALA A 623 27.42 5.20 -42.13
N ASP A 624 27.31 5.50 -43.43
CA ASP A 624 27.61 6.84 -43.90
C ASP A 624 26.60 7.85 -43.41
N ALA A 625 25.34 7.41 -43.23
CA ALA A 625 24.27 8.28 -42.78
C ALA A 625 24.14 8.35 -41.27
N ALA A 626 24.88 7.52 -40.53
CA ALA A 626 24.75 7.50 -39.07
C ALA A 626 24.99 8.86 -38.43
N PRO A 627 26.03 9.63 -38.78
CA PRO A 627 26.23 10.93 -38.11
C PRO A 627 25.10 11.91 -38.37
N ASP A 628 24.54 11.92 -39.57
CA ASP A 628 23.45 12.84 -39.86
C ASP A 628 22.22 12.49 -39.03
N TRP A 629 21.92 11.20 -38.87
CA TRP A 629 20.75 10.83 -38.11
C TRP A 629 20.98 11.05 -36.62
N ALA A 630 22.18 10.73 -36.13
CA ALA A 630 22.49 10.97 -34.74
C ALA A 630 22.36 12.45 -34.40
N ALA A 631 22.63 13.34 -35.36
CA ALA A 631 22.55 14.78 -35.11
C ALA A 631 21.13 15.31 -35.08
N VAL A 632 20.14 14.52 -35.47
CA VAL A 632 18.75 14.95 -35.30
C VAL A 632 18.47 14.89 -33.80
N PRO A 633 18.05 15.98 -33.17
CA PRO A 633 17.87 15.99 -31.72
C PRO A 633 16.88 14.91 -31.31
N PRO A 634 17.11 14.25 -30.17
CA PRO A 634 16.17 13.21 -29.74
C PRO A 634 14.71 13.63 -29.77
N SER A 635 14.39 14.86 -29.36
CA SER A 635 12.99 15.29 -29.36
C SER A 635 12.41 15.29 -30.76
N GLU A 636 13.22 15.62 -31.77
CA GLU A 636 12.72 15.59 -33.14
C GLU A 636 12.64 14.16 -33.67
N ARG A 637 13.58 13.29 -33.29
CA ARG A 637 13.42 11.88 -33.62
C ARG A 637 12.13 11.34 -33.01
N ALA A 638 11.87 11.70 -31.75
CA ALA A 638 10.63 11.24 -31.10
C ALA A 638 9.40 11.83 -31.79
N ALA A 639 9.51 13.04 -32.32
CA ALA A 639 8.39 13.62 -33.05
C ALA A 639 8.07 12.83 -34.31
N CYS A 640 9.10 12.29 -34.97
CA CYS A 640 8.86 11.41 -36.11
C CYS A 640 8.06 10.19 -35.69
N LEU A 641 8.43 9.58 -34.56
CA LEU A 641 7.70 8.42 -34.09
C LEU A 641 6.25 8.79 -33.79
N ASP A 642 6.04 9.93 -33.14
CA ASP A 642 4.67 10.34 -32.82
C ASP A 642 3.88 10.60 -34.09
N ARG A 643 4.49 11.23 -35.08
CA ARG A 643 3.79 11.43 -36.34
C ARG A 643 3.49 10.10 -37.01
N ALA A 644 4.41 9.14 -36.92
CA ALA A 644 4.13 7.84 -37.52
C ALA A 644 2.98 7.16 -36.81
N ALA A 645 2.87 7.33 -35.49
CA ALA A 645 1.77 6.75 -34.74
C ALA A 645 0.43 7.37 -35.17
N GLU A 646 0.41 8.68 -35.39
CA GLU A 646 -0.81 9.30 -35.89
C GLU A 646 -1.18 8.76 -37.26
N LEU A 647 -0.17 8.56 -38.12
CA LEU A 647 -0.45 8.05 -39.46
C LEU A 647 -0.96 6.61 -39.39
N MET A 648 -0.39 5.81 -38.50
CA MET A 648 -0.87 4.44 -38.37
C MET A 648 -2.27 4.40 -37.78
N GLN A 649 -2.56 5.27 -36.81
CA GLN A 649 -3.90 5.32 -36.26
C GLN A 649 -4.91 5.69 -37.33
N ALA A 650 -4.61 6.69 -38.15
CA ALA A 650 -5.52 7.12 -39.20
C ALA A 650 -5.72 6.03 -40.24
N ARG A 651 -4.65 5.30 -40.54
CA ARG A 651 -4.65 4.29 -41.58
C ARG A 651 -5.05 2.92 -41.05
N MET A 652 -5.39 2.81 -39.78
CA MET A 652 -5.68 1.51 -39.18
C MET A 652 -6.59 0.64 -40.04
N PRO A 653 -7.76 1.10 -40.52
CA PRO A 653 -8.62 0.19 -41.29
C PRO A 653 -7.94 -0.43 -42.49
N THR A 654 -7.19 0.37 -43.26
CA THR A 654 -6.43 -0.18 -44.37
C THR A 654 -5.36 -1.14 -43.89
N LEU A 655 -4.64 -0.78 -42.82
CA LEU A 655 -3.62 -1.68 -42.28
C LEU A 655 -4.22 -3.00 -41.84
N LEU A 656 -5.40 -2.95 -41.19
CA LEU A 656 -6.07 -4.19 -40.81
C LEU A 656 -6.26 -5.11 -42.01
N GLY A 657 -6.76 -4.56 -43.10
CA GLY A 657 -7.03 -5.39 -44.26
C GLY A 657 -5.78 -6.09 -44.76
N LEU A 658 -4.66 -5.38 -44.77
CA LEU A 658 -3.42 -6.00 -45.23
C LEU A 658 -2.98 -7.10 -44.27
N ILE A 659 -2.99 -6.81 -42.96
CA ILE A 659 -2.57 -7.79 -41.97
C ILE A 659 -3.47 -9.01 -42.00
N ILE A 660 -4.77 -8.79 -42.16
CA ILE A 660 -5.71 -9.90 -42.21
C ILE A 660 -5.37 -10.84 -43.36
N ARG A 661 -5.07 -10.27 -44.54
CA ARG A 661 -4.85 -11.11 -45.70
C ARG A 661 -3.42 -11.63 -45.79
N GLU A 662 -2.44 -10.86 -45.34
CA GLU A 662 -1.06 -11.30 -45.49
C GLU A 662 -0.63 -12.28 -44.40
N ALA A 663 -1.12 -12.13 -43.17
CA ALA A 663 -0.57 -12.85 -42.04
C ALA A 663 -1.58 -13.75 -41.33
N GLY A 664 -2.72 -14.03 -41.94
CA GLY A 664 -3.67 -14.96 -41.35
C GLY A 664 -4.34 -14.45 -40.09
N LYS A 665 -4.43 -13.14 -39.90
CA LYS A 665 -4.97 -12.60 -38.67
C LYS A 665 -6.46 -12.31 -38.83
N SER A 666 -7.21 -12.55 -37.76
CA SER A 666 -8.57 -12.05 -37.69
C SER A 666 -8.54 -10.54 -37.47
N ALA A 667 -9.71 -9.91 -37.63
CA ALA A 667 -9.82 -8.48 -37.41
C ALA A 667 -9.37 -8.09 -36.01
N LEU A 668 -9.81 -8.84 -35.00
CA LEU A 668 -9.36 -8.54 -33.63
C LEU A 668 -7.85 -8.69 -33.50
N ASN A 669 -7.27 -9.76 -34.06
CA ASN A 669 -5.82 -9.92 -34.06
C ASN A 669 -5.16 -8.70 -34.69
N ALA A 670 -5.72 -8.23 -35.81
CA ALA A 670 -5.09 -7.15 -36.56
C ALA A 670 -5.22 -5.83 -35.82
N ILE A 671 -6.36 -5.58 -35.19
CA ILE A 671 -6.51 -4.36 -34.40
C ILE A 671 -5.46 -4.32 -33.29
N ALA A 672 -5.30 -5.44 -32.58
CA ALA A 672 -4.27 -5.52 -31.55
C ALA A 672 -2.90 -5.24 -32.15
N GLU A 673 -2.64 -5.78 -33.33
CA GLU A 673 -1.36 -5.61 -33.98
C GLU A 673 -1.07 -4.14 -34.28
N VAL A 674 -2.04 -3.44 -34.87
CA VAL A 674 -1.82 -2.03 -35.20
C VAL A 674 -1.77 -1.20 -33.94
N ARG A 675 -2.64 -1.48 -32.97
CA ARG A 675 -2.59 -0.72 -31.73
C ARG A 675 -1.23 -0.86 -31.09
N GLU A 676 -0.67 -2.08 -31.10
CA GLU A 676 0.63 -2.31 -30.48
C GLU A 676 1.72 -1.50 -31.18
N ALA A 677 1.66 -1.44 -32.51
CA ALA A 677 2.64 -0.63 -33.24
C ALA A 677 2.53 0.83 -32.86
N ILE A 678 1.30 1.35 -32.79
CA ILE A 678 1.08 2.73 -32.40
C ILE A 678 1.64 2.96 -31.00
N ASP A 679 1.39 2.01 -30.09
CA ASP A 679 1.84 2.18 -28.73
C ASP A 679 3.37 2.11 -28.64
N PHE A 680 4.01 1.22 -29.38
CA PHE A 680 5.46 1.22 -29.41
C PHE A 680 5.99 2.58 -29.84
N LEU A 681 5.43 3.12 -30.93
CA LEU A 681 5.91 4.40 -31.43
C LEU A 681 5.79 5.48 -30.36
N ARG A 682 4.63 5.58 -29.72
CA ARG A 682 4.43 6.64 -28.75
C ARG A 682 5.20 6.37 -27.47
N TYR A 683 5.33 5.10 -27.08
CA TYR A 683 6.06 4.80 -25.86
C TYR A 683 7.54 5.10 -26.02
N TYR A 684 8.15 4.64 -27.12
CA TYR A 684 9.56 4.92 -27.30
C TYR A 684 9.80 6.41 -27.52
N ALA A 685 8.85 7.11 -28.13
CA ALA A 685 8.96 8.56 -28.23
C ALA A 685 8.98 9.19 -26.85
N GLU A 686 8.04 8.79 -25.97
CA GLU A 686 8.00 9.38 -24.64
C GLU A 686 9.23 8.99 -23.83
N GLN A 687 9.66 7.73 -23.91
CA GLN A 687 10.85 7.31 -23.19
C GLN A 687 12.06 8.10 -23.64
N THR A 688 12.14 8.39 -24.95
CA THR A 688 13.24 9.21 -25.45
C THR A 688 13.18 10.61 -24.85
N ARG A 689 12.00 11.22 -24.84
CA ARG A 689 11.86 12.56 -24.28
C ARG A 689 12.18 12.58 -22.80
N ARG A 690 12.06 11.44 -22.13
CA ARG A 690 12.38 11.38 -20.71
C ARG A 690 13.87 11.18 -20.46
N THR A 691 14.62 10.67 -21.45
CA THR A 691 15.97 10.19 -21.13
C THR A 691 17.11 10.71 -22.00
N LEU A 692 16.96 10.74 -23.31
CA LEU A 692 18.13 10.78 -24.18
C LEU A 692 18.75 12.16 -24.28
N GLY A 693 20.07 12.22 -24.08
CA GLY A 693 20.82 13.45 -24.19
C GLY A 693 22.09 13.25 -24.99
N PRO A 694 22.90 14.30 -25.08
CA PRO A 694 24.08 14.24 -25.96
C PRO A 694 25.08 13.16 -25.59
N GLY A 695 25.15 12.77 -24.32
CA GLY A 695 26.06 11.74 -23.89
C GLY A 695 25.61 10.32 -24.11
N HIS A 696 24.40 10.13 -24.62
CA HIS A 696 23.90 8.79 -24.92
C HIS A 696 24.04 8.58 -26.42
N GLY A 697 25.26 8.27 -26.84
CA GLY A 697 25.57 8.17 -28.24
C GLY A 697 24.99 6.92 -28.85
N PRO A 698 24.53 7.02 -30.10
CA PRO A 698 23.98 5.83 -30.77
C PRO A 698 25.07 4.78 -30.97
N LEU A 699 24.62 3.53 -31.07
CA LEU A 699 25.55 2.46 -31.43
C LEU A 699 26.07 2.64 -32.86
N GLY A 700 25.18 2.99 -33.78
CA GLY A 700 25.49 2.95 -35.19
C GLY A 700 24.44 2.14 -35.90
N PRO A 701 24.75 1.63 -37.08
CA PRO A 701 23.74 0.88 -37.85
C PRO A 701 23.24 -0.32 -37.06
N ILE A 702 21.93 -0.39 -36.91
CA ILE A 702 21.29 -1.49 -36.19
CA ILE A 702 21.26 -1.47 -36.18
C ILE A 702 20.49 -2.31 -37.19
N VAL A 703 20.70 -3.61 -37.14
CA VAL A 703 19.97 -4.55 -37.98
C VAL A 703 18.78 -5.02 -37.17
N CYS A 704 17.58 -4.75 -37.67
CA CYS A 704 16.34 -5.17 -37.01
C CYS A 704 15.75 -6.31 -37.82
N ILE A 705 15.73 -7.49 -37.22
CA ILE A 705 15.22 -8.69 -37.83
C ILE A 705 13.99 -9.12 -37.05
N SER A 706 12.89 -9.31 -37.75
CA SER A 706 11.59 -9.43 -37.09
C SER A 706 10.88 -10.68 -37.55
N PRO A 707 9.95 -11.18 -36.75
CA PRO A 707 9.25 -12.44 -37.07
C PRO A 707 8.01 -12.14 -37.90
N TRP A 708 7.46 -13.20 -38.49
CA TRP A 708 6.28 -13.00 -39.33
C TRP A 708 5.02 -12.78 -38.51
N ASN A 709 4.99 -13.27 -37.26
CA ASN A 709 3.70 -13.51 -36.61
C ASN A 709 3.12 -12.24 -36.02
N PHE A 710 3.95 -11.27 -35.70
CA PHE A 710 3.53 -9.93 -35.33
C PHE A 710 4.17 -9.01 -36.36
N PRO A 711 3.66 -9.04 -37.59
CA PRO A 711 4.42 -8.51 -38.72
C PRO A 711 4.48 -7.00 -38.78
N LEU A 712 3.65 -6.31 -38.02
CA LEU A 712 3.75 -4.86 -37.93
C LEU A 712 4.20 -4.40 -36.56
N ALA A 713 3.68 -5.02 -35.50
CA ALA A 713 3.95 -4.53 -34.15
C ALA A 713 5.42 -4.70 -33.77
N ILE A 714 5.93 -5.93 -33.82
CA ILE A 714 7.32 -6.14 -33.43
C ILE A 714 8.26 -5.48 -34.43
N PHE A 715 7.92 -5.58 -35.71
CA PHE A 715 8.67 -4.89 -36.75
C PHE A 715 8.82 -3.41 -36.39
N THR A 716 7.71 -2.75 -36.09
CA THR A 716 7.74 -1.31 -35.83
C THR A 716 8.45 -1.02 -34.52
N GLY A 717 8.19 -1.84 -33.51
CA GLY A 717 8.79 -1.60 -32.20
C GLY A 717 10.30 -1.59 -32.25
N GLN A 718 10.89 -2.61 -32.86
CA GLN A 718 12.35 -2.68 -32.91
C GLN A 718 12.93 -1.50 -33.67
N ILE A 719 12.36 -1.23 -34.85
CA ILE A 719 12.87 -0.15 -35.69
C ILE A 719 12.71 1.19 -35.00
N ALA A 720 11.54 1.43 -34.40
CA ALA A 720 11.27 2.73 -33.81
C ALA A 720 12.23 3.00 -32.66
N ALA A 721 12.48 1.97 -31.86
CA ALA A 721 13.39 2.11 -30.73
C ALA A 721 14.81 2.42 -31.23
N ALA A 722 15.27 1.66 -32.22
CA ALA A 722 16.61 1.89 -32.76
C ALA A 722 16.72 3.27 -33.37
N LEU A 723 15.70 3.68 -34.15
CA LEU A 723 15.73 5.01 -34.78
C LEU A 723 15.72 6.11 -33.75
N VAL A 724 14.85 6.00 -32.74
CA VAL A 724 14.70 7.13 -31.85
C VAL A 724 15.90 7.26 -30.94
N ALA A 725 16.61 6.16 -30.71
CA ALA A 725 17.89 6.20 -30.00
C ALA A 725 19.00 6.80 -30.86
N GLY A 726 18.74 7.18 -32.11
CA GLY A 726 19.73 7.82 -32.94
C GLY A 726 20.48 6.91 -33.89
N ASN A 727 20.06 5.67 -34.07
CA ASN A 727 20.72 4.72 -34.96
C ASN A 727 19.99 4.63 -36.29
N PRO A 728 20.72 4.61 -37.39
CA PRO A 728 20.10 4.21 -38.66
C PRO A 728 19.83 2.73 -38.61
N VAL A 729 18.78 2.32 -39.31
CA VAL A 729 18.22 0.99 -39.19
C VAL A 729 18.21 0.29 -40.55
N LEU A 730 18.61 -0.98 -40.54
CA LEU A 730 18.38 -1.89 -41.65
C LEU A 730 17.26 -2.82 -41.21
N ALA A 731 16.09 -2.67 -41.81
CA ALA A 731 14.90 -3.40 -41.39
C ALA A 731 14.74 -4.62 -42.29
N LYS A 732 14.87 -5.80 -41.70
CA LYS A 732 14.73 -7.05 -42.44
C LYS A 732 13.49 -7.77 -41.92
N PRO A 733 12.35 -7.59 -42.57
CA PRO A 733 11.13 -8.27 -42.12
C PRO A 733 11.16 -9.73 -42.53
N ALA A 734 10.38 -10.52 -41.80
CA ALA A 734 10.25 -11.93 -42.13
C ALA A 734 9.82 -12.10 -43.58
N GLU A 735 10.34 -13.16 -44.21
CA GLU A 735 10.02 -13.40 -45.61
C GLU A 735 8.53 -13.64 -45.83
N GLU A 736 7.80 -14.09 -44.81
CA GLU A 736 6.38 -14.37 -44.99
C GLU A 736 5.55 -13.09 -45.08
N THR A 737 5.98 -12.00 -44.46
CA THR A 737 5.12 -10.83 -44.25
C THR A 737 5.82 -9.52 -44.61
N PRO A 738 6.31 -9.39 -45.84
CA PRO A 738 7.02 -8.16 -46.23
C PRO A 738 6.11 -6.98 -46.52
N LEU A 739 4.86 -7.20 -46.91
CA LEU A 739 4.04 -6.09 -47.39
C LEU A 739 3.69 -5.13 -46.25
N ILE A 740 3.24 -5.66 -45.12
CA ILE A 740 2.89 -4.77 -44.03
C ILE A 740 4.15 -4.08 -43.49
N ALA A 741 5.29 -4.76 -43.56
CA ALA A 741 6.54 -4.13 -43.16
C ALA A 741 6.88 -2.98 -44.09
N ALA A 742 6.71 -3.19 -45.41
CA ALA A 742 6.98 -2.11 -46.36
C ALA A 742 6.06 -0.93 -46.09
N GLU A 743 4.80 -1.21 -45.73
CA GLU A 743 3.89 -0.12 -45.43
C GLU A 743 4.29 0.60 -44.15
N GLY A 744 4.77 -0.14 -43.15
CA GLY A 744 5.28 0.50 -41.95
C GLY A 744 6.49 1.39 -42.23
N VAL A 745 7.41 0.91 -43.07
CA VAL A 745 8.54 1.75 -43.47
C VAL A 745 8.04 2.97 -44.23
N ARG A 746 7.07 2.79 -45.13
CA ARG A 746 6.55 3.93 -45.86
C ARG A 746 5.95 4.97 -44.91
N ILE A 747 5.24 4.50 -43.88
CA ILE A 747 4.64 5.41 -42.90
C ILE A 747 5.71 6.12 -42.10
N LEU A 748 6.73 5.39 -41.62
CA LEU A 748 7.81 6.03 -40.88
C LEU A 748 8.53 7.06 -41.74
N ARG A 749 8.77 6.74 -43.02
CA ARG A 749 9.39 7.70 -43.91
C ARG A 749 8.50 8.92 -44.12
N GLU A 750 7.19 8.70 -44.29
CA GLU A 750 6.28 9.83 -44.41
C GLU A 750 6.30 10.69 -43.15
N ALA A 751 6.49 10.08 -41.98
CA ALA A 751 6.51 10.80 -40.73
C ALA A 751 7.79 11.60 -40.53
N GLY A 752 8.78 11.41 -41.41
CA GLY A 752 10.00 12.22 -41.38
C GLY A 752 11.28 11.43 -41.19
N ILE A 753 11.24 10.12 -41.03
CA ILE A 753 12.48 9.36 -40.94
C ILE A 753 13.14 9.40 -42.31
N PRO A 754 14.35 9.95 -42.43
CA PRO A 754 15.01 10.00 -43.73
C PRO A 754 15.24 8.59 -44.28
N ALA A 755 15.22 8.49 -45.61
CA ALA A 755 15.47 7.20 -46.26
C ALA A 755 16.81 6.61 -45.86
N SER A 756 17.81 7.46 -45.60
CA SER A 756 19.11 6.95 -45.21
C SER A 756 19.09 6.36 -43.81
N ALA A 757 18.15 6.81 -42.97
CA ALA A 757 18.05 6.30 -41.61
C ALA A 757 17.22 5.04 -41.51
N LEU A 758 16.35 4.77 -42.49
CA LEU A 758 15.48 3.60 -42.43
C LEU A 758 15.44 2.95 -43.79
N GLN A 759 16.14 1.83 -43.93
CA GLN A 759 16.18 1.09 -45.18
C GLN A 759 15.47 -0.24 -44.97
N LEU A 760 14.64 -0.61 -45.94
CA LEU A 760 13.90 -1.86 -45.87
C LEU A 760 14.56 -2.88 -46.78
N LEU A 761 14.86 -4.05 -46.24
CA LEU A 761 15.54 -5.12 -46.97
C LEU A 761 14.70 -6.38 -46.89
N PRO A 762 13.72 -6.53 -47.76
CA PRO A 762 12.92 -7.76 -47.75
C PRO A 762 13.74 -8.95 -48.18
N GLY A 763 13.37 -10.11 -47.69
CA GLY A 763 14.06 -11.33 -48.05
C GLY A 763 14.04 -12.30 -46.89
N ASP A 764 14.72 -13.43 -47.10
CA ASP A 764 14.70 -14.52 -46.15
C ASP A 764 15.86 -14.39 -45.16
N GLY A 765 16.22 -15.49 -44.51
CA GLY A 765 17.28 -15.47 -43.50
C GLY A 765 18.63 -15.12 -44.07
N ARG A 766 18.86 -15.35 -45.36
CA ARG A 766 20.12 -14.96 -45.98
C ARG A 766 20.30 -13.45 -45.93
N VAL A 767 19.23 -12.70 -46.14
CA VAL A 767 19.31 -11.25 -46.05
C VAL A 767 19.59 -10.83 -44.62
N GLY A 768 18.90 -11.47 -43.67
CA GLY A 768 19.20 -11.22 -42.28
C GLY A 768 20.64 -11.53 -41.95
N ALA A 769 21.12 -12.69 -42.38
CA ALA A 769 22.48 -13.11 -42.05
C ALA A 769 23.50 -12.18 -42.70
N ALA A 770 23.23 -11.74 -43.93
CA ALA A 770 24.16 -10.84 -44.60
C ALA A 770 24.23 -9.51 -43.88
N LEU A 771 23.10 -9.04 -43.34
CA LEU A 771 23.10 -7.81 -42.58
C LEU A 771 23.85 -7.98 -41.26
N VAL A 772 23.59 -9.08 -40.55
CA VAL A 772 24.28 -9.33 -39.28
C VAL A 772 25.78 -9.38 -39.50
N ALA A 773 26.23 -10.03 -40.57
CA ALA A 773 27.65 -10.24 -40.82
C ALA A 773 28.35 -9.02 -41.35
N ALA A 774 27.62 -7.97 -41.72
CA ALA A 774 28.22 -6.82 -42.37
C ALA A 774 29.09 -6.05 -41.39
N ALA A 775 30.23 -5.54 -41.89
CA ALA A 775 31.26 -5.04 -40.99
C ALA A 775 30.77 -3.87 -40.15
N GLU A 776 29.93 -3.00 -40.70
CA GLU A 776 29.51 -1.80 -39.98
C GLU A 776 28.30 -2.01 -39.08
N THR A 777 27.74 -3.22 -39.05
CA THR A 777 26.62 -3.49 -38.16
C THR A 777 27.05 -3.31 -36.70
N ALA A 778 26.39 -2.40 -36.01
CA ALA A 778 26.78 -2.03 -34.65
C ALA A 778 25.87 -2.61 -33.59
N GLY A 779 24.76 -3.22 -33.99
CA GLY A 779 23.85 -3.82 -33.04
C GLY A 779 22.82 -4.60 -33.81
N VAL A 780 22.24 -5.61 -33.15
CA VAL A 780 21.25 -6.47 -33.79
C VAL A 780 20.07 -6.58 -32.85
N MET A 781 18.89 -6.31 -33.36
CA MET A 781 17.64 -6.52 -32.63
C MET A 781 16.93 -7.64 -33.36
N PHE A 782 16.81 -8.77 -32.69
CA PHE A 782 16.23 -9.97 -33.26
C PHE A 782 15.04 -10.41 -32.43
N THR A 783 13.93 -10.66 -33.10
CA THR A 783 12.81 -11.36 -32.50
C THR A 783 12.45 -12.49 -33.45
N GLY A 784 12.38 -13.70 -32.92
CA GLY A 784 12.19 -14.87 -33.75
C GLY A 784 12.46 -16.12 -32.93
N SER A 785 12.72 -17.21 -33.64
CA SER A 785 12.94 -18.47 -32.95
C SER A 785 14.27 -18.50 -32.22
N THR A 786 14.32 -19.29 -31.15
CA THR A 786 15.55 -19.44 -30.39
C THR A 786 16.67 -20.00 -31.25
N GLU A 787 16.35 -20.93 -32.14
CA GLU A 787 17.37 -21.56 -32.98
C GLU A 787 18.02 -20.55 -33.89
N VAL A 788 17.23 -19.64 -34.48
CA VAL A 788 17.82 -18.63 -35.35
C VAL A 788 18.64 -17.63 -34.53
N ALA A 789 18.12 -17.22 -33.38
CA ALA A 789 18.88 -16.34 -32.51
C ALA A 789 20.23 -16.94 -32.17
N ARG A 790 20.28 -18.26 -31.98
CA ARG A 790 21.55 -18.92 -31.68
C ARG A 790 22.51 -18.82 -32.85
N LEU A 791 22.01 -18.94 -34.09
CA LEU A 791 22.85 -18.73 -35.26
C LEU A 791 23.38 -17.30 -35.31
N ILE A 792 22.54 -16.32 -34.98
CA ILE A 792 22.99 -14.93 -34.96
C ILE A 792 24.04 -14.72 -33.87
N GLN A 793 23.79 -15.26 -32.68
CA GLN A 793 24.75 -15.18 -31.59
C GLN A 793 26.11 -15.73 -32.02
N ALA A 794 26.10 -16.85 -32.74
CA ALA A 794 27.36 -17.43 -33.22
C ALA A 794 28.04 -16.51 -34.22
N GLN A 795 27.27 -15.95 -35.16
CA GLN A 795 27.80 -14.99 -36.12
C GLN A 795 28.46 -13.81 -35.41
N LEU A 796 27.80 -13.27 -34.38
CA LEU A 796 28.31 -12.09 -33.69
C LEU A 796 29.46 -12.42 -32.74
N ALA A 797 29.63 -13.69 -32.36
CA ALA A 797 30.70 -14.03 -31.44
C ALA A 797 32.08 -13.80 -32.05
N ASP A 798 32.17 -13.75 -33.38
CA ASP A 798 33.40 -13.47 -34.09
C ASP A 798 33.68 -11.98 -34.22
N ARG A 799 32.78 -11.12 -33.74
CA ARG A 799 32.78 -9.71 -34.09
C ARG A 799 33.01 -8.84 -32.86
N LEU A 800 33.69 -7.72 -33.06
CA LEU A 800 33.81 -6.69 -32.03
C LEU A 800 33.58 -5.33 -32.68
N SER A 801 33.12 -4.39 -31.86
CA SER A 801 32.96 -3.03 -32.33
C SER A 801 34.33 -2.42 -32.58
N PRO A 802 34.39 -1.26 -33.25
CA PRO A 802 35.68 -0.56 -33.38
C PRO A 802 36.35 -0.30 -32.04
N ALA A 803 35.56 -0.10 -30.98
CA ALA A 803 36.09 0.02 -29.63
C ALA A 803 36.54 -1.31 -29.03
N GLY A 804 36.43 -2.40 -29.78
CA GLY A 804 36.82 -3.71 -29.29
C GLY A 804 35.88 -4.34 -28.29
N ARG A 805 34.58 -4.11 -28.41
CA ARG A 805 33.59 -4.64 -27.48
C ARG A 805 32.51 -5.41 -28.23
N PRO A 806 31.78 -6.29 -27.56
CA PRO A 806 30.78 -7.12 -28.25
C PRO A 806 29.69 -6.26 -28.87
N ILE A 807 29.19 -6.73 -30.02
CA ILE A 807 28.08 -6.09 -30.71
C ILE A 807 26.81 -6.43 -29.95
N PRO A 808 26.07 -5.44 -29.44
CA PRO A 808 24.86 -5.75 -28.67
C PRO A 808 23.85 -6.53 -29.50
N LEU A 809 23.28 -7.55 -28.86
CA LEU A 809 22.23 -8.36 -29.45
C LEU A 809 21.08 -8.38 -28.47
N ILE A 810 19.91 -7.91 -28.90
CA ILE A 810 18.66 -8.16 -28.20
C ILE A 810 18.01 -9.29 -28.97
N ALA A 811 17.81 -10.42 -28.30
CA ALA A 811 17.27 -11.60 -28.97
C ALA A 811 16.08 -12.07 -28.16
N GLU A 812 14.88 -11.81 -28.67
CA GLU A 812 13.64 -12.13 -28.00
C GLU A 812 13.05 -13.33 -28.72
N THR A 813 12.96 -14.45 -28.00
CA THR A 813 12.80 -15.74 -28.66
C THR A 813 11.58 -16.52 -28.19
N GLY A 814 11.59 -17.85 -28.35
CA GLY A 814 10.39 -18.65 -28.21
C GLY A 814 9.98 -18.86 -26.77
N GLY A 815 8.82 -19.50 -26.61
CA GLY A 815 8.29 -19.80 -25.31
C GLY A 815 7.77 -21.22 -25.26
N GLN A 816 7.63 -21.72 -24.04
CA GLN A 816 6.94 -22.99 -23.77
C GLN A 816 6.00 -22.69 -22.61
N ASN A 817 5.01 -21.87 -22.90
CA ASN A 817 4.33 -21.12 -21.87
C ASN A 817 3.27 -21.96 -21.20
N ALA A 818 3.27 -21.93 -19.87
CA ALA A 818 2.36 -22.75 -19.09
C ALA A 818 1.34 -21.88 -18.38
N MET A 819 0.21 -22.51 -18.06
CA MET A 819 -0.76 -21.92 -17.15
C MET A 819 -1.10 -22.98 -16.12
N ILE A 820 -1.03 -22.62 -14.85
CA ILE A 820 -1.38 -23.53 -13.76
C ILE A 820 -2.75 -23.12 -13.23
N VAL A 821 -3.64 -24.10 -13.10
CA VAL A 821 -5.00 -23.85 -12.66
C VAL A 821 -5.25 -24.74 -11.47
N ASP A 822 -5.70 -24.16 -10.37
CA ASP A 822 -5.99 -24.98 -9.21
C ASP A 822 -7.49 -25.13 -9.05
N SER A 823 -7.90 -25.84 -8.01
CA SER A 823 -9.30 -26.14 -7.80
C SER A 823 -10.12 -24.95 -7.30
N SER A 824 -9.49 -23.80 -7.03
CA SER A 824 -10.23 -22.61 -6.65
C SER A 824 -10.62 -21.75 -7.85
N ALA A 825 -10.04 -22.01 -9.03
CA ALA A 825 -10.33 -21.19 -10.18
C ALA A 825 -11.74 -21.47 -10.70
N LEU A 826 -12.31 -20.47 -11.36
CA LEU A 826 -13.64 -20.60 -11.94
C LEU A 826 -13.49 -21.18 -13.34
N ALA A 827 -14.07 -22.36 -13.55
CA ALA A 827 -13.82 -23.11 -14.77
C ALA A 827 -14.15 -22.30 -16.03
N GLU A 828 -15.29 -21.61 -16.03
CA GLU A 828 -15.68 -20.85 -17.21
C GLU A 828 -14.65 -19.78 -17.53
N GLN A 829 -14.10 -19.14 -16.49
CA GLN A 829 -13.08 -18.12 -16.70
C GLN A 829 -11.80 -18.74 -17.24
N VAL A 830 -11.38 -19.85 -16.64
CA VAL A 830 -10.21 -20.57 -17.12
C VAL A 830 -10.38 -20.92 -18.59
N VAL A 831 -11.51 -21.53 -18.94
CA VAL A 831 -11.66 -22.02 -20.30
C VAL A 831 -11.58 -20.87 -21.30
N GLY A 832 -12.24 -19.74 -21.00
CA GLY A 832 -12.16 -18.60 -21.89
C GLY A 832 -10.73 -18.12 -22.07
N ASP A 833 -9.99 -18.03 -20.96
CA ASP A 833 -8.62 -17.56 -21.04
C ASP A 833 -7.72 -18.57 -21.71
N VAL A 834 -8.00 -19.86 -21.56
CA VAL A 834 -7.21 -20.90 -22.21
C VAL A 834 -7.46 -20.91 -23.70
N ILE A 835 -8.74 -20.87 -24.10
CA ILE A 835 -9.07 -20.84 -25.51
C ILE A 835 -8.42 -19.64 -26.19
N THR A 836 -8.53 -18.46 -25.58
CA THR A 836 -7.88 -17.29 -26.12
C THR A 836 -6.37 -17.46 -26.15
N SER A 837 -5.78 -17.87 -25.04
CA SER A 837 -4.31 -17.89 -24.97
C SER A 837 -3.73 -18.95 -25.90
N ALA A 838 -4.40 -20.08 -26.04
CA ALA A 838 -3.83 -21.16 -26.82
C ALA A 838 -4.09 -21.02 -28.31
N PHE A 839 -5.25 -20.49 -28.68
CA PHE A 839 -5.70 -20.58 -30.07
C PHE A 839 -5.89 -19.26 -30.78
N ASP A 840 -5.87 -18.13 -30.07
CA ASP A 840 -5.83 -16.85 -30.73
C ASP A 840 -4.69 -16.86 -31.74
N SER A 841 -4.97 -16.36 -32.94
CA SER A 841 -3.96 -16.34 -34.01
C SER A 841 -3.43 -17.73 -34.32
N ALA A 842 -4.27 -18.74 -34.13
CA ALA A 842 -3.89 -20.14 -34.32
C ALA A 842 -2.63 -20.48 -33.54
N GLY A 843 -2.53 -19.94 -32.33
CA GLY A 843 -1.39 -20.24 -31.48
C GLY A 843 -0.09 -19.63 -31.96
N GLN A 844 -0.15 -18.74 -32.94
CA GLN A 844 1.05 -18.13 -33.49
C GLN A 844 1.37 -16.79 -32.83
N ARG A 845 1.33 -16.83 -31.50
CA ARG A 845 1.85 -15.78 -30.66
C ARG A 845 2.97 -16.42 -29.86
N CYS A 846 4.07 -15.68 -29.69
CA CYS A 846 5.13 -16.22 -28.86
C CYS A 846 4.66 -16.44 -27.43
N SER A 847 3.67 -15.67 -27.01
CA SER A 847 3.07 -15.72 -25.68
C SER A 847 2.03 -16.82 -25.53
N ALA A 848 1.72 -17.54 -26.60
CA ALA A 848 0.58 -18.44 -26.58
C ALA A 848 0.74 -19.52 -25.52
N LEU A 849 -0.39 -19.93 -24.97
CA LEU A 849 -0.38 -20.99 -23.98
C LEU A 849 -0.10 -22.33 -24.66
N ARG A 850 0.98 -22.99 -24.22
CA ARG A 850 1.37 -24.28 -24.78
C ARG A 850 1.05 -25.43 -23.85
N VAL A 851 1.09 -25.22 -22.54
CA VAL A 851 0.95 -26.29 -21.56
C VAL A 851 -0.02 -25.81 -20.49
N LEU A 852 -1.20 -26.41 -20.46
CA LEU A 852 -2.17 -26.14 -19.40
C LEU A 852 -2.01 -27.20 -18.32
N CYS A 853 -1.84 -26.77 -17.08
CA CYS A 853 -1.60 -27.68 -15.96
C CYS A 853 -2.81 -27.58 -15.05
N LEU A 854 -3.55 -28.67 -14.92
CA LEU A 854 -4.82 -28.68 -14.22
C LEU A 854 -4.68 -29.50 -12.96
N GLN A 855 -5.10 -28.93 -11.83
CA GLN A 855 -5.12 -29.71 -10.62
C GLN A 855 -6.06 -30.90 -10.79
N GLU A 856 -5.60 -32.06 -10.32
CA GLU A 856 -6.24 -33.32 -10.67
C GLU A 856 -7.73 -33.32 -10.35
N ASP A 857 -8.11 -32.71 -9.22
CA ASP A 857 -9.50 -32.79 -8.76
C ASP A 857 -10.47 -32.04 -9.66
N VAL A 858 -9.99 -31.08 -10.46
CA VAL A 858 -10.83 -30.32 -11.36
C VAL A 858 -10.50 -30.58 -12.81
N ALA A 859 -9.52 -31.44 -13.11
CA ALA A 859 -9.01 -31.57 -14.46
C ALA A 859 -10.07 -32.12 -15.41
N ASP A 860 -10.83 -33.12 -14.98
CA ASP A 860 -11.82 -33.72 -15.88
C ASP A 860 -12.89 -32.71 -16.24
N ARG A 861 -13.39 -31.96 -15.26
CA ARG A 861 -14.45 -31.00 -15.53
C ARG A 861 -13.94 -29.88 -16.44
N ILE A 862 -12.76 -29.35 -16.16
CA ILE A 862 -12.23 -28.28 -17.00
C ILE A 862 -11.93 -28.80 -18.40
N LEU A 863 -11.35 -29.99 -18.50
CA LEU A 863 -11.02 -30.55 -19.81
C LEU A 863 -12.28 -30.74 -20.64
N THR A 864 -13.35 -31.26 -20.03
CA THR A 864 -14.61 -31.40 -20.75
C THR A 864 -15.09 -30.07 -21.27
N MET A 865 -15.06 -29.05 -20.40
CA MET A 865 -15.51 -27.73 -20.82
C MET A 865 -14.60 -27.18 -21.91
N LEU A 866 -13.30 -27.43 -21.78
CA LEU A 866 -12.35 -26.91 -22.75
C LEU A 866 -12.59 -27.52 -24.12
N LYS A 867 -12.79 -28.84 -24.17
CA LYS A 867 -13.05 -29.51 -25.43
C LYS A 867 -14.35 -29.01 -26.05
N GLY A 868 -15.36 -28.78 -25.21
CA GLY A 868 -16.60 -28.22 -25.73
C GLY A 868 -16.41 -26.85 -26.33
N ALA A 869 -15.64 -26.00 -25.65
CA ALA A 869 -15.36 -24.66 -26.16
C ALA A 869 -14.54 -24.72 -27.44
N LEU A 870 -13.60 -25.66 -27.51
CA LEU A 870 -12.79 -25.83 -28.70
C LEU A 870 -13.65 -25.98 -29.94
N HIS A 871 -14.70 -26.79 -29.82
CA HIS A 871 -15.51 -27.10 -30.98
C HIS A 871 -16.43 -25.97 -31.40
N GLU A 872 -16.47 -24.88 -30.65
CA GLU A 872 -17.25 -23.72 -31.03
C GLU A 872 -16.43 -22.72 -31.82
N LEU A 873 -15.16 -22.99 -32.06
CA LEU A 873 -14.33 -22.07 -32.81
C LEU A 873 -14.56 -22.24 -34.30
N HIS A 874 -14.60 -21.11 -35.00
CA HIS A 874 -14.73 -21.09 -36.45
C HIS A 874 -13.34 -20.84 -37.05
N ILE A 875 -12.86 -21.79 -37.83
CA ILE A 875 -11.55 -21.72 -38.47
C ILE A 875 -11.78 -21.47 -39.96
N GLY A 876 -11.07 -20.50 -40.51
CA GLY A 876 -11.20 -20.26 -41.93
C GLY A 876 -10.43 -19.03 -42.36
N ARG A 877 -10.63 -18.67 -43.63
CA ARG A 877 -10.02 -17.46 -44.16
C ARG A 877 -10.52 -16.26 -43.35
N THR A 878 -9.60 -15.38 -42.99
CA THR A 878 -9.87 -14.45 -41.91
C THR A 878 -10.55 -13.17 -42.33
N ASP A 879 -10.99 -13.07 -43.58
CA ASP A 879 -11.69 -11.87 -44.03
C ASP A 879 -13.18 -11.96 -43.75
N ARG A 880 -13.54 -12.72 -42.72
CA ARG A 880 -14.90 -12.80 -42.20
C ARG A 880 -14.85 -12.56 -40.71
N LEU A 881 -15.70 -11.66 -40.21
CA LEU A 881 -15.75 -11.39 -38.78
C LEU A 881 -16.03 -12.64 -37.97
N SER A 882 -16.77 -13.59 -38.54
CA SER A 882 -17.13 -14.80 -37.81
C SER A 882 -15.97 -15.75 -37.62
N VAL A 883 -14.82 -15.51 -38.25
CA VAL A 883 -13.71 -16.44 -38.13
C VAL A 883 -12.93 -16.13 -36.86
N ASP A 884 -12.72 -17.16 -36.04
CA ASP A 884 -11.97 -16.99 -34.79
C ASP A 884 -10.50 -17.28 -34.99
N VAL A 885 -10.20 -18.32 -35.76
CA VAL A 885 -8.86 -18.87 -35.85
C VAL A 885 -8.52 -18.94 -37.33
N GLY A 886 -7.42 -18.30 -37.71
CA GLY A 886 -7.00 -18.30 -39.08
C GLY A 886 -6.03 -19.40 -39.39
N PRO A 887 -5.37 -19.28 -40.53
CA PRO A 887 -4.45 -20.32 -40.99
C PRO A 887 -3.11 -20.20 -40.27
N VAL A 888 -2.31 -21.25 -40.43
CA VAL A 888 -0.89 -21.12 -40.15
C VAL A 888 -0.20 -20.52 -41.36
N ILE A 889 0.98 -19.94 -41.12
CA ILE A 889 1.53 -19.00 -42.10
C ILE A 889 1.95 -19.67 -43.40
N THR A 890 2.45 -20.90 -43.35
CA THR A 890 2.97 -21.58 -44.54
C THR A 890 2.69 -23.06 -44.44
N SER A 891 2.86 -23.74 -45.59
CA SER A 891 2.74 -25.19 -45.64
CA SER A 891 2.72 -25.18 -45.61
C SER A 891 3.79 -25.85 -44.77
N GLU A 892 4.99 -25.27 -44.72
CA GLU A 892 6.05 -25.85 -43.90
C GLU A 892 5.71 -25.75 -42.43
N ALA A 893 5.17 -24.60 -42.01
CA ALA A 893 4.70 -24.50 -40.63
C ALA A 893 3.63 -25.54 -40.36
N LYS A 894 2.67 -25.68 -41.28
CA LYS A 894 1.62 -26.68 -41.12
C LYS A 894 2.21 -28.08 -40.99
N ASP A 895 3.15 -28.43 -41.87
CA ASP A 895 3.73 -29.76 -41.82
C ASP A 895 4.45 -30.00 -40.51
N ASN A 896 5.18 -28.98 -40.04
CA ASN A 896 5.91 -29.14 -38.78
C ASN A 896 4.95 -29.35 -37.61
N ILE A 897 3.87 -28.58 -37.58
CA ILE A 897 2.89 -28.72 -36.50
C ILE A 897 2.23 -30.08 -36.56
N GLU A 898 1.81 -30.50 -37.76
CA GLU A 898 1.11 -31.78 -37.91
C GLU A 898 2.02 -32.94 -37.55
N LYS A 899 3.30 -32.85 -37.91
CA LYS A 899 4.25 -33.90 -37.53
C LYS A 899 4.29 -34.03 -36.01
N HIS A 900 4.25 -32.91 -35.29
CA HIS A 900 4.23 -32.98 -33.84
C HIS A 900 2.95 -33.64 -33.34
N ILE A 901 1.81 -33.23 -33.88
CA ILE A 901 0.54 -33.82 -33.45
C ILE A 901 0.55 -35.32 -33.69
N GLU A 902 1.05 -35.76 -34.85
CA GLU A 902 1.02 -37.19 -35.17
C GLU A 902 1.98 -37.97 -34.28
N ARG A 903 3.14 -37.40 -33.97
CA ARG A 903 4.04 -38.02 -33.00
C ARG A 903 3.33 -38.23 -31.66
N MET A 904 2.68 -37.18 -31.15
CA MET A 904 1.92 -37.32 -29.91
C MET A 904 0.84 -38.38 -30.04
N ARG A 905 0.08 -38.35 -31.14
CA ARG A 905 -0.96 -39.35 -31.34
C ARG A 905 -0.36 -40.75 -31.44
N GLY A 906 0.79 -40.86 -32.10
CA GLY A 906 1.45 -42.16 -32.21
C GLY A 906 1.94 -42.68 -30.89
N LEU A 907 2.25 -41.80 -29.94
CA LEU A 907 2.64 -42.22 -28.60
C LEU A 907 1.45 -42.65 -27.75
N GLY A 908 0.24 -42.53 -28.25
CA GLY A 908 -0.94 -42.89 -27.50
C GLY A 908 -1.57 -41.76 -26.72
N ARG A 909 -1.08 -40.53 -26.88
CA ARG A 909 -1.67 -39.41 -26.17
C ARG A 909 -3.03 -39.08 -26.77
N LYS A 910 -3.98 -38.68 -25.91
CA LYS A 910 -5.31 -38.34 -26.38
C LYS A 910 -5.27 -36.98 -27.09
N VAL A 911 -5.81 -36.94 -28.31
CA VAL A 911 -5.76 -35.77 -29.16
C VAL A 911 -7.17 -35.39 -29.54
N GLU A 912 -7.57 -34.15 -29.22
CA GLU A 912 -8.86 -33.59 -29.61
C GLU A 912 -8.62 -32.54 -30.67
N GLN A 913 -9.36 -32.62 -31.78
CA GLN A 913 -9.19 -31.66 -32.84
C GLN A 913 -10.54 -31.23 -33.39
N ILE A 914 -10.63 -29.94 -33.73
CA ILE A 914 -11.77 -29.42 -34.47
C ILE A 914 -11.76 -30.01 -35.87
N GLY A 915 -12.94 -30.30 -36.40
CA GLY A 915 -13.07 -30.65 -37.80
C GLY A 915 -13.04 -29.38 -38.63
N LEU A 916 -12.21 -29.37 -39.66
CA LEU A 916 -12.07 -28.21 -40.53
C LEU A 916 -13.03 -28.30 -41.70
N ALA A 917 -13.50 -27.13 -42.14
CA ALA A 917 -14.35 -27.07 -43.31
C ALA A 917 -13.52 -27.32 -44.58
N SER A 918 -14.20 -27.81 -45.62
CA SER A 918 -13.52 -28.08 -46.88
C SER A 918 -12.88 -26.83 -47.46
N GLU A 919 -13.45 -25.66 -47.18
CA GLU A 919 -12.93 -24.39 -47.69
C GLU A 919 -11.50 -24.12 -47.22
N THR A 920 -11.07 -24.75 -46.14
CA THR A 920 -9.70 -24.55 -45.68
C THR A 920 -8.67 -25.18 -46.61
N GLY A 921 -9.08 -26.06 -47.52
CA GLY A 921 -8.15 -26.74 -48.40
C GLY A 921 -7.33 -25.82 -49.28
N VAL A 922 -7.84 -24.61 -49.58
CA VAL A 922 -7.10 -23.68 -50.43
C VAL A 922 -6.03 -22.92 -49.66
N GLY A 923 -5.99 -23.04 -48.35
CA GLY A 923 -4.94 -22.42 -47.55
C GLY A 923 -4.20 -23.45 -46.72
N THR A 924 -3.46 -22.99 -45.72
CA THR A 924 -2.67 -23.88 -44.86
C THR A 924 -3.20 -23.74 -43.45
N PHE A 925 -4.06 -24.66 -43.05
CA PHE A 925 -4.71 -24.60 -41.75
C PHE A 925 -4.34 -25.81 -40.92
N VAL A 926 -4.19 -25.59 -39.62
CA VAL A 926 -4.09 -26.65 -38.63
C VAL A 926 -5.27 -26.46 -37.68
N PRO A 927 -6.07 -27.48 -37.43
CA PRO A 927 -7.19 -27.29 -36.50
C PRO A 927 -6.65 -27.11 -35.10
N PRO A 928 -7.24 -26.21 -34.33
CA PRO A 928 -6.98 -26.16 -32.89
C PRO A 928 -7.05 -27.56 -32.30
N THR A 929 -6.05 -27.88 -31.50
CA THR A 929 -5.78 -29.23 -31.05
C THR A 929 -5.47 -29.19 -29.57
N ILE A 930 -6.02 -30.14 -28.83
CA ILE A 930 -5.69 -30.35 -27.42
C ILE A 930 -5.07 -31.73 -27.31
N ILE A 931 -3.89 -31.80 -26.70
CA ILE A 931 -3.15 -33.04 -26.54
C ILE A 931 -2.94 -33.25 -25.05
N GLU A 932 -3.36 -34.40 -24.54
CA GLU A 932 -3.20 -34.69 -23.12
C GLU A 932 -1.87 -35.41 -22.89
N LEU A 933 -0.97 -34.77 -22.18
CA LEU A 933 0.34 -35.34 -21.92
C LEU A 933 0.37 -36.05 -20.58
N GLU A 934 1.29 -37.00 -20.47
CA GLU A 934 1.56 -37.67 -19.21
C GLU A 934 2.54 -36.86 -18.35
N LYS A 935 3.56 -36.28 -18.99
CA LYS A 935 4.56 -35.50 -18.28
C LYS A 935 4.96 -34.30 -19.15
N LEU A 936 5.38 -33.22 -18.49
CA LEU A 936 5.87 -32.06 -19.22
C LEU A 936 7.08 -32.39 -20.09
N SER A 937 7.85 -33.42 -19.71
CA SER A 937 8.98 -33.87 -20.51
C SER A 937 8.56 -34.43 -21.86
N ASP A 938 7.27 -34.73 -22.07
CA ASP A 938 6.78 -35.10 -23.38
C ASP A 938 7.05 -34.03 -24.43
N LEU A 939 7.22 -32.79 -24.00
CA LEU A 939 7.48 -31.68 -24.92
C LEU A 939 8.97 -31.41 -25.03
N GLN A 940 9.42 -31.15 -26.25
CA GLN A 940 10.80 -30.74 -26.49
C GLN A 940 10.85 -29.24 -26.70
N ARG A 941 10.79 -28.81 -27.95
CA ARG A 941 10.87 -27.39 -28.29
C ARG A 941 9.48 -26.81 -28.52
N GLU A 942 9.44 -25.48 -28.57
CA GLU A 942 8.21 -24.76 -28.87
C GLU A 942 7.58 -25.29 -30.15
N VAL A 943 6.28 -25.55 -30.10
CA VAL A 943 5.48 -25.90 -31.28
C VAL A 943 4.60 -24.70 -31.58
N PHE A 944 4.96 -23.95 -32.62
CA PHE A 944 4.38 -22.63 -32.87
C PHE A 944 3.14 -22.81 -33.73
N GLY A 945 2.06 -23.21 -33.07
CA GLY A 945 0.83 -23.49 -33.75
C GLY A 945 -0.28 -23.69 -32.75
N PRO A 946 -1.48 -24.03 -33.24
CA PRO A 946 -2.65 -24.08 -32.36
C PRO A 946 -2.74 -25.41 -31.63
N VAL A 947 -1.75 -25.69 -30.79
CA VAL A 947 -1.64 -26.98 -30.13
C VAL A 947 -1.46 -26.76 -28.64
N LEU A 948 -2.50 -27.09 -27.88
CA LEU A 948 -2.49 -26.95 -26.45
C LEU A 948 -2.21 -28.31 -25.85
N HIS A 949 -1.24 -28.37 -24.95
CA HIS A 949 -0.97 -29.59 -24.23
C HIS A 949 -1.50 -29.45 -22.82
N VAL A 950 -2.04 -30.54 -22.28
CA VAL A 950 -2.68 -30.52 -20.97
C VAL A 950 -2.01 -31.56 -20.10
N ILE A 951 -1.58 -31.15 -18.92
CA ILE A 951 -1.09 -32.07 -17.92
C ILE A 951 -1.89 -31.88 -16.64
N ARG A 952 -1.95 -32.93 -15.85
CA ARG A 952 -2.66 -32.91 -14.58
C ARG A 952 -1.63 -33.02 -13.46
N TYR A 953 -1.90 -32.36 -12.35
CA TYR A 953 -0.99 -32.43 -11.22
C TYR A 953 -1.78 -32.58 -9.93
N ARG A 954 -1.18 -33.26 -8.96
CA ARG A 954 -1.73 -33.31 -7.62
C ARG A 954 -1.30 -32.07 -6.85
N ARG A 955 -2.22 -31.56 -6.00
CA ARG A 955 -1.97 -30.29 -5.32
C ARG A 955 -0.64 -30.28 -4.58
N ASP A 956 -0.31 -31.38 -3.90
CA ASP A 956 0.94 -31.41 -3.15
C ASP A 956 2.16 -31.31 -4.05
N ASP A 957 2.00 -31.59 -5.34
CA ASP A 957 3.10 -31.56 -6.29
C ASP A 957 3.20 -30.23 -7.02
N LEU A 958 2.49 -29.20 -6.55
CA LEU A 958 2.54 -27.91 -7.21
C LEU A 958 3.96 -27.37 -7.30
N ASP A 959 4.74 -27.49 -6.22
CA ASP A 959 6.07 -26.93 -6.27
C ASP A 959 6.95 -27.69 -7.26
N ARG A 960 6.82 -29.02 -7.31
CA ARG A 960 7.55 -29.80 -8.31
C ARG A 960 7.10 -29.40 -9.71
N LEU A 961 5.80 -29.14 -9.89
CA LEU A 961 5.30 -28.73 -11.19
C LEU A 961 5.95 -27.43 -11.65
N VAL A 962 6.02 -26.44 -10.74
CA VAL A 962 6.70 -25.20 -11.09
C VAL A 962 8.15 -25.47 -11.48
N ASP A 963 8.83 -26.36 -10.74
CA ASP A 963 10.18 -26.77 -11.15
C ASP A 963 10.17 -27.31 -12.57
N ASP A 964 9.19 -28.16 -12.88
CA ASP A 964 9.12 -28.76 -14.20
C ASP A 964 8.89 -27.71 -15.29
N VAL A 965 8.03 -26.74 -15.02
CA VAL A 965 7.85 -25.64 -15.96
C VAL A 965 9.16 -24.91 -16.18
N ASN A 966 9.85 -24.58 -15.08
CA ASN A 966 11.14 -23.90 -15.17
C ASN A 966 12.16 -24.75 -15.90
N ALA A 967 12.08 -26.08 -15.76
CA ALA A 967 13.09 -26.99 -16.28
C ALA A 967 13.13 -27.04 -17.80
N THR A 968 12.10 -26.55 -18.50
CA THR A 968 12.19 -26.51 -19.95
C THR A 968 13.28 -25.56 -20.42
N GLY A 969 13.66 -24.59 -19.59
CA GLY A 969 14.62 -23.60 -19.97
C GLY A 969 14.01 -22.34 -20.57
N TYR A 970 12.74 -22.40 -20.97
CA TYR A 970 12.07 -21.22 -21.47
C TYR A 970 11.60 -20.37 -20.29
N GLY A 971 11.07 -19.19 -20.59
CA GLY A 971 10.69 -18.28 -19.53
C GLY A 971 10.02 -17.05 -20.08
N LEU A 972 9.00 -17.23 -20.91
CA LEU A 972 8.36 -16.10 -21.56
C LEU A 972 7.09 -15.72 -20.82
N THR A 973 5.95 -16.32 -21.15
CA THR A 973 4.73 -16.01 -20.43
C THR A 973 4.36 -17.16 -19.51
N PHE A 974 3.60 -16.82 -18.49
CA PHE A 974 3.15 -17.81 -17.53
C PHE A 974 1.87 -17.31 -16.90
N GLY A 975 0.90 -18.21 -16.77
CA GLY A 975 -0.37 -17.86 -16.18
C GLY A 975 -0.68 -18.71 -14.96
N LEU A 976 -1.41 -18.10 -14.04
CA LEU A 976 -1.88 -18.80 -12.86
C LEU A 976 -3.33 -18.40 -12.62
N HIS A 977 -4.20 -19.38 -12.53
CA HIS A 977 -5.60 -19.16 -12.18
C HIS A 977 -5.83 -19.75 -10.81
N THR A 978 -6.00 -18.88 -9.83
CA THR A 978 -6.29 -19.32 -8.47
C THR A 978 -6.90 -18.13 -7.77
N ARG A 979 -7.69 -18.41 -6.75
CA ARG A 979 -8.19 -17.34 -5.90
C ARG A 979 -7.40 -17.21 -4.63
N LEU A 980 -6.38 -18.03 -4.43
CA LEU A 980 -5.78 -18.19 -3.11
C LEU A 980 -4.44 -17.47 -3.06
N ASP A 981 -4.33 -16.50 -2.15
CA ASP A 981 -3.11 -15.72 -2.02
C ASP A 981 -1.89 -16.60 -1.72
N GLU A 982 -2.03 -17.65 -0.90
CA GLU A 982 -0.88 -18.48 -0.62
C GLU A 982 -0.35 -19.11 -1.90
N THR A 983 -1.26 -19.54 -2.77
CA THR A 983 -0.82 -20.17 -4.01
C THR A 983 -0.21 -19.14 -4.94
N ILE A 984 -0.80 -17.94 -5.02
CA ILE A 984 -0.21 -16.87 -5.81
C ILE A 984 1.21 -16.58 -5.33
N ALA A 985 1.39 -16.42 -4.01
CA ALA A 985 2.69 -16.06 -3.49
C ALA A 985 3.70 -17.16 -3.78
N HIS A 986 3.31 -18.42 -3.56
CA HIS A 986 4.20 -19.54 -3.82
C HIS A 986 4.59 -19.60 -5.28
N VAL A 987 3.59 -19.68 -6.15
CA VAL A 987 3.87 -19.90 -7.57
C VAL A 987 4.64 -18.74 -8.16
N THR A 988 4.22 -17.51 -7.87
CA THR A 988 4.89 -16.38 -8.51
C THR A 988 6.30 -16.16 -7.98
N SER A 989 6.59 -16.61 -6.77
CA SER A 989 7.95 -16.49 -6.27
C SER A 989 8.88 -17.55 -6.84
N ARG A 990 8.33 -18.67 -7.30
CA ARG A 990 9.14 -19.78 -7.76
C ARG A 990 9.23 -19.88 -9.27
N ILE A 991 8.23 -19.40 -10.00
CA ILE A 991 8.28 -19.43 -11.45
C ILE A 991 9.35 -18.46 -11.93
N LYS A 992 10.01 -18.82 -13.03
CA LYS A 992 11.03 -17.98 -13.65
C LYS A 992 10.57 -17.65 -15.07
N ALA A 993 9.80 -16.59 -15.20
CA ALA A 993 9.32 -16.16 -16.51
C ALA A 993 9.21 -14.65 -16.51
N GLY A 994 9.27 -14.07 -17.70
CA GLY A 994 9.30 -12.63 -17.79
C GLY A 994 7.96 -11.96 -17.68
N ASN A 995 6.89 -12.65 -18.05
CA ASN A 995 5.55 -12.07 -18.07
C ASN A 995 4.61 -13.01 -17.36
N LEU A 996 4.11 -12.59 -16.21
CA LEU A 996 3.19 -13.39 -15.42
C LEU A 996 1.80 -12.79 -15.51
N TYR A 997 0.80 -13.67 -15.50
CA TYR A 997 -0.58 -13.23 -15.61
C TYR A 997 -1.39 -14.03 -14.61
N ILE A 998 -2.16 -13.33 -13.79
CA ILE A 998 -2.95 -13.95 -12.74
CA ILE A 998 -2.95 -13.96 -12.75
C ILE A 998 -4.42 -13.75 -13.07
N ASN A 999 -5.13 -14.87 -13.23
CA ASN A 999 -6.57 -14.87 -13.44
C ASN A 999 -7.00 -14.17 -14.71
N ARG A 1000 -6.20 -14.34 -15.76
CA ARG A 1000 -6.49 -13.73 -17.05
C ARG A 1000 -5.74 -14.54 -18.11
N ASN A 1001 -5.92 -14.14 -19.36
CA ASN A 1001 -5.14 -14.78 -20.42
C ASN A 1001 -3.67 -14.38 -20.30
N ILE A 1002 -2.83 -15.07 -21.06
CA ILE A 1002 -1.39 -14.89 -20.93
C ILE A 1002 -0.78 -14.25 -22.16
N ILE A 1003 -1.60 -13.57 -22.96
CA ILE A 1003 -1.10 -13.02 -24.21
C ILE A 1003 -0.99 -11.51 -24.16
N GLY A 1004 -1.10 -10.92 -22.97
CA GLY A 1004 -1.06 -9.48 -22.85
C GLY A 1004 0.34 -8.96 -23.05
N ALA A 1005 0.46 -7.93 -23.87
CA ALA A 1005 1.75 -7.30 -24.11
C ALA A 1005 1.57 -5.81 -24.25
N VAL A 1006 0.67 -5.23 -23.46
CA VAL A 1006 0.36 -3.82 -23.61
C VAL A 1006 1.62 -3.01 -23.34
N VAL A 1007 2.03 -2.22 -24.32
CA VAL A 1007 3.29 -1.51 -24.21
C VAL A 1007 3.26 -0.59 -23.00
N GLY A 1008 4.34 -0.62 -22.22
CA GLY A 1008 4.42 0.21 -21.04
C GLY A 1008 3.50 -0.20 -19.91
N VAL A 1009 2.79 -1.33 -20.04
CA VAL A 1009 1.85 -1.79 -19.03
C VAL A 1009 2.19 -3.22 -18.68
N GLN A 1010 2.33 -4.08 -19.69
CA GLN A 1010 3.01 -5.36 -19.56
C GLN A 1010 4.22 -5.31 -20.48
N PRO A 1011 5.29 -4.62 -20.08
CA PRO A 1011 6.54 -4.71 -20.84
C PRO A 1011 6.85 -6.18 -21.05
N PHE A 1012 7.20 -6.53 -22.28
CA PHE A 1012 7.09 -7.89 -22.71
C PHE A 1012 8.46 -8.45 -23.05
N GLY A 1013 8.74 -9.63 -22.52
CA GLY A 1013 10.00 -10.26 -22.84
C GLY A 1013 10.39 -11.21 -21.75
N GLY A 1014 11.01 -12.32 -22.14
CA GLY A 1014 11.32 -13.38 -21.21
C GLY A 1014 12.80 -13.59 -21.00
N ARG A 1015 13.11 -14.70 -20.36
CA ARG A 1015 14.44 -15.05 -19.93
C ARG A 1015 14.75 -16.46 -20.38
N GLY A 1016 15.96 -16.92 -20.08
CA GLY A 1016 16.34 -18.26 -20.49
C GLY A 1016 16.31 -18.37 -22.00
N LEU A 1017 15.74 -19.46 -22.50
CA LEU A 1017 15.63 -19.68 -23.93
C LEU A 1017 14.69 -18.69 -24.59
N SER A 1018 13.99 -17.87 -23.80
CA SER A 1018 12.98 -16.96 -24.33
C SER A 1018 13.48 -15.55 -24.56
N GLY A 1019 14.69 -15.21 -24.12
CA GLY A 1019 15.12 -13.85 -24.35
C GLY A 1019 16.39 -13.48 -23.63
N THR A 1020 17.08 -12.49 -24.18
CA THR A 1020 18.19 -11.84 -23.51
C THR A 1020 17.73 -10.64 -22.72
N GLY A 1021 16.58 -10.08 -23.09
CA GLY A 1021 16.20 -8.77 -22.64
C GLY A 1021 17.12 -7.72 -23.24
N PRO A 1022 16.88 -6.46 -22.92
CA PRO A 1022 15.80 -5.95 -22.08
C PRO A 1022 14.45 -6.08 -22.78
N LYS A 1023 13.38 -5.92 -22.01
CA LYS A 1023 12.04 -6.09 -22.54
C LYS A 1023 11.66 -5.00 -23.52
N ALA A 1024 11.12 -5.39 -24.66
CA ALA A 1024 10.42 -4.46 -25.51
C ALA A 1024 9.24 -3.87 -24.75
N GLY A 1025 8.94 -2.60 -25.05
CA GLY A 1025 7.82 -1.94 -24.39
C GLY A 1025 8.08 -1.65 -22.94
N GLY A 1026 9.34 -1.71 -22.53
CA GLY A 1026 9.75 -1.41 -21.18
C GLY A 1026 10.84 -0.35 -21.17
N PRO A 1027 11.17 0.11 -19.97
CA PRO A 1027 11.98 1.33 -19.84
C PRO A 1027 13.47 1.08 -19.98
N LEU A 1028 13.92 -0.16 -20.03
CA LEU A 1028 15.34 -0.43 -20.22
C LEU A 1028 15.72 -0.61 -21.67
N TYR A 1029 14.73 -0.63 -22.57
CA TYR A 1029 14.97 -1.03 -23.95
C TYR A 1029 15.85 -0.04 -24.67
N LEU A 1030 15.49 1.25 -24.65
CA LEU A 1030 16.26 2.22 -25.42
C LEU A 1030 17.70 2.25 -24.96
N GLY A 1031 17.94 2.05 -23.66
CA GLY A 1031 19.28 2.15 -23.14
C GLY A 1031 20.24 1.12 -23.71
N ARG A 1032 19.72 0.03 -24.27
CA ARG A 1032 20.56 -0.96 -24.90
C ARG A 1032 21.03 -0.53 -26.28
N LEU A 1033 20.40 0.50 -26.84
CA LEU A 1033 20.64 0.92 -28.21
C LEU A 1033 21.52 2.14 -28.29
N VAL A 1034 22.17 2.51 -27.18
CA VAL A 1034 23.11 3.61 -27.13
C VAL A 1034 24.36 3.10 -26.42
N THR A 1035 25.46 3.81 -26.62
CA THR A 1035 26.71 3.31 -26.05
C THR A 1035 26.79 3.51 -24.54
N THR A 1036 26.15 4.56 -24.02
CA THR A 1036 26.08 4.82 -22.59
C THR A 1036 24.61 4.88 -22.23
N ALA A 1037 24.16 3.94 -21.42
CA ALA A 1037 22.73 3.85 -21.12
C ALA A 1037 22.31 5.01 -20.23
N PRO A 1038 21.19 5.66 -20.52
CA PRO A 1038 20.66 6.68 -19.61
C PRO A 1038 20.00 6.01 -18.41
N VAL A 1039 19.63 6.84 -17.45
CA VAL A 1039 18.86 6.36 -16.30
C VAL A 1039 17.39 6.35 -16.69
N PRO A 1040 16.74 5.19 -16.76
CA PRO A 1040 15.34 5.17 -17.17
C PRO A 1040 14.46 5.87 -16.15
N PRO A 1041 13.29 6.34 -16.56
CA PRO A 1041 12.32 6.88 -15.60
C PRO A 1041 12.03 5.83 -14.54
N GLN A 1042 11.92 6.30 -13.30
CA GLN A 1042 11.53 5.50 -12.15
C GLN A 1042 12.51 4.38 -11.82
N HIS A 1043 13.68 4.37 -12.43
CA HIS A 1043 14.62 3.25 -12.32
C HIS A 1043 15.58 3.54 -11.18
N SER A 1044 15.28 3.00 -10.01
CA SER A 1044 16.15 3.07 -8.85
C SER A 1044 15.59 2.09 -7.84
N SER A 1045 16.38 1.84 -6.81
CA SER A 1045 15.92 0.99 -5.72
C SER A 1045 16.60 1.43 -4.44
N VAL A 1046 15.83 1.52 -3.36
CA VAL A 1046 16.42 1.82 -2.05
C VAL A 1046 17.02 0.60 -1.40
N HIS A 1047 16.88 -0.57 -2.00
CA HIS A 1047 17.32 -1.82 -1.39
C HIS A 1047 18.74 -2.14 -1.83
N THR A 1048 19.53 -2.64 -0.91
CA THR A 1048 20.90 -3.01 -1.18
C THR A 1048 21.05 -4.49 -0.92
N ASP A 1049 21.62 -5.19 -1.88
CA ASP A 1049 21.78 -6.62 -1.73
C ASP A 1049 22.70 -6.91 -0.53
N PRO A 1050 22.30 -7.78 0.37
CA PRO A 1050 23.08 -8.00 1.60
C PRO A 1050 24.37 -8.77 1.33
N VAL A 1051 24.39 -9.61 0.29
CA VAL A 1051 25.60 -10.33 -0.04
C VAL A 1051 26.62 -9.36 -0.62
N LEU A 1052 26.15 -8.42 -1.44
CA LEU A 1052 27.01 -7.33 -1.89
C LEU A 1052 27.63 -6.62 -0.70
N LEU A 1053 26.81 -6.27 0.30
CA LEU A 1053 27.34 -5.59 1.48
C LEU A 1053 28.37 -6.44 2.19
N ASP A 1054 28.10 -7.74 2.33
CA ASP A 1054 29.08 -8.62 2.97
C ASP A 1054 30.36 -8.68 2.15
N PHE A 1055 30.24 -8.68 0.83
CA PHE A 1055 31.43 -8.72 -0.01
C PHE A 1055 32.22 -7.42 0.12
N ALA A 1056 31.53 -6.28 0.16
CA ALA A 1056 32.24 -5.02 0.35
C ALA A 1056 33.01 -5.01 1.66
N LYS A 1057 32.43 -5.54 2.74
CA LYS A 1057 33.18 -5.60 4.00
C LYS A 1057 34.35 -6.54 3.90
N TRP A 1058 34.17 -7.68 3.23
CA TRP A 1058 35.26 -8.60 3.00
C TRP A 1058 36.40 -7.92 2.23
N LEU A 1059 36.05 -7.17 1.17
CA LEU A 1059 37.06 -6.46 0.39
C LEU A 1059 37.86 -5.51 1.26
N ASP A 1060 37.18 -4.74 2.10
CA ASP A 1060 37.88 -3.84 3.01
C ASP A 1060 38.78 -4.61 3.96
N GLY A 1061 38.30 -5.74 4.49
CA GLY A 1061 39.13 -6.53 5.38
C GLY A 1061 40.35 -7.11 4.68
N LYS A 1062 40.23 -7.39 3.39
CA LYS A 1062 41.36 -7.85 2.58
C LYS A 1062 42.27 -6.70 2.15
N GLY A 1063 41.91 -5.45 2.43
CA GLY A 1063 42.68 -4.31 2.00
C GLY A 1063 42.41 -3.81 0.60
N ALA A 1064 41.41 -4.35 -0.09
CA ALA A 1064 41.01 -3.88 -1.41
C ALA A 1064 40.07 -2.70 -1.24
N ARG A 1065 40.65 -1.56 -0.85
CA ARG A 1065 39.85 -0.43 -0.40
C ARG A 1065 39.06 0.18 -1.54
N ALA A 1066 39.72 0.45 -2.67
CA ALA A 1066 39.01 1.04 -3.80
C ALA A 1066 37.93 0.10 -4.32
N GLU A 1067 38.18 -1.21 -4.28
CA GLU A 1067 37.18 -2.16 -4.77
C GLU A 1067 36.00 -2.23 -3.80
N ALA A 1068 36.27 -2.14 -2.50
CA ALA A 1068 35.18 -2.10 -1.54
C ALA A 1068 34.29 -0.89 -1.77
N GLU A 1069 34.90 0.27 -2.07
CA GLU A 1069 34.11 1.45 -2.38
C GLU A 1069 33.32 1.24 -3.66
N ALA A 1070 33.95 0.68 -4.68
CA ALA A 1070 33.22 0.40 -5.92
C ALA A 1070 32.08 -0.57 -5.66
N ALA A 1071 32.29 -1.53 -4.75
CA ALA A 1071 31.24 -2.48 -4.43
C ALA A 1071 30.07 -1.78 -3.76
N ARG A 1072 30.36 -0.93 -2.76
CA ARG A 1072 29.28 -0.16 -2.13
C ARG A 1072 28.54 0.69 -3.15
N ASN A 1073 29.26 1.32 -4.08
CA ASN A 1073 28.63 2.13 -5.10
C ASN A 1073 27.75 1.29 -6.00
N ALA A 1074 28.20 0.09 -6.36
CA ALA A 1074 27.37 -0.80 -7.16
C ALA A 1074 26.12 -1.20 -6.39
N GLY A 1075 26.26 -1.44 -5.08
CA GLY A 1075 25.09 -1.77 -4.29
C GLY A 1075 24.04 -0.68 -4.33
N SER A 1076 24.48 0.59 -4.28
CA SER A 1076 23.54 1.70 -4.35
C SER A 1076 23.01 1.90 -5.76
N SER A 1077 23.86 1.78 -6.77
CA SER A 1077 23.43 2.04 -8.14
CA SER A 1077 23.47 2.01 -8.16
C SER A 1077 22.49 0.96 -8.65
N SER A 1078 22.58 -0.25 -8.13
CA SER A 1078 21.73 -1.33 -8.59
C SER A 1078 20.27 -0.96 -8.39
N ALA A 1079 19.43 -1.33 -9.34
CA ALA A 1079 18.00 -1.14 -9.19
C ALA A 1079 17.30 -2.43 -8.84
N LEU A 1080 18.06 -3.46 -8.46
CA LEU A 1080 17.47 -4.68 -7.93
C LEU A 1080 16.48 -4.33 -6.83
N GLY A 1081 15.28 -4.90 -6.90
CA GLY A 1081 14.28 -4.60 -5.90
C GLY A 1081 13.29 -3.53 -6.31
N LEU A 1082 13.53 -2.87 -7.44
CA LEU A 1082 12.53 -1.96 -7.99
CA LEU A 1082 12.53 -1.96 -8.00
C LEU A 1082 11.20 -2.69 -8.10
N ASP A 1083 10.13 -2.02 -7.69
CA ASP A 1083 8.83 -2.67 -7.62
C ASP A 1083 7.79 -1.59 -7.87
N LEU A 1084 7.27 -1.54 -9.10
CA LEU A 1084 6.41 -0.46 -9.53
C LEU A 1084 5.07 -1.00 -9.97
N GLU A 1085 4.05 -0.18 -9.81
CA GLU A 1085 2.77 -0.42 -10.47
C GLU A 1085 2.67 0.54 -11.64
N LEU A 1086 2.41 0.00 -12.81
CA LEU A 1086 2.33 0.77 -14.02
C LEU A 1086 0.88 1.16 -14.29
N PRO A 1087 0.65 2.40 -14.75
CA PRO A 1087 -0.72 2.82 -15.05
C PRO A 1087 -1.31 1.96 -16.14
N GLY A 1088 -2.56 1.58 -15.96
CA GLY A 1088 -3.27 0.83 -16.96
C GLY A 1088 -4.77 0.90 -16.74
N PRO A 1089 -5.48 -0.08 -17.28
CA PRO A 1089 -6.93 -0.09 -17.15
C PRO A 1089 -7.36 -0.40 -15.72
N VAL A 1090 -8.58 0.01 -15.40
CA VAL A 1090 -9.20 -0.40 -14.14
C VAL A 1090 -9.38 -1.92 -14.13
N GLY A 1091 -9.51 -2.45 -12.92
CA GLY A 1091 -9.75 -3.88 -12.79
C GLY A 1091 -8.54 -4.73 -13.08
N GLU A 1092 -7.36 -4.12 -13.12
CA GLU A 1092 -6.13 -4.84 -13.36
C GLU A 1092 -5.05 -4.14 -12.55
N ARG A 1093 -4.11 -4.92 -12.05
CA ARG A 1093 -2.90 -4.36 -11.46
C ARG A 1093 -1.74 -4.86 -12.28
N ASN A 1094 -0.95 -3.93 -12.79
CA ASN A 1094 0.15 -4.28 -13.66
C ASN A 1094 1.43 -3.88 -12.98
N LEU A 1095 2.22 -4.87 -12.62
CA LEU A 1095 3.40 -4.68 -11.79
C LEU A 1095 4.66 -4.94 -12.61
N TYR A 1096 5.71 -4.21 -12.24
CA TYR A 1096 6.98 -4.30 -12.95
C TYR A 1096 8.04 -4.31 -11.87
N THR A 1097 8.87 -5.34 -11.88
CA THR A 1097 9.85 -5.55 -10.82
C THR A 1097 11.18 -5.94 -11.42
N LEU A 1098 12.26 -5.62 -10.72
CA LEU A 1098 13.60 -6.00 -11.15
C LEU A 1098 14.16 -7.01 -10.17
N HIS A 1099 14.53 -8.17 -10.68
CA HIS A 1099 15.05 -9.28 -9.91
C HIS A 1099 16.46 -9.61 -10.38
N ALA A 1100 17.12 -10.52 -9.66
CA ALA A 1100 18.37 -11.04 -10.17
C ALA A 1100 18.13 -11.85 -11.43
N ARG A 1101 19.14 -11.88 -12.29
CA ARG A 1101 19.03 -12.70 -13.49
CA ARG A 1101 19.03 -12.70 -13.49
C ARG A 1101 19.23 -14.18 -13.18
N GLY A 1102 20.13 -14.50 -12.28
CA GLY A 1102 20.43 -15.89 -12.00
C GLY A 1102 21.89 -16.05 -11.69
N ARG A 1103 22.56 -16.95 -12.40
CA ARG A 1103 23.98 -17.17 -12.21
C ARG A 1103 24.71 -16.51 -13.36
N ILE A 1104 25.59 -15.58 -13.03
CA ILE A 1104 26.36 -14.86 -14.04
C ILE A 1104 27.72 -15.54 -14.18
N LEU A 1105 28.10 -15.81 -15.42
CA LEU A 1105 29.45 -16.31 -15.69
C LEU A 1105 30.44 -15.15 -15.62
N LEU A 1106 31.44 -15.26 -14.77
CA LEU A 1106 32.48 -14.24 -14.65
C LEU A 1106 33.74 -14.78 -15.28
N VAL A 1107 34.29 -14.04 -16.23
CA VAL A 1107 35.54 -14.41 -16.88
C VAL A 1107 36.50 -13.26 -16.62
N PRO A 1108 37.14 -13.22 -15.46
CA PRO A 1108 38.04 -12.13 -15.14
C PRO A 1108 39.42 -12.38 -15.70
N ALA A 1109 40.21 -11.32 -15.74
CA ALA A 1109 41.62 -11.40 -16.08
C ALA A 1109 42.53 -11.02 -14.91
N THR A 1110 42.10 -10.08 -14.08
CA THR A 1110 42.91 -9.57 -12.99
C THR A 1110 42.10 -9.67 -11.72
N GLU A 1111 42.80 -9.57 -10.59
CA GLU A 1111 42.11 -9.61 -9.30
C GLU A 1111 41.14 -8.45 -9.16
N SER A 1112 41.59 -7.24 -9.48
CA SER A 1112 40.68 -6.08 -9.38
C SER A 1112 39.50 -6.26 -10.32
N GLY A 1113 39.74 -6.76 -11.52
CA GLY A 1113 38.65 -7.01 -12.44
C GLY A 1113 37.66 -8.00 -11.86
N LEU A 1114 38.16 -9.07 -11.24
CA LEU A 1114 37.28 -10.04 -10.59
C LEU A 1114 36.44 -9.36 -9.50
N TYR A 1115 37.08 -8.54 -8.67
CA TYR A 1115 36.35 -7.89 -7.59
C TYR A 1115 35.26 -6.98 -8.14
N HIS A 1116 35.57 -6.24 -9.21
CA HIS A 1116 34.55 -5.39 -9.83
C HIS A 1116 33.44 -6.22 -10.46
N GLN A 1117 33.79 -7.31 -11.13
CA GLN A 1117 32.77 -8.18 -11.71
C GLN A 1117 31.87 -8.75 -10.63
N LEU A 1118 32.48 -9.23 -9.54
CA LEU A 1118 31.71 -9.80 -8.45
C LEU A 1118 30.82 -8.76 -7.82
N ALA A 1119 31.32 -7.55 -7.62
CA ALA A 1119 30.49 -6.51 -7.05
C ALA A 1119 29.29 -6.22 -7.94
N ALA A 1120 29.51 -6.14 -9.25
CA ALA A 1120 28.40 -5.85 -10.15
C ALA A 1120 27.36 -6.94 -10.08
N ALA A 1121 27.81 -8.20 -10.09
CA ALA A 1121 26.88 -9.32 -10.10
C ALA A 1121 26.16 -9.46 -8.77
N LEU A 1122 26.88 -9.32 -7.66
CA LEU A 1122 26.24 -9.44 -6.35
C LEU A 1122 25.30 -8.29 -6.08
N ALA A 1123 25.66 -7.07 -6.49
CA ALA A 1123 24.81 -5.92 -6.27
C ALA A 1123 23.47 -6.08 -6.96
N THR A 1124 23.42 -6.89 -8.02
CA THR A 1124 22.19 -7.15 -8.75
C THR A 1124 21.56 -8.47 -8.38
N GLY A 1125 21.99 -9.05 -7.26
CA GLY A 1125 21.33 -10.19 -6.65
C GLY A 1125 21.73 -11.53 -7.21
N ASN A 1126 22.70 -11.57 -8.10
CA ASN A 1126 23.04 -12.79 -8.79
C ASN A 1126 24.02 -13.63 -8.01
N SER A 1127 24.04 -14.92 -8.34
CA SER A 1127 25.17 -15.76 -8.02
C SER A 1127 26.12 -15.73 -9.22
N VAL A 1128 27.30 -16.34 -9.04
CA VAL A 1128 28.31 -16.29 -10.08
C VAL A 1128 28.97 -17.66 -10.22
N ALA A 1129 29.42 -17.93 -11.42
CA ALA A 1129 30.39 -18.98 -11.67
C ALA A 1129 31.61 -18.30 -12.25
N ILE A 1130 32.74 -18.42 -11.57
CA ILE A 1130 33.97 -17.74 -11.98
C ILE A 1130 34.82 -18.71 -12.77
N ASP A 1131 35.33 -18.25 -13.92
CA ASP A 1131 36.23 -19.05 -14.73
C ASP A 1131 37.44 -19.52 -13.93
N ALA A 1132 37.56 -20.83 -13.72
CA ALA A 1132 38.69 -21.37 -12.98
C ALA A 1132 40.00 -21.22 -13.74
N ALA A 1133 39.94 -21.10 -15.07
CA ALA A 1133 41.16 -20.92 -15.85
C ALA A 1133 41.77 -19.53 -15.69
N SER A 1134 41.06 -18.60 -15.03
CA SER A 1134 41.64 -17.30 -14.72
C SER A 1134 42.80 -17.40 -13.74
N GLY A 1135 42.91 -18.50 -13.01
CA GLY A 1135 43.96 -18.64 -12.01
C GLY A 1135 43.83 -17.72 -10.82
N LEU A 1136 42.64 -17.17 -10.58
CA LEU A 1136 42.47 -16.15 -9.57
C LEU A 1136 41.87 -16.69 -8.27
N GLN A 1137 41.87 -18.02 -8.09
CA GLN A 1137 41.26 -18.60 -6.89
C GLN A 1137 41.84 -17.99 -5.61
N ALA A 1138 43.15 -17.74 -5.57
CA ALA A 1138 43.74 -17.18 -4.35
C ALA A 1138 43.27 -15.77 -4.05
N SER A 1139 42.56 -15.11 -4.97
CA SER A 1139 42.05 -13.78 -4.71
C SER A 1139 40.76 -13.79 -3.90
N LEU A 1140 40.14 -14.95 -3.70
CA LEU A 1140 38.86 -15.05 -3.00
C LEU A 1140 38.95 -15.96 -1.78
N LYS A 1141 40.04 -15.87 -1.04
CA LYS A 1141 40.21 -16.68 0.16
C LYS A 1141 39.37 -16.12 1.30
N ASN A 1142 38.81 -17.03 2.11
CA ASN A 1142 38.15 -16.67 3.37
C ASN A 1142 36.90 -15.82 3.14
N LEU A 1143 36.13 -16.13 2.10
CA LEU A 1143 34.91 -15.38 1.87
C LEU A 1143 33.94 -15.62 3.02
N PRO A 1144 33.10 -14.65 3.35
CA PRO A 1144 31.98 -14.92 4.25
C PRO A 1144 31.11 -15.99 3.63
N GLN A 1145 30.48 -16.81 4.48
CA GLN A 1145 29.63 -17.87 3.98
C GLN A 1145 28.52 -17.34 3.07
N THR A 1146 27.96 -16.16 3.40
CA THR A 1146 26.90 -15.60 2.57
C THR A 1146 27.38 -15.34 1.14
N VAL A 1147 28.62 -14.88 0.99
CA VAL A 1147 29.16 -14.67 -0.34
C VAL A 1147 29.57 -15.98 -0.97
N GLY A 1148 30.21 -16.86 -0.18
CA GLY A 1148 30.61 -18.14 -0.71
C GLY A 1148 29.46 -18.93 -1.30
N LEU A 1149 28.27 -18.82 -0.67
CA LEU A 1149 27.10 -19.53 -1.16
C LEU A 1149 26.74 -19.11 -2.58
N ARG A 1150 27.12 -17.88 -2.96
CA ARG A 1150 26.80 -17.36 -4.28
C ARG A 1150 27.91 -17.57 -5.29
N VAL A 1151 29.07 -18.07 -4.86
CA VAL A 1151 30.25 -18.17 -5.71
C VAL A 1151 30.53 -19.64 -6.01
N SER A 1152 30.67 -19.96 -7.28
CA SER A 1152 31.20 -21.23 -7.70
C SER A 1152 32.34 -20.95 -8.67
N TRP A 1153 33.25 -21.91 -8.77
CA TRP A 1153 34.33 -21.85 -9.74
C TRP A 1153 34.06 -22.90 -10.80
N SER A 1154 34.23 -22.51 -12.06
CA SER A 1154 33.85 -23.36 -13.18
C SER A 1154 35.06 -23.60 -14.07
N LYS A 1155 35.45 -24.87 -14.19
CA LYS A 1155 36.44 -25.26 -15.18
C LYS A 1155 35.80 -25.61 -16.52
N ASP A 1156 34.57 -26.14 -16.50
CA ASP A 1156 33.84 -26.52 -17.71
C ASP A 1156 32.57 -25.70 -17.69
N TRP A 1157 32.59 -24.55 -18.38
CA TRP A 1157 31.45 -23.63 -18.31
C TRP A 1157 30.17 -24.30 -18.80
N ALA A 1158 30.27 -25.13 -19.84
CA ALA A 1158 29.08 -25.77 -20.40
C ALA A 1158 28.44 -26.75 -19.43
N ALA A 1159 29.18 -27.22 -18.43
CA ALA A 1159 28.64 -28.14 -17.44
C ALA A 1159 27.96 -27.44 -16.29
N ASP A 1160 28.25 -26.16 -16.06
CA ASP A 1160 27.82 -25.45 -14.87
C ASP A 1160 26.72 -24.43 -15.15
N GLY A 1161 26.21 -24.38 -16.37
CA GLY A 1161 25.10 -23.53 -16.70
C GLY A 1161 23.77 -24.15 -16.34
N PRO A 1162 22.67 -23.54 -16.80
CA PRO A 1162 22.61 -22.35 -17.64
C PRO A 1162 22.96 -21.10 -16.86
N PHE A 1163 23.67 -20.20 -17.53
CA PHE A 1163 23.94 -18.89 -16.97
C PHE A 1163 22.86 -17.93 -17.44
N ALA A 1164 22.81 -16.76 -16.81
CA ALA A 1164 21.85 -15.74 -17.20
C ALA A 1164 22.53 -14.47 -17.69
N GLY A 1165 23.84 -14.52 -17.86
CA GLY A 1165 24.60 -13.40 -18.38
C GLY A 1165 26.05 -13.68 -18.13
N ALA A 1166 26.90 -12.78 -18.62
CA ALA A 1166 28.33 -12.97 -18.42
C ALA A 1166 29.01 -11.62 -18.33
N LEU A 1167 30.10 -11.60 -17.56
CA LEU A 1167 30.97 -10.44 -17.46
C LEU A 1167 32.37 -10.92 -17.81
N VAL A 1168 33.00 -10.20 -18.73
CA VAL A 1168 34.29 -10.61 -19.28
C VAL A 1168 35.27 -9.45 -19.14
N GLU A 1169 36.49 -9.77 -18.74
CA GLU A 1169 37.57 -8.80 -18.66
C GLU A 1169 38.69 -9.27 -19.58
N GLY A 1170 39.19 -8.37 -20.39
CA GLY A 1170 40.37 -8.70 -21.17
C GLY A 1170 40.60 -7.69 -22.27
N ASP A 1171 41.71 -7.88 -22.97
CA ASP A 1171 41.93 -7.12 -24.20
C ASP A 1171 40.99 -7.62 -25.29
N ALA A 1172 41.04 -6.94 -26.45
CA ALA A 1172 40.07 -7.21 -27.50
C ALA A 1172 40.10 -8.66 -27.94
N GLU A 1173 41.31 -9.23 -28.11
CA GLU A 1173 41.37 -10.61 -28.57
C GLU A 1173 40.95 -11.60 -27.49
N ARG A 1174 41.23 -11.30 -26.22
CA ARG A 1174 40.69 -12.14 -25.14
C ARG A 1174 39.17 -12.10 -25.13
N ILE A 1175 38.60 -10.90 -25.26
CA ILE A 1175 37.14 -10.76 -25.29
C ILE A 1175 36.55 -11.57 -26.43
N ARG A 1176 37.15 -11.47 -27.61
CA ARG A 1176 36.63 -12.19 -28.76
C ARG A 1176 36.67 -13.70 -28.53
N ALA A 1177 37.78 -14.20 -28.00
CA ALA A 1177 37.91 -15.63 -27.73
C ALA A 1177 36.90 -16.07 -26.69
N VAL A 1178 36.73 -15.29 -25.63
CA VAL A 1178 35.76 -15.63 -24.60
C VAL A 1178 34.34 -15.58 -25.16
N ASN A 1179 34.04 -14.57 -25.96
CA ASN A 1179 32.71 -14.45 -26.56
C ASN A 1179 32.38 -15.67 -27.42
N LYS A 1180 33.38 -16.19 -28.14
CA LYS A 1180 33.16 -17.41 -28.93
C LYS A 1180 32.89 -18.61 -28.02
N ALA A 1181 33.65 -18.75 -26.94
CA ALA A 1181 33.39 -19.85 -26.01
C ALA A 1181 32.02 -19.71 -25.36
N ILE A 1182 31.63 -18.48 -25.02
CA ILE A 1182 30.32 -18.27 -24.40
C ILE A 1182 29.21 -18.62 -25.37
N ALA A 1183 29.33 -18.17 -26.62
CA ALA A 1183 28.29 -18.46 -27.60
C ALA A 1183 28.11 -19.96 -27.79
N ALA A 1184 29.18 -20.73 -27.58
CA ALA A 1184 29.14 -22.17 -27.75
C ALA A 1184 28.48 -22.90 -26.59
N LEU A 1185 28.20 -22.21 -25.48
CA LEU A 1185 27.58 -22.86 -24.35
C LEU A 1185 26.17 -23.30 -24.73
N PRO A 1186 25.73 -24.46 -24.25
CA PRO A 1186 24.37 -24.91 -24.56
C PRO A 1186 23.35 -23.98 -23.91
N GLY A 1187 22.19 -23.90 -24.54
CA GLY A 1187 21.04 -23.31 -23.91
C GLY A 1187 20.83 -21.85 -24.27
N PRO A 1188 20.62 -21.02 -23.26
CA PRO A 1188 20.14 -19.65 -23.53
C PRO A 1188 21.24 -18.78 -24.10
N LEU A 1189 20.83 -17.82 -24.91
CA LEU A 1189 21.75 -16.76 -25.30
C LEU A 1189 22.09 -15.96 -24.06
N LEU A 1190 23.36 -15.64 -23.91
CA LEU A 1190 23.82 -14.91 -22.74
C LEU A 1190 24.08 -13.46 -23.12
N LEU A 1191 23.53 -12.56 -22.32
CA LEU A 1191 23.86 -11.14 -22.46
C LEU A 1191 25.23 -10.95 -21.84
N VAL A 1192 26.24 -10.75 -22.70
CA VAL A 1192 27.63 -10.63 -22.30
C VAL A 1192 28.00 -9.17 -22.27
N GLN A 1193 28.70 -8.77 -21.20
CA GLN A 1193 29.32 -7.45 -21.16
C GLN A 1193 30.81 -7.65 -20.96
N ALA A 1194 31.60 -6.91 -21.71
CA ALA A 1194 33.04 -7.03 -21.66
C ALA A 1194 33.67 -5.67 -21.42
N ALA A 1195 34.85 -5.70 -20.79
CA ALA A 1195 35.58 -4.48 -20.56
C ALA A 1195 37.05 -4.84 -20.45
N SER A 1196 37.92 -3.92 -20.82
CA SER A 1196 39.32 -4.13 -20.56
C SER A 1196 39.61 -3.82 -19.09
N SER A 1197 40.78 -4.27 -18.63
CA SER A 1197 41.19 -3.91 -17.26
C SER A 1197 41.25 -2.40 -17.09
N GLY A 1198 41.72 -1.69 -18.11
CA GLY A 1198 41.81 -0.24 -17.99
C GLY A 1198 40.45 0.42 -17.96
N GLU A 1199 39.50 -0.12 -18.71
CA GLU A 1199 38.15 0.41 -18.67
C GLU A 1199 37.51 0.19 -17.30
N ILE A 1200 37.76 -0.97 -16.68
CA ILE A 1200 37.29 -1.21 -15.33
C ILE A 1200 37.86 -0.16 -14.38
N ALA A 1201 39.14 0.19 -14.56
CA ALA A 1201 39.77 1.18 -13.69
C ALA A 1201 39.19 2.58 -13.93
N ARG A 1202 38.88 2.90 -15.18
CA ARG A 1202 38.47 4.25 -15.53
C ARG A 1202 36.98 4.50 -15.36
N ASN A 1203 36.16 3.49 -15.65
CA ASN A 1203 34.73 3.70 -15.77
C ASN A 1203 33.99 2.88 -14.73
N PRO A 1204 33.41 3.51 -13.72
CA PRO A 1204 32.62 2.75 -12.74
C PRO A 1204 31.47 1.98 -13.36
N ASP A 1205 30.99 2.41 -14.52
CA ASP A 1205 29.90 1.72 -15.22
C ASP A 1205 30.41 0.83 -16.35
N ALA A 1206 31.68 0.40 -16.29
CA ALA A 1206 32.21 -0.47 -17.33
C ALA A 1206 31.30 -1.67 -17.55
N TYR A 1207 30.78 -2.24 -16.47
CA TYR A 1207 29.72 -3.23 -16.53
C TYR A 1207 28.44 -2.56 -16.08
N CYS A 1208 27.48 -2.46 -16.99
CA CYS A 1208 26.25 -1.74 -16.70
C CYS A 1208 25.28 -2.63 -15.94
N LEU A 1209 24.80 -2.13 -14.80
CA LEU A 1209 23.93 -2.92 -13.97
C LEU A 1209 22.54 -3.10 -14.55
N ASN A 1210 22.16 -2.30 -15.56
CA ASN A 1210 20.87 -2.49 -16.23
C ASN A 1210 20.74 -3.91 -16.76
N TRP A 1211 21.85 -4.50 -17.23
CA TRP A 1211 21.80 -5.77 -17.92
C TRP A 1211 22.09 -6.94 -17.01
N LEU A 1212 22.24 -6.68 -15.71
CA LEU A 1212 22.48 -7.72 -14.72
C LEU A 1212 21.26 -7.99 -13.85
N VAL A 1213 20.17 -7.29 -14.10
CA VAL A 1213 18.89 -7.59 -13.46
C VAL A 1213 17.96 -8.10 -14.54
N GLU A 1214 16.89 -8.71 -14.08
CA GLU A 1214 15.89 -9.31 -14.94
C GLU A 1214 14.57 -8.61 -14.65
N GLU A 1215 13.93 -8.12 -15.71
CA GLU A 1215 12.63 -7.50 -15.56
C GLU A 1215 11.56 -8.58 -15.51
N VAL A 1216 10.60 -8.38 -14.61
CA VAL A 1216 9.45 -9.26 -14.54
C VAL A 1216 8.20 -8.39 -14.56
N SER A 1217 7.28 -8.70 -15.44
CA SER A 1217 5.99 -8.03 -15.52
C SER A 1217 4.95 -8.99 -14.99
N ALA A 1218 4.06 -8.50 -14.15
CA ALA A 1218 2.96 -9.32 -13.66
C ALA A 1218 1.67 -8.55 -13.84
N SER A 1219 0.71 -9.18 -14.50
CA SER A 1219 -0.59 -8.56 -14.75
C SER A 1219 -1.64 -9.36 -14.00
N ILE A 1220 -2.30 -8.71 -13.06
CA ILE A 1220 -3.26 -9.37 -12.18
C ILE A 1220 -4.64 -8.84 -12.52
N ASN A 1221 -5.55 -9.73 -12.89
CA ASN A 1221 -6.94 -9.36 -13.13
C ASN A 1221 -7.64 -9.26 -11.78
N THR A 1222 -7.86 -8.02 -11.31
CA THR A 1222 -8.45 -7.81 -10.00
C THR A 1222 -9.96 -7.71 -10.07
N ALA A 1223 -10.53 -7.88 -11.25
CA ALA A 1223 -11.96 -8.04 -11.39
C ALA A 1223 -12.37 -9.49 -11.43
N ALA A 1224 -11.41 -10.42 -11.27
CA ALA A 1224 -11.65 -11.83 -11.51
C ALA A 1224 -12.73 -12.39 -10.59
N ALA A 1225 -12.84 -11.84 -9.37
CA ALA A 1225 -13.88 -12.31 -8.45
C ALA A 1225 -15.28 -11.93 -8.89
N GLY A 1226 -15.41 -11.11 -9.93
CA GLY A 1226 -16.71 -10.72 -10.46
C GLY A 1226 -17.04 -9.26 -10.30
N GLY A 1227 -16.15 -8.48 -9.70
CA GLY A 1227 -16.39 -7.06 -9.52
C GLY A 1227 -15.09 -6.34 -9.23
N ASN A 1228 -15.18 -5.01 -9.29
CA ASN A 1228 -14.03 -4.12 -9.10
C ASN A 1228 -14.20 -3.41 -7.76
N ALA A 1229 -13.33 -3.73 -6.80
CA ALA A 1229 -13.44 -3.13 -5.48
C ALA A 1229 -13.18 -1.63 -5.52
N SER A 1230 -12.15 -1.20 -6.24
CA SER A 1230 -11.83 0.23 -6.30
C SER A 1230 -12.98 1.03 -6.91
N LEU A 1231 -13.63 0.49 -7.95
CA LEU A 1231 -14.73 1.19 -8.59
C LEU A 1231 -16.01 1.18 -7.76
N MET A 1232 -16.07 0.38 -6.70
CA MET A 1232 -17.22 0.46 -5.78
C MET A 1232 -17.30 1.81 -5.09
N ALA A 1233 -16.19 2.53 -4.97
CA ALA A 1233 -16.17 3.86 -4.38
C ALA A 1233 -16.37 4.96 -5.42
N ILE A 1234 -16.45 4.61 -6.70
CA ILE A 1234 -16.63 5.59 -7.77
C ILE A 1234 -18.10 5.63 -8.14
N GLY A 1235 -18.74 6.76 -7.86
CA GLY A 1235 -20.11 6.99 -8.24
C GLY A 1235 -20.29 8.45 -8.57
N ALA B 16 14.02 18.28 55.92
CA ALA B 16 13.68 17.88 54.56
C ALA B 16 12.36 18.52 54.14
N PRO B 17 12.33 19.08 52.93
CA PRO B 17 11.08 19.69 52.45
C PRO B 17 9.97 18.65 52.36
N ALA B 18 8.76 19.06 52.74
CA ALA B 18 7.63 18.16 52.73
C ALA B 18 7.39 17.67 51.29
N PRO B 19 7.07 16.40 51.11
CA PRO B 19 6.88 15.88 49.74
C PRO B 19 5.78 16.64 49.02
N PHE B 20 6.07 17.06 47.79
CA PHE B 20 5.12 17.69 46.88
C PHE B 20 4.67 19.07 47.34
N ALA B 21 5.31 19.65 48.36
CA ALA B 21 4.88 20.95 48.86
C ALA B 21 5.09 22.07 47.85
N ASP B 22 5.98 21.88 46.89
CA ASP B 22 6.23 22.84 45.83
C ASP B 22 6.15 22.17 44.47
N PHE B 23 5.18 21.27 44.30
CA PHE B 23 5.16 20.44 43.11
C PHE B 23 5.02 21.28 41.84
N ALA B 24 3.96 22.08 41.76
CA ALA B 24 3.73 22.90 40.58
C ALA B 24 2.87 24.12 40.88
N PRO B 25 3.32 25.02 41.75
CA PRO B 25 2.50 26.18 42.09
C PRO B 25 2.29 27.03 40.85
N PRO B 26 1.08 27.54 40.64
CA PRO B 26 0.83 28.40 39.48
C PRO B 26 1.61 29.71 39.60
N VAL B 27 1.85 30.31 38.43
CA VAL B 27 2.53 31.61 38.40
C VAL B 27 1.73 32.64 39.20
N ARG B 28 0.41 32.58 39.12
CA ARG B 28 -0.43 33.51 39.84
C ARG B 28 -1.74 32.82 40.18
N PRO B 29 -2.46 33.30 41.19
CA PRO B 29 -3.81 32.78 41.43
C PRO B 29 -4.64 32.95 40.17
N GLN B 30 -5.39 31.90 39.83
CA GLN B 30 -6.14 31.88 38.58
C GLN B 30 -7.46 32.64 38.77
N SER B 31 -7.61 33.71 38.00
CA SER B 31 -8.83 34.52 38.04
C SER B 31 -9.98 33.74 37.41
N THR B 32 -11.20 34.28 37.57
CA THR B 32 -12.37 33.68 36.95
C THR B 32 -12.16 33.54 35.44
N LEU B 33 -11.64 34.57 34.79
CA LEU B 33 -11.43 34.50 33.35
C LEU B 33 -10.35 33.48 32.99
N ARG B 34 -9.28 33.40 33.78
CA ARG B 34 -8.27 32.38 33.52
C ARG B 34 -8.86 30.99 33.71
N ARG B 35 -9.67 30.82 34.75
CA ARG B 35 -10.26 29.51 34.99
C ARG B 35 -11.20 29.10 33.87
N ALA B 36 -11.89 30.07 33.26
CA ALA B 36 -12.77 29.74 32.15
C ALA B 36 -11.98 29.26 30.94
N ILE B 37 -10.77 29.81 30.74
CA ILE B 37 -9.89 29.31 29.69
C ILE B 37 -9.53 27.86 29.96
N THR B 38 -9.02 27.59 31.15
CA THR B 38 -8.57 26.24 31.47
C THR B 38 -9.71 25.24 31.35
N ALA B 39 -10.91 25.64 31.76
CA ALA B 39 -12.05 24.75 31.71
C ALA B 39 -12.40 24.31 30.30
N ALA B 40 -12.03 25.10 29.30
CA ALA B 40 -12.36 24.80 27.91
C ALA B 40 -11.28 23.99 27.21
N TYR B 41 -10.16 23.73 27.89
CA TYR B 41 -8.95 23.20 27.24
C TYR B 41 -9.27 22.02 26.33
N ARG B 42 -9.99 21.03 26.85
CA ARG B 42 -10.30 19.84 26.05
C ARG B 42 -11.80 19.57 26.01
N ARG B 43 -12.59 20.63 26.01
CA ARG B 43 -14.05 20.50 26.00
C ARG B 43 -14.48 19.72 24.76
N PRO B 44 -15.46 18.83 24.88
CA PRO B 44 -15.92 18.08 23.71
C PRO B 44 -16.35 19.00 22.58
N GLU B 45 -16.05 18.57 21.36
CA GLU B 45 -16.32 19.39 20.19
C GLU B 45 -17.80 19.71 20.06
N THR B 46 -18.67 18.79 20.47
CA THR B 46 -20.10 19.04 20.39
C THR B 46 -20.56 20.07 21.40
N GLU B 47 -19.80 20.29 22.47
CA GLU B 47 -20.12 21.37 23.39
C GLU B 47 -19.53 22.71 22.93
N CYS B 48 -18.42 22.68 22.20
CA CYS B 48 -17.77 23.91 21.77
C CYS B 48 -18.56 24.59 20.66
N LEU B 49 -19.08 23.82 19.73
CA LEU B 49 -19.59 24.40 18.49
C LEU B 49 -20.87 25.23 18.63
N PRO B 50 -21.89 24.79 19.38
CA PRO B 50 -23.15 25.53 19.37
C PRO B 50 -22.99 27.00 19.73
N PRO B 51 -22.25 27.36 20.79
CA PRO B 51 -22.09 28.80 21.06
C PRO B 51 -21.32 29.54 19.97
N LEU B 52 -20.39 28.87 19.29
CA LEU B 52 -19.66 29.51 18.21
C LEU B 52 -20.57 29.73 17.00
N VAL B 53 -21.38 28.72 16.67
CA VAL B 53 -22.36 28.89 15.58
C VAL B 53 -23.26 30.09 15.87
N GLU B 54 -23.76 30.18 17.10
CA GLU B 54 -24.62 31.30 17.47
C GLU B 54 -23.89 32.62 17.33
N ALA B 55 -22.63 32.69 17.79
CA ALA B 55 -21.88 33.93 17.71
C ALA B 55 -21.50 34.27 16.27
N ALA B 56 -21.33 33.27 15.41
CA ALA B 56 -20.92 33.49 14.04
C ALA B 56 -22.07 33.77 13.10
N THR B 57 -23.31 33.67 13.58
CA THR B 57 -24.47 33.81 12.72
C THR B 57 -24.60 35.24 12.21
N GLN B 58 -24.87 35.38 10.92
CA GLN B 58 -25.09 36.68 10.31
C GLN B 58 -26.40 36.66 9.53
N SER B 59 -26.98 37.83 9.37
CA SER B 59 -28.24 37.97 8.65
C SER B 59 -28.09 37.48 7.21
N LYS B 60 -29.23 37.11 6.61
CA LYS B 60 -29.21 36.65 5.23
C LYS B 60 -28.63 37.71 4.31
N GLU B 61 -28.85 38.99 4.61
CA GLU B 61 -28.32 40.06 3.77
C GLU B 61 -26.80 40.05 3.78
N ILE B 62 -26.19 40.00 4.97
CA ILE B 62 -24.74 39.97 5.07
C ILE B 62 -24.17 38.70 4.45
N ARG B 63 -24.82 37.56 4.70
CA ARG B 63 -24.35 36.30 4.14
C ARG B 63 -24.36 36.34 2.61
N ASP B 64 -25.41 36.92 2.02
CA ASP B 64 -25.41 37.14 0.58
C ASP B 64 -24.33 38.13 0.18
N ALA B 65 -24.20 39.23 0.90
CA ALA B 65 -23.18 40.23 0.57
C ALA B 65 -21.79 39.65 0.72
N ALA B 66 -21.58 38.76 1.71
CA ALA B 66 -20.26 38.18 1.91
C ALA B 66 -19.93 37.16 0.82
N ALA B 67 -20.91 36.37 0.40
CA ALA B 67 -20.66 35.41 -0.66
C ALA B 67 -20.33 36.10 -1.98
N SER B 68 -20.92 37.28 -2.22
CA SER B 68 -20.61 38.03 -3.43
C SER B 68 -19.22 38.63 -3.36
N THR B 69 -18.86 39.19 -2.20
CA THR B 69 -17.50 39.70 -2.02
C THR B 69 -16.48 38.57 -2.11
N ALA B 70 -16.77 37.43 -1.49
CA ALA B 70 -15.90 36.27 -1.61
C ALA B 70 -15.78 35.81 -3.05
N ARG B 71 -16.89 35.78 -3.79
CA ARG B 71 -16.84 35.37 -5.19
C ARG B 71 -15.97 36.32 -6.01
N LYS B 72 -16.12 37.63 -5.79
CA LYS B 72 -15.31 38.60 -6.50
C LYS B 72 -13.83 38.43 -6.16
N LEU B 73 -13.51 38.16 -4.89
CA LEU B 73 -12.11 37.97 -4.51
C LEU B 73 -11.55 36.70 -5.15
N ILE B 74 -12.33 35.62 -5.15
CA ILE B 74 -11.84 34.34 -5.69
C ILE B 74 -11.70 34.41 -7.20
N GLU B 75 -12.67 35.01 -7.88
CA GLU B 75 -12.54 35.22 -9.32
C GLU B 75 -11.28 36.01 -9.64
N ALA B 76 -11.04 37.10 -8.89
CA ALA B 76 -9.82 37.87 -9.08
C ALA B 76 -8.59 37.02 -8.85
N LEU B 77 -8.59 36.21 -7.78
CA LEU B 77 -7.48 35.33 -7.49
C LEU B 77 -7.24 34.34 -8.62
N ARG B 78 -8.29 33.67 -9.07
CA ARG B 78 -8.16 32.66 -10.12
C ARG B 78 -7.92 33.28 -11.50
N GLY B 79 -8.17 34.57 -11.67
CA GLY B 79 -7.94 35.20 -12.95
C GLY B 79 -6.48 35.47 -13.26
N LYS B 80 -5.61 35.46 -12.26
CA LYS B 80 -4.23 35.88 -12.44
C LYS B 80 -3.21 34.81 -12.05
N GLY B 85 5.98 29.73 -11.36
CA GLY B 85 7.40 29.71 -11.07
C GLY B 85 8.03 28.35 -11.29
N VAL B 86 7.94 27.49 -10.27
CA VAL B 86 8.43 26.12 -10.42
C VAL B 86 7.65 25.39 -11.50
N GLU B 87 6.35 25.67 -11.63
CA GLU B 87 5.54 25.00 -12.64
C GLU B 87 6.05 25.27 -14.04
N GLY B 88 6.38 26.53 -14.35
CA GLY B 88 6.90 26.86 -15.66
C GLY B 88 8.22 26.19 -15.97
N LEU B 89 9.06 26.02 -14.94
CA LEU B 89 10.33 25.32 -15.14
C LEU B 89 10.10 23.84 -15.44
N VAL B 90 9.19 23.22 -14.70
CA VAL B 90 8.85 21.81 -14.94
C VAL B 90 8.32 21.62 -16.36
N GLN B 91 7.48 22.55 -16.82
CA GLN B 91 6.94 22.44 -18.17
C GLN B 91 8.01 22.67 -19.23
N GLU B 92 8.85 23.70 -19.04
CA GLU B 92 9.84 24.04 -20.05
C GLU B 92 10.82 22.89 -20.30
N TYR B 93 11.24 22.19 -19.24
CA TYR B 93 12.21 21.13 -19.38
C TYR B 93 11.59 19.74 -19.25
N SER B 94 10.27 19.65 -19.25
CA SER B 94 9.56 18.37 -19.20
C SER B 94 10.05 17.53 -18.04
N LEU B 95 10.13 18.15 -16.88
CA LEU B 95 10.63 17.47 -15.70
C LEU B 95 9.55 16.60 -15.08
N SER B 96 9.95 15.43 -14.61
CA SER B 96 9.09 14.70 -13.71
C SER B 96 9.09 15.40 -12.36
N SER B 97 8.18 14.98 -11.47
CA SER B 97 8.16 15.55 -10.13
C SER B 97 9.48 15.31 -9.42
N GLN B 98 9.98 14.07 -9.47
CA GLN B 98 11.25 13.77 -8.81
C GLN B 98 12.39 14.57 -9.42
N GLU B 99 12.36 14.80 -10.74
CA GLU B 99 13.38 15.63 -11.35
C GLU B 99 13.27 17.07 -10.86
N GLY B 100 12.03 17.58 -10.75
CA GLY B 100 11.85 18.93 -10.22
C GLY B 100 12.39 19.05 -8.81
N VAL B 101 12.11 18.06 -7.97
CA VAL B 101 12.61 18.09 -6.60
C VAL B 101 14.13 18.01 -6.60
N ALA B 102 14.68 17.07 -7.37
CA ALA B 102 16.13 16.88 -7.40
C ALA B 102 16.81 18.14 -7.87
N LEU B 103 16.23 18.79 -8.88
CA LEU B 103 16.81 20.01 -9.43
C LEU B 103 16.84 21.12 -8.39
N MET B 104 15.74 21.27 -7.64
CA MET B 104 15.71 22.30 -6.61
C MET B 104 16.70 21.98 -5.49
N CYS B 105 16.87 20.70 -5.16
CA CYS B 105 17.90 20.32 -4.19
C CYS B 105 19.28 20.70 -4.71
N LEU B 106 19.57 20.38 -5.97
CA LEU B 106 20.84 20.77 -6.55
C LEU B 106 20.99 22.29 -6.54
N ALA B 107 19.92 23.00 -6.89
CA ALA B 107 19.99 24.46 -6.92
C ALA B 107 20.27 25.02 -5.53
N GLU B 108 19.60 24.47 -4.51
CA GLU B 108 19.85 24.87 -3.13
C GLU B 108 21.31 24.68 -2.77
N ALA B 109 21.90 23.55 -3.15
CA ALA B 109 23.29 23.29 -2.81
C ALA B 109 24.20 24.26 -3.55
N LEU B 110 23.91 24.54 -4.82
CA LEU B 110 24.73 25.47 -5.57
C LEU B 110 24.65 26.88 -5.00
N LEU B 111 23.51 27.25 -4.41
CA LEU B 111 23.36 28.56 -3.81
C LEU B 111 24.11 28.69 -2.49
N ARG B 112 24.56 27.58 -1.90
CA ARG B 112 25.45 27.66 -0.76
C ARG B 112 26.83 28.16 -1.16
N ILE B 113 27.15 28.13 -2.45
CA ILE B 113 28.36 28.75 -2.98
C ILE B 113 28.08 30.25 -3.11
N PRO B 114 28.73 31.09 -2.31
CA PRO B 114 28.34 32.51 -2.30
C PRO B 114 28.78 33.28 -3.54
N ASP B 115 29.94 32.95 -4.10
CA ASP B 115 30.49 33.70 -5.22
C ASP B 115 29.83 33.25 -6.52
N THR B 116 29.20 34.18 -7.22
CA THR B 116 28.53 33.85 -8.49
C THR B 116 29.50 33.22 -9.48
N ALA B 117 30.70 33.78 -9.61
CA ALA B 117 31.65 33.25 -10.57
C ALA B 117 32.07 31.83 -10.22
N THR B 118 32.36 31.58 -8.95
CA THR B 118 32.74 30.23 -8.53
C THR B 118 31.62 29.24 -8.78
N ARG B 119 30.38 29.65 -8.52
CA ARG B 119 29.24 28.76 -8.72
C ARG B 119 28.99 28.52 -10.21
N ASP B 120 29.03 29.59 -11.01
CA ASP B 120 28.85 29.42 -12.46
C ASP B 120 29.95 28.56 -13.06
N ALA B 121 31.18 28.65 -12.54
CA ALA B 121 32.25 27.81 -13.05
C ALA B 121 32.04 26.34 -12.70
N LEU B 122 31.61 26.06 -11.47
CA LEU B 122 31.33 24.68 -11.09
C LEU B 122 30.22 24.09 -11.94
N ILE B 123 29.21 24.91 -12.25
CA ILE B 123 28.08 24.44 -13.06
C ILE B 123 28.57 24.09 -14.47
N ARG B 124 29.29 25.01 -15.11
CA ARG B 124 29.65 24.82 -16.52
C ARG B 124 30.72 23.74 -16.67
N ASP B 125 31.64 23.63 -15.71
CA ASP B 125 32.81 22.77 -15.87
C ASP B 125 32.71 21.46 -15.09
N LYS B 126 31.78 21.33 -14.16
CA LYS B 126 31.73 20.10 -13.38
C LYS B 126 30.33 19.51 -13.25
N ILE B 127 29.30 20.34 -13.08
CA ILE B 127 27.96 19.81 -12.85
C ILE B 127 27.29 19.43 -14.16
N ALA B 128 27.37 20.30 -15.17
CA ALA B 128 26.64 20.09 -16.41
C ALA B 128 27.10 18.85 -17.16
N ASP B 129 28.31 18.37 -16.90
CA ASP B 129 28.82 17.15 -17.52
C ASP B 129 28.62 15.96 -16.60
N GLY B 130 27.43 15.85 -16.02
CA GLY B 130 27.17 14.82 -15.04
C GLY B 130 28.12 14.93 -13.86
N ASN B 131 28.40 13.79 -13.23
CA ASN B 131 29.39 13.71 -12.15
C ASN B 131 29.11 14.72 -11.05
N TRP B 132 27.84 15.08 -10.87
CA TRP B 132 27.45 16.00 -9.80
C TRP B 132 27.70 15.42 -8.42
N LYS B 133 27.83 14.09 -8.31
CA LYS B 133 27.94 13.47 -7.00
C LYS B 133 29.23 13.89 -6.30
N SER B 134 30.36 13.84 -7.02
CA SER B 134 31.63 14.19 -6.41
C SER B 134 31.71 15.67 -6.08
N HIS B 135 31.19 16.53 -6.97
CA HIS B 135 31.38 17.97 -6.82
C HIS B 135 30.57 18.55 -5.66
N LEU B 136 29.46 17.92 -5.28
CA LEU B 136 28.65 18.42 -4.19
C LEU B 136 28.23 17.30 -3.24
N ARG B 140 27.45 15.04 2.92
CA ARG B 140 26.06 15.39 3.18
C ARG B 140 25.23 15.27 1.90
N SER B 141 24.14 14.51 1.97
CA SER B 141 23.33 14.26 0.80
C SER B 141 22.82 15.57 0.21
N LEU B 142 22.83 15.65 -1.12
CA LEU B 142 22.19 16.78 -1.79
C LEU B 142 20.72 16.90 -1.43
N PHE B 143 20.10 15.81 -0.99
CA PHE B 143 18.65 15.72 -0.89
C PHE B 143 18.16 15.84 0.54
N VAL B 144 18.99 16.35 1.46
CA VAL B 144 18.60 16.50 2.85
C VAL B 144 17.28 17.24 2.99
N ASN B 145 17.05 18.27 2.18
CA ASN B 145 15.84 19.08 2.26
C ASN B 145 14.81 18.73 1.20
N ALA B 146 14.89 17.53 0.63
CA ALA B 146 14.03 17.19 -0.49
C ALA B 146 12.56 17.08 -0.08
N ALA B 147 12.27 16.79 1.19
CA ALA B 147 10.88 16.78 1.62
C ALA B 147 10.26 18.16 1.47
N THR B 148 11.03 19.19 1.80
CA THR B 148 10.54 20.56 1.62
C THR B 148 10.34 20.87 0.15
N TRP B 149 11.34 20.57 -0.69
CA TRP B 149 11.18 20.81 -2.11
C TRP B 149 10.09 19.94 -2.71
N GLY B 150 9.89 18.74 -2.17
CA GLY B 150 8.77 17.93 -2.63
C GLY B 150 7.45 18.63 -2.41
N LEU B 151 7.31 19.29 -1.25
CA LEU B 151 6.10 20.07 -1.01
C LEU B 151 5.98 21.22 -2.00
N VAL B 152 7.11 21.88 -2.29
CA VAL B 152 7.10 22.98 -3.25
C VAL B 152 6.70 22.50 -4.63
N VAL B 153 7.24 21.35 -5.05
CA VAL B 153 7.07 20.91 -6.43
C VAL B 153 5.74 20.18 -6.61
N THR B 154 5.39 19.30 -5.69
CA THR B 154 4.23 18.43 -5.86
C THR B 154 3.05 18.81 -4.97
N GLY B 155 3.26 19.62 -3.94
CA GLY B 155 2.22 19.88 -2.97
C GLY B 155 2.00 18.76 -1.97
N LYS B 156 2.79 17.69 -2.04
CA LYS B 156 2.67 16.56 -1.14
C LYS B 156 3.90 16.49 -0.25
N LEU B 157 3.70 16.10 1.00
CA LEU B 157 4.79 15.99 1.96
C LEU B 157 5.07 14.52 2.24
N THR B 158 6.34 14.13 2.14
CA THR B 158 6.78 12.85 2.64
C THR B 158 7.68 13.08 3.84
N SER B 159 7.69 12.12 4.75
CA SER B 159 8.49 12.28 5.95
C SER B 159 9.97 12.05 5.66
N THR B 160 10.26 11.12 4.76
CA THR B 160 11.61 10.80 4.37
C THR B 160 11.69 10.87 2.85
N VAL B 161 12.91 10.73 2.35
CA VAL B 161 13.29 11.09 1.01
C VAL B 161 13.80 9.84 0.32
N ASN B 162 13.28 9.55 -0.88
CA ASN B 162 13.84 8.46 -1.67
C ASN B 162 15.05 9.03 -2.41
N ASP B 163 16.19 8.95 -1.73
CA ASP B 163 17.42 9.51 -2.28
C ASP B 163 17.93 8.76 -3.49
N ARG B 164 17.61 7.47 -3.63
CA ARG B 164 18.01 6.77 -4.85
C ARG B 164 17.20 7.27 -6.04
N SER B 165 15.90 7.47 -5.84
CA SER B 165 15.06 8.00 -6.90
C SER B 165 15.49 9.41 -7.27
N LEU B 166 15.84 10.21 -6.27
CA LEU B 166 16.24 11.59 -6.58
C LEU B 166 17.60 11.62 -7.25
N ALA B 167 18.54 10.77 -6.82
CA ALA B 167 19.83 10.70 -7.50
C ALA B 167 19.65 10.29 -8.95
N ALA B 168 18.80 9.28 -9.19
CA ALA B 168 18.49 8.87 -10.55
C ALA B 168 17.86 10.02 -11.34
N ALA B 169 16.94 10.74 -10.72
CA ALA B 169 16.27 11.84 -11.43
C ALA B 169 17.24 12.96 -11.75
N LEU B 170 18.15 13.27 -10.83
CA LEU B 170 19.10 14.36 -11.09
C LEU B 170 20.08 13.97 -12.19
N THR B 171 20.59 12.75 -12.14
CA THR B 171 21.42 12.26 -13.23
C THR B 171 20.67 12.33 -14.56
N ARG B 172 19.41 11.90 -14.56
CA ARG B 172 18.65 11.88 -15.80
C ARG B 172 18.45 13.29 -16.34
N LEU B 173 18.06 14.22 -15.47
CA LEU B 173 17.75 15.55 -15.96
C LEU B 173 18.99 16.28 -16.44
N ILE B 174 20.12 16.11 -15.75
CA ILE B 174 21.35 16.77 -16.18
C ILE B 174 21.85 16.16 -17.48
N SER B 175 21.84 14.83 -17.57
CA SER B 175 22.29 14.19 -18.81
C SER B 175 21.38 14.55 -19.97
N ARG B 176 20.11 14.83 -19.69
CA ARG B 176 19.17 15.17 -20.75
C ARG B 176 19.25 16.64 -21.14
N CYS B 177 19.32 17.54 -20.16
CA CYS B 177 19.15 18.97 -20.42
C CYS B 177 20.39 19.81 -20.15
N GLY B 178 21.37 19.29 -19.43
CA GLY B 178 22.64 19.99 -19.30
C GLY B 178 22.57 21.28 -18.50
N GLU B 179 23.54 22.16 -18.80
CA GLU B 179 23.67 23.41 -18.07
C GLU B 179 22.41 24.28 -18.09
N PRO B 180 21.69 24.41 -19.21
CA PRO B 180 20.52 25.31 -19.19
C PRO B 180 19.50 25.00 -18.11
N VAL B 181 19.24 23.73 -17.82
CA VAL B 181 18.28 23.43 -16.77
C VAL B 181 18.85 23.75 -15.40
N ILE B 182 20.16 23.54 -15.21
CA ILE B 182 20.79 23.84 -13.94
C ILE B 182 20.72 25.34 -13.67
N ARG B 183 21.03 26.14 -14.69
CA ARG B 183 20.99 27.59 -14.53
C ARG B 183 19.58 28.07 -14.22
N ARG B 184 18.58 27.55 -14.93
CA ARG B 184 17.20 27.91 -14.64
C ARG B 184 16.80 27.49 -13.23
N GLY B 185 17.22 26.30 -12.80
CA GLY B 185 16.89 25.87 -11.45
C GLY B 185 17.54 26.73 -10.39
N VAL B 186 18.80 27.12 -10.61
CA VAL B 186 19.48 28.00 -9.67
C VAL B 186 18.77 29.35 -9.59
N ASP B 187 18.43 29.92 -10.75
CA ASP B 187 17.74 31.21 -10.77
C ASP B 187 16.39 31.11 -10.08
N MET B 188 15.68 29.99 -10.30
CA MET B 188 14.39 29.79 -9.66
C MET B 188 14.52 29.72 -8.15
N ALA B 189 15.43 28.85 -7.66
CA ALA B 189 15.59 28.67 -6.23
C ALA B 189 16.07 29.97 -5.57
N MET B 190 16.93 30.71 -6.26
CA MET B 190 17.39 31.99 -5.73
C MET B 190 16.22 32.94 -5.52
N ARG B 191 15.29 33.00 -6.47
CA ARG B 191 14.15 33.88 -6.33
C ARG B 191 13.24 33.41 -5.20
N MET B 192 12.97 32.11 -5.13
CA MET B 192 12.08 31.59 -4.09
C MET B 192 12.67 31.83 -2.71
N MET B 193 13.92 31.38 -2.50
CA MET B 193 14.54 31.49 -1.19
CA MET B 193 14.52 31.50 -1.18
C MET B 193 14.96 32.91 -0.84
N GLY B 194 15.10 33.78 -1.83
CA GLY B 194 15.56 35.12 -1.58
C GLY B 194 14.46 36.17 -1.53
N GLU B 195 13.35 35.90 -2.21
CA GLU B 195 12.31 36.91 -2.41
C GLU B 195 10.90 36.44 -2.12
N GLN B 196 10.62 35.13 -2.11
CA GLN B 196 9.28 34.63 -1.86
C GLN B 196 9.14 34.01 -0.47
N PHE B 197 10.02 33.08 -0.10
CA PHE B 197 9.96 32.50 1.23
C PHE B 197 10.29 33.53 2.29
N VAL B 198 11.15 34.49 1.96
CA VAL B 198 11.49 35.59 2.86
C VAL B 198 11.31 36.89 2.11
N THR B 199 11.08 37.95 2.86
CA THR B 199 11.07 39.29 2.28
CA THR B 199 11.08 39.27 2.25
C THR B 199 12.49 39.82 2.07
N GLY B 200 13.47 39.21 2.73
CA GLY B 200 14.85 39.60 2.55
C GLY B 200 15.72 38.76 3.45
N GLU B 201 17.01 38.70 3.09
CA GLU B 201 17.95 37.94 3.90
C GLU B 201 18.36 38.68 5.17
N THR B 202 18.28 40.01 5.16
CA THR B 202 18.58 40.82 6.32
C THR B 202 17.43 41.78 6.55
N ILE B 203 17.37 42.34 7.76
CA ILE B 203 16.28 43.27 8.05
C ILE B 203 16.42 44.53 7.22
N ARG B 204 17.66 44.97 6.96
CA ARG B 204 17.92 46.07 6.04
C ARG B 204 17.23 45.85 4.70
N GLU B 205 17.46 44.68 4.10
CA GLU B 205 16.92 44.38 2.78
C GLU B 205 15.41 44.23 2.82
N ALA B 206 14.90 43.57 3.85
CA ALA B 206 13.46 43.42 4.01
C ALA B 206 12.77 44.78 4.08
N LEU B 207 13.33 45.69 4.89
CA LEU B 207 12.74 47.01 5.03
C LEU B 207 12.76 47.76 3.71
N LYS B 208 13.85 47.62 2.95
CA LYS B 208 13.93 48.31 1.67
C LYS B 208 12.88 47.80 0.70
N ARG B 209 12.67 46.48 0.67
CA ARG B 209 11.69 45.86 -0.23
C ARG B 209 10.26 46.11 0.21
N SER B 210 10.05 46.61 1.43
CA SER B 210 8.71 46.83 1.93
C SER B 210 8.11 48.15 1.46
N LYS B 211 8.92 49.07 0.94
CA LYS B 211 8.40 50.37 0.56
C LYS B 211 7.33 50.26 -0.52
N GLU B 212 7.48 49.33 -1.46
CA GLU B 212 6.56 49.25 -2.60
C GLU B 212 5.13 48.98 -2.15
N LEU B 213 4.94 47.96 -1.32
CA LEU B 213 3.58 47.67 -0.86
C LEU B 213 3.13 48.63 0.23
N GLU B 214 4.06 49.19 1.01
CA GLU B 214 3.68 50.19 1.99
C GLU B 214 3.05 51.41 1.33
N GLU B 215 3.59 51.83 0.17
CA GLU B 215 3.00 52.95 -0.55
C GLU B 215 1.59 52.63 -1.02
N LYS B 216 1.28 51.36 -1.25
CA LYS B 216 -0.06 50.95 -1.65
C LYS B 216 -1.02 50.81 -0.47
N GLY B 217 -0.52 50.87 0.77
CA GLY B 217 -1.36 50.81 1.95
C GLY B 217 -1.17 49.57 2.79
N PHE B 218 -0.26 48.68 2.42
CA PHE B 218 0.09 47.56 3.27
C PHE B 218 0.98 48.04 4.41
N SER B 219 1.03 47.23 5.46
CA SER B 219 2.02 47.39 6.52
C SER B 219 2.73 46.06 6.67
N TYR B 220 3.69 46.02 7.61
CA TYR B 220 4.55 44.85 7.73
C TYR B 220 4.75 44.49 9.19
N SER B 221 4.96 43.21 9.41
CA SER B 221 5.43 42.70 10.69
C SER B 221 6.53 41.70 10.37
N TYR B 222 7.74 41.98 10.83
CA TYR B 222 8.88 41.16 10.46
C TYR B 222 9.13 40.03 11.45
N ASP B 223 9.47 38.87 10.91
CA ASP B 223 9.75 37.65 11.67
C ASP B 223 11.20 37.28 11.39
N MET B 224 12.06 37.42 12.39
CA MET B 224 13.48 37.14 12.20
C MET B 224 13.81 35.64 12.23
N LEU B 225 12.81 34.77 12.24
CA LEU B 225 12.92 33.32 12.06
C LEU B 225 13.36 32.56 13.32
N GLY B 226 13.51 33.23 14.46
CA GLY B 226 13.90 32.51 15.67
C GLY B 226 12.75 31.68 16.21
N GLU B 227 13.08 30.48 16.69
CA GLU B 227 12.05 29.59 17.21
C GLU B 227 12.72 28.45 17.95
N ALA B 228 12.08 27.99 19.02
CA ALA B 228 12.46 26.74 19.69
C ALA B 228 13.96 26.68 19.96
N ALA B 229 14.45 27.67 20.72
CA ALA B 229 15.83 27.63 21.20
C ALA B 229 16.08 26.30 21.89
N THR B 230 17.22 25.68 21.55
CA THR B 230 17.63 24.43 22.17
C THR B 230 18.63 24.67 23.28
N THR B 231 19.46 25.69 23.16
CA THR B 231 20.49 26.00 24.15
C THR B 231 20.35 27.45 24.57
N ALA B 232 21.03 27.76 25.68
CA ALA B 232 21.08 29.15 26.14
C ALA B 232 21.65 30.05 25.05
N ALA B 233 22.66 29.58 24.32
CA ALA B 233 23.28 30.39 23.28
C ALA B 233 22.30 30.68 22.15
N ASP B 234 21.44 29.69 21.81
CA ASP B 234 20.42 29.92 20.81
C ASP B 234 19.50 31.05 21.25
N ALA B 235 19.01 30.96 22.48
CA ALA B 235 18.06 31.94 22.99
C ALA B 235 18.70 33.32 23.06
N GLU B 236 19.97 33.39 23.44
CA GLU B 236 20.64 34.69 23.50
C GLU B 236 20.80 35.26 22.10
N ARG B 237 21.14 34.42 21.14
CA ARG B 237 21.28 34.90 19.77
C ARG B 237 19.95 35.41 19.24
N TYR B 238 18.88 34.64 19.43
CA TYR B 238 17.57 35.09 18.95
C TYR B 238 17.16 36.39 19.63
N TYR B 239 17.46 36.54 20.92
CA TYR B 239 17.19 37.80 21.58
C TYR B 239 17.93 38.95 20.89
N ARG B 240 19.23 38.77 20.66
CA ARG B 240 20.01 39.83 20.02
C ARG B 240 19.52 40.09 18.61
N ASP B 241 19.09 39.05 17.90
CA ASP B 241 18.56 39.26 16.55
C ASP B 241 17.26 40.06 16.59
N TYR B 242 16.38 39.79 17.56
CA TYR B 242 15.17 40.59 17.70
C TYR B 242 15.52 42.02 18.08
N GLU B 243 16.46 42.19 19.01
CA GLU B 243 16.86 43.52 19.44
C GLU B 243 17.38 44.33 18.26
N SER B 244 18.28 43.73 17.48
CA SER B 244 18.83 44.42 16.32
CA SER B 244 18.82 44.42 16.32
CA SER B 244 18.82 44.43 16.33
C SER B 244 17.73 44.75 15.32
N ALA B 245 16.80 43.82 15.12
CA ALA B 245 15.72 44.08 14.18
C ALA B 245 14.82 45.20 14.66
N ILE B 246 14.55 45.25 15.97
CA ILE B 246 13.71 46.33 16.51
C ILE B 246 14.34 47.69 16.25
N HIS B 247 15.65 47.82 16.45
CA HIS B 247 16.30 49.08 16.13
C HIS B 247 16.13 49.44 14.67
N ALA B 248 16.26 48.46 13.77
CA ALA B 248 16.15 48.76 12.36
C ALA B 248 14.71 49.08 11.97
N ILE B 249 13.77 48.26 12.46
CA ILE B 249 12.36 48.49 12.16
C ILE B 249 11.90 49.79 12.78
N GLY B 250 12.35 50.06 14.01
CA GLY B 250 11.94 51.28 14.69
C GLY B 250 12.43 52.52 13.99
N LYS B 251 13.68 52.51 13.52
CA LYS B 251 14.19 53.65 12.79
C LYS B 251 13.49 53.82 11.45
N ALA B 252 13.19 52.70 10.78
CA ALA B 252 12.50 52.78 9.49
C ALA B 252 11.05 53.23 9.68
N SER B 253 10.43 52.82 10.79
CA SER B 253 9.07 53.30 11.08
C SER B 253 9.02 54.81 11.13
N ALA B 254 10.02 55.43 11.76
CA ALA B 254 10.17 56.89 11.74
C ALA B 254 8.90 57.59 12.22
N GLY B 255 8.33 57.09 13.32
CA GLY B 255 7.17 57.72 13.92
C GLY B 255 5.86 57.46 13.22
N ARG B 256 5.79 56.52 12.28
CA ARG B 256 4.53 56.20 11.63
C ARG B 256 3.52 55.56 12.57
N GLY B 257 3.94 55.10 13.75
CA GLY B 257 3.03 54.52 14.69
C GLY B 257 2.77 53.05 14.42
N ILE B 258 1.96 52.46 15.30
CA ILE B 258 1.80 51.01 15.30
C ILE B 258 0.88 50.50 14.20
N TYR B 259 0.05 51.36 13.60
CA TYR B 259 -0.90 50.90 12.60
C TYR B 259 -0.35 51.04 11.18
N GLU B 260 0.08 52.24 10.80
CA GLU B 260 0.69 52.42 9.49
C GLU B 260 2.09 51.83 9.47
N GLY B 261 2.82 51.98 10.55
CA GLY B 261 4.22 51.62 10.58
C GLY B 261 4.44 50.15 10.85
N PRO B 262 5.65 49.68 10.54
CA PRO B 262 5.95 48.26 10.67
C PRO B 262 6.12 47.85 12.12
N GLY B 263 5.98 46.56 12.35
CA GLY B 263 6.21 45.98 13.65
C GLY B 263 7.07 44.73 13.58
N ILE B 264 7.20 44.06 14.70
CA ILE B 264 7.98 42.83 14.77
C ILE B 264 7.12 41.76 15.41
N SER B 265 7.37 40.50 15.04
CA SER B 265 6.70 39.35 15.63
C SER B 265 7.78 38.47 16.24
N ILE B 266 7.54 38.00 17.47
CA ILE B 266 8.50 37.16 18.16
C ILE B 266 7.82 35.88 18.59
N LYS B 267 8.65 34.87 18.82
CA LYS B 267 8.17 33.62 19.39
C LYS B 267 8.83 33.45 20.74
N LEU B 268 8.03 33.25 21.78
CA LEU B 268 8.60 33.07 23.11
C LEU B 268 9.52 31.87 23.16
N SER B 269 9.24 30.81 22.39
CA SER B 269 10.13 29.65 22.40
C SER B 269 11.52 29.99 21.88
N ALA B 270 11.67 31.07 21.12
CA ALA B 270 12.99 31.48 20.67
C ALA B 270 13.81 32.06 21.80
N LEU B 271 13.17 32.53 22.87
CA LEU B 271 13.85 33.35 23.85
C LEU B 271 14.25 32.57 25.09
N HIS B 272 13.92 31.27 25.15
CA HIS B 272 14.36 30.49 26.29
C HIS B 272 14.34 29.03 25.89
N PRO B 273 15.36 28.25 26.26
CA PRO B 273 15.38 26.85 25.85
C PRO B 273 14.43 25.96 26.63
N ARG B 274 13.83 26.46 27.71
CA ARG B 274 12.90 25.69 28.51
C ARG B 274 11.59 26.45 28.67
N TYR B 275 11.03 26.88 27.54
CA TYR B 275 9.75 27.58 27.54
C TYR B 275 8.64 26.54 27.68
N SER B 276 8.24 26.28 28.92
CA SER B 276 7.24 25.26 29.17
C SER B 276 6.63 25.50 30.54
N ARG B 277 5.41 25.01 30.71
CA ARG B 277 4.76 25.12 32.01
C ARG B 277 5.58 24.44 33.10
N ALA B 278 6.25 23.34 32.77
CA ALA B 278 7.07 22.66 33.77
C ALA B 278 8.18 23.54 34.27
N GLN B 279 8.61 24.52 33.49
CA GLN B 279 9.67 25.43 33.90
C GLN B 279 9.14 26.84 34.08
N ALA B 280 7.89 26.97 34.55
CA ALA B 280 7.26 28.28 34.62
C ALA B 280 8.11 29.27 35.42
N ALA B 281 8.75 28.81 36.49
CA ALA B 281 9.52 29.74 37.31
C ALA B 281 10.68 30.31 36.51
N ARG B 282 11.36 29.46 35.73
CA ARG B 282 12.44 29.97 34.89
C ARG B 282 11.90 30.85 33.78
N VAL B 283 10.72 30.51 33.25
CA VAL B 283 10.12 31.35 32.21
C VAL B 283 9.86 32.75 32.75
N MET B 284 9.21 32.84 33.92
CA MET B 284 8.91 34.15 34.48
C MET B 284 10.16 34.88 34.91
N GLY B 285 11.18 34.15 35.37
CA GLY B 285 12.37 34.81 35.88
C GLY B 285 13.39 35.17 34.83
N GLU B 286 13.42 34.43 33.72
CA GLU B 286 14.48 34.58 32.72
C GLU B 286 13.95 34.97 31.35
N LEU B 287 12.85 34.36 30.90
CA LEU B 287 12.29 34.71 29.60
C LEU B 287 11.56 36.05 29.67
N LEU B 288 10.68 36.21 30.65
CA LEU B 288 9.92 37.45 30.80
C LEU B 288 10.78 38.71 30.76
N PRO B 289 11.87 38.82 31.51
CA PRO B 289 12.69 40.05 31.41
C PRO B 289 13.21 40.31 30.01
N ARG B 290 13.46 39.26 29.23
CA ARG B 290 13.90 39.47 27.85
C ARG B 290 12.78 40.02 27.00
N VAL B 291 11.56 39.50 27.15
CA VAL B 291 10.46 40.07 26.39
C VAL B 291 10.22 41.51 26.79
N LYS B 292 10.29 41.78 28.10
CA LYS B 292 10.07 43.15 28.55
C LYS B 292 11.08 44.10 27.92
N ALA B 293 12.35 43.67 27.83
CA ALA B 293 13.37 44.54 27.25
C ALA B 293 13.07 44.81 25.79
N LEU B 294 12.66 43.78 25.04
CA LEU B 294 12.30 43.99 23.64
C LEU B 294 11.07 44.87 23.54
N ALA B 295 10.09 44.64 24.41
CA ALA B 295 8.89 45.46 24.37
C ALA B 295 9.21 46.91 24.69
N LEU B 296 10.14 47.14 25.61
CA LEU B 296 10.54 48.50 25.94
C LEU B 296 11.19 49.19 24.74
N LEU B 297 12.04 48.46 24.01
CA LEU B 297 12.59 49.01 22.77
C LEU B 297 11.48 49.31 21.76
N ALA B 298 10.53 48.38 21.62
CA ALA B 298 9.45 48.61 20.67
C ALA B 298 8.62 49.82 21.09
N LYS B 299 8.37 49.96 22.39
CA LYS B 299 7.63 51.12 22.87
C LYS B 299 8.38 52.40 22.54
N ASN B 300 9.70 52.40 22.76
CA ASN B 300 10.47 53.62 22.51
C ASN B 300 10.42 54.05 21.06
N TYR B 301 10.31 53.11 20.13
CA TYR B 301 10.16 53.42 18.72
C TYR B 301 8.70 53.52 18.30
N ASP B 302 7.78 53.22 19.20
CA ASP B 302 6.35 53.15 18.92
C ASP B 302 6.06 52.25 17.73
N ILE B 303 6.54 51.01 17.81
CA ILE B 303 6.21 49.98 16.83
C ILE B 303 5.45 48.89 17.55
N GLY B 304 4.80 48.04 16.76
CA GLY B 304 4.13 46.87 17.32
C GLY B 304 5.12 45.75 17.59
N LEU B 305 4.90 45.06 18.70
CA LEU B 305 5.65 43.85 19.02
C LEU B 305 4.62 42.78 19.32
N ASN B 306 4.58 41.76 18.48
CA ASN B 306 3.57 40.72 18.56
C ASN B 306 4.17 39.42 19.07
N ILE B 307 3.45 38.77 19.97
CA ILE B 307 3.86 37.45 20.46
C ILE B 307 3.09 36.41 19.66
N ASP B 308 3.79 35.67 18.82
CA ASP B 308 3.18 34.60 18.04
C ASP B 308 2.68 33.50 18.96
N ALA B 309 1.64 32.82 18.54
CA ALA B 309 1.08 31.72 19.31
C ALA B 309 1.66 30.42 18.81
N GLU B 310 2.02 29.54 19.74
CA GLU B 310 2.70 28.30 19.38
C GLU B 310 1.85 27.10 19.78
N GLU B 311 2.45 26.10 20.41
CA GLU B 311 1.73 24.87 20.72
C GLU B 311 0.69 25.15 21.79
N ALA B 312 -0.32 24.29 21.83
CA ALA B 312 -1.44 24.49 22.74
C ALA B 312 -0.99 24.51 24.20
N ASP B 313 0.05 23.72 24.54
CA ASP B 313 0.48 23.67 25.93
C ASP B 313 1.29 24.88 26.34
N ARG B 314 1.48 25.85 25.45
CA ARG B 314 2.14 27.09 25.79
C ARG B 314 1.18 28.26 25.86
N LEU B 315 -0.08 28.05 25.48
CA LEU B 315 -1.04 29.15 25.41
C LEU B 315 -1.17 29.83 26.76
N GLU B 316 -1.56 29.08 27.79
CA GLU B 316 -1.89 29.72 29.05
C GLU B 316 -0.64 30.28 29.72
N LEU B 317 0.50 29.59 29.57
CA LEU B 317 1.75 30.15 30.07
C LEU B 317 2.02 31.51 29.46
N SER B 318 1.78 31.66 28.15
CA SER B 318 2.06 32.94 27.51
C SER B 318 1.17 34.04 28.06
N LEU B 319 -0.01 33.69 28.55
CA LEU B 319 -0.90 34.71 29.12
C LEU B 319 -0.31 35.31 30.38
N ASP B 320 0.45 34.52 31.15
CA ASP B 320 1.09 35.08 32.34
C ASP B 320 2.11 36.14 31.98
N LEU B 321 2.81 35.96 30.85
CA LEU B 321 3.72 37.01 30.42
C LEU B 321 2.96 38.22 29.91
N LEU B 322 1.91 37.99 29.12
CA LEU B 322 1.11 39.11 28.63
C LEU B 322 0.57 39.94 29.78
N GLU B 323 0.12 39.27 30.85
CA GLU B 323 -0.41 39.97 32.01
C GLU B 323 0.62 40.91 32.60
N VAL B 324 1.85 40.41 32.85
CA VAL B 324 2.89 41.25 33.43
C VAL B 324 3.20 42.42 32.51
N LEU B 325 3.33 42.16 31.21
CA LEU B 325 3.71 43.24 30.30
C LEU B 325 2.65 44.33 30.23
N CYS B 326 1.38 43.94 30.28
CA CYS B 326 0.32 44.94 30.20
C CYS B 326 0.22 45.76 31.48
N LEU B 327 0.70 45.23 32.60
CA LEU B 327 0.69 45.95 33.87
C LEU B 327 2.02 46.63 34.18
N ASP B 328 2.98 46.57 33.26
CA ASP B 328 4.30 47.14 33.48
C ASP B 328 4.27 48.62 33.11
N GLY B 329 4.41 49.49 34.11
CA GLY B 329 4.39 50.93 33.88
C GLY B 329 5.48 51.45 32.97
N ASP B 330 6.56 50.68 32.77
CA ASP B 330 7.57 51.13 31.81
C ASP B 330 7.00 51.18 30.40
N LEU B 331 5.96 50.39 30.12
CA LEU B 331 5.34 50.34 28.81
C LEU B 331 4.11 51.24 28.71
N SER B 332 3.94 52.15 29.67
CA SER B 332 2.78 53.02 29.76
C SER B 332 2.44 53.67 28.42
N GLY B 333 1.17 53.61 28.05
CA GLY B 333 0.67 54.32 26.88
C GLY B 333 1.01 53.67 25.56
N TRP B 334 1.74 52.57 25.56
CA TRP B 334 2.13 51.89 24.33
C TRP B 334 1.04 50.89 23.97
N ASN B 335 0.44 51.06 22.79
CA ASN B 335 -0.61 50.16 22.35
C ASN B 335 -0.10 49.17 21.32
N GLY B 336 1.21 48.99 21.25
CA GLY B 336 1.81 48.10 20.29
C GLY B 336 1.99 46.67 20.74
N MET B 337 1.65 46.33 21.98
CA MET B 337 1.74 44.94 22.40
C MET B 337 0.74 44.12 21.61
N GLY B 338 1.22 43.08 20.94
CA GLY B 338 0.37 42.23 20.13
C GLY B 338 0.41 40.79 20.62
N PHE B 339 -0.69 40.09 20.41
CA PHE B 339 -0.81 38.73 20.92
C PHE B 339 -1.70 37.95 19.98
N VAL B 340 -1.23 36.77 19.58
CA VAL B 340 -1.95 35.92 18.64
C VAL B 340 -2.85 34.99 19.44
N VAL B 341 -4.06 34.79 18.93
CA VAL B 341 -4.96 33.75 19.43
CA VAL B 341 -4.95 33.75 19.44
C VAL B 341 -5.37 32.87 18.26
N GLN B 342 -5.39 31.57 18.49
CA GLN B 342 -5.59 30.57 17.46
C GLN B 342 -7.03 30.05 17.52
N ALA B 343 -7.78 30.34 16.46
CA ALA B 343 -9.19 29.98 16.46
C ALA B 343 -9.42 28.48 16.31
N TYR B 344 -8.41 27.70 15.90
CA TYR B 344 -8.62 26.26 15.93
C TYR B 344 -8.62 25.71 17.34
N GLY B 345 -8.32 26.54 18.33
CA GLY B 345 -8.24 26.08 19.70
C GLY B 345 -9.57 26.29 20.41
N LYS B 346 -9.93 25.32 21.24
CA LYS B 346 -11.20 25.37 21.94
C LYS B 346 -11.26 26.48 22.98
N ARG B 347 -10.10 26.97 23.43
CA ARG B 347 -10.09 28.03 24.41
C ARG B 347 -10.20 29.41 23.81
N CYS B 348 -10.15 29.52 22.48
CA CYS B 348 -10.01 30.82 21.82
C CYS B 348 -10.98 31.88 22.31
N PRO B 349 -12.30 31.66 22.34
CA PRO B 349 -13.18 32.74 22.80
C PRO B 349 -12.93 33.13 24.24
N PHE B 350 -12.54 32.17 25.09
CA PHE B 350 -12.29 32.48 26.49
C PHE B 350 -10.97 33.21 26.66
N VAL B 351 -9.98 32.88 25.83
CA VAL B 351 -8.74 33.64 25.82
C VAL B 351 -9.02 35.07 25.38
N LEU B 352 -9.86 35.23 24.36
CA LEU B 352 -10.23 36.58 23.93
C LEU B 352 -10.92 37.35 25.04
N ASP B 353 -11.83 36.70 25.77
CA ASP B 353 -12.46 37.37 26.92
C ASP B 353 -11.41 37.83 27.92
N PHE B 354 -10.43 36.97 28.19
CA PHE B 354 -9.36 37.34 29.10
C PHE B 354 -8.57 38.53 28.59
N ILE B 355 -8.24 38.53 27.29
CA ILE B 355 -7.41 39.59 26.72
C ILE B 355 -8.18 40.90 26.69
N ILE B 356 -9.44 40.85 26.27
CA ILE B 356 -10.26 42.05 26.25
C ILE B 356 -10.38 42.64 27.65
N ASP B 357 -10.58 41.79 28.65
CA ASP B 357 -10.63 42.28 30.02
C ASP B 357 -9.30 42.86 30.46
N LEU B 358 -8.20 42.19 30.12
CA LEU B 358 -6.88 42.72 30.45
C LEU B 358 -6.67 44.08 29.81
N ALA B 359 -7.06 44.22 28.54
CA ALA B 359 -6.93 45.51 27.87
C ALA B 359 -7.72 46.58 28.62
N ARG B 360 -8.96 46.24 29.01
CA ARG B 360 -9.80 47.22 29.70
CA ARG B 360 -9.82 47.21 29.70
C ARG B 360 -9.19 47.63 31.02
N ARG B 361 -8.72 46.66 31.82
CA ARG B 361 -8.26 47.04 33.14
C ARG B 361 -6.85 47.64 33.14
N SER B 362 -6.05 47.38 32.12
CA SER B 362 -4.67 47.88 32.10
C SER B 362 -4.51 49.18 31.33
N GLY B 363 -5.54 49.62 30.61
CA GLY B 363 -5.40 50.82 29.80
C GLY B 363 -4.47 50.65 28.62
N ARG B 364 -4.42 49.45 28.06
CA ARG B 364 -3.61 49.16 26.88
C ARG B 364 -4.57 48.66 25.82
N ARG B 365 -4.50 49.22 24.62
CA ARG B 365 -5.19 48.61 23.51
C ARG B 365 -4.29 47.50 22.98
N ILE B 366 -4.67 46.26 23.24
CA ILE B 366 -3.85 45.13 22.83
C ILE B 366 -4.16 44.81 21.38
N MET B 367 -3.11 44.61 20.58
CA MET B 367 -3.30 44.17 19.21
C MET B 367 -3.49 42.67 19.25
N VAL B 368 -4.60 42.18 18.71
CA VAL B 368 -4.93 40.77 18.79
C VAL B 368 -4.97 40.21 17.38
N ARG B 369 -4.00 39.37 17.07
CA ARG B 369 -3.99 38.70 15.78
C ARG B 369 -4.79 37.42 15.90
N LEU B 370 -5.89 37.34 15.17
CA LEU B 370 -6.68 36.13 15.13
C LEU B 370 -6.20 35.29 13.96
N VAL B 371 -5.72 34.09 14.26
CA VAL B 371 -5.29 33.15 13.25
C VAL B 371 -6.12 31.89 13.41
N LYS B 372 -6.03 31.01 12.43
CA LYS B 372 -6.64 29.70 12.64
C LYS B 372 -5.73 28.82 13.49
N GLY B 373 -4.51 28.58 13.03
CA GLY B 373 -3.54 27.87 13.85
C GLY B 373 -2.63 27.02 13.00
N ALA B 374 -1.34 27.01 13.35
CA ALA B 374 -0.32 26.42 12.48
C ALA B 374 0.13 25.03 12.91
N TYR B 375 -0.38 24.50 14.02
CA TYR B 375 0.19 23.28 14.58
C TYR B 375 -0.79 22.13 14.62
N TRP B 376 -1.76 22.12 13.71
CA TRP B 376 -2.90 21.22 13.85
C TRP B 376 -2.47 19.75 13.89
N ASP B 377 -1.71 19.31 12.89
CA ASP B 377 -1.32 17.89 12.84
C ASP B 377 -0.58 17.51 14.11
N ALA B 378 0.29 18.39 14.59
CA ALA B 378 1.09 18.09 15.78
C ALA B 378 0.20 18.02 17.01
N GLU B 379 -0.82 18.86 17.09
CA GLU B 379 -1.71 18.82 18.25
C GLU B 379 -2.52 17.54 18.27
N ILE B 380 -2.96 17.06 17.10
CA ILE B 380 -3.68 15.79 17.08
C ILE B 380 -2.78 14.67 17.58
N LYS B 381 -1.57 14.59 17.03
CA LYS B 381 -0.65 13.53 17.42
C LYS B 381 -0.34 13.61 18.90
N ARG B 382 -0.07 14.82 19.40
CA ARG B 382 0.35 14.95 20.80
CA ARG B 382 0.34 14.97 20.80
C ARG B 382 -0.75 14.50 21.74
N ALA B 383 -1.98 14.92 21.48
CA ALA B 383 -3.07 14.52 22.37
C ALA B 383 -3.26 13.02 22.34
N GLN B 384 -3.11 12.41 21.16
CA GLN B 384 -3.22 10.95 21.07
C GLN B 384 -2.09 10.27 21.83
N LEU B 385 -0.85 10.73 21.62
CA LEU B 385 0.27 10.13 22.33
C LEU B 385 0.09 10.22 23.84
N ASP B 386 -0.44 11.34 24.31
CA ASP B 386 -0.53 11.57 25.74
C ASP B 386 -1.79 11.01 26.34
N GLY B 387 -2.67 10.41 25.54
CA GLY B 387 -3.88 9.81 26.07
C GLY B 387 -4.78 10.80 26.78
N LEU B 388 -4.88 12.01 26.25
CA LEU B 388 -5.64 13.01 26.98
C LEU B 388 -7.12 12.95 26.60
N ALA B 389 -7.92 13.69 27.37
CA ALA B 389 -9.37 13.51 27.31
C ALA B 389 -9.93 13.86 25.94
N ASP B 390 -9.34 14.85 25.29
CA ASP B 390 -9.80 15.28 23.98
C ASP B 390 -8.67 16.09 23.40
N PHE B 391 -8.87 16.57 22.20
CA PHE B 391 -7.93 17.47 21.58
C PHE B 391 -8.14 18.89 22.09
N PRO B 392 -7.08 19.70 22.09
CA PRO B 392 -7.23 21.12 22.41
C PRO B 392 -7.55 21.97 21.20
N VAL B 393 -7.75 21.31 20.06
CA VAL B 393 -8.10 21.96 18.81
C VAL B 393 -9.28 21.21 18.23
N PHE B 394 -9.98 21.87 17.31
CA PHE B 394 -11.05 21.22 16.56
C PHE B 394 -10.46 20.17 15.62
N THR B 395 -11.33 19.25 15.20
CA THR B 395 -10.91 18.17 14.33
C THR B 395 -11.54 18.24 12.95
N ARG B 396 -12.56 19.08 12.74
CA ARG B 396 -13.07 19.38 11.42
C ARG B 396 -12.68 20.79 11.07
N LYS B 397 -12.17 20.97 9.84
CA LYS B 397 -11.67 22.28 9.44
C LYS B 397 -12.79 23.31 9.46
N ILE B 398 -14.01 22.89 9.12
CA ILE B 398 -15.14 23.81 9.13
C ILE B 398 -15.40 24.33 10.54
N HIS B 399 -15.04 23.55 11.56
CA HIS B 399 -15.22 24.01 12.93
C HIS B 399 -14.28 25.16 13.25
N THR B 400 -13.03 25.04 12.80
CA THR B 400 -12.09 26.15 12.98
C THR B 400 -12.58 27.39 12.25
N ASP B 401 -13.18 27.21 11.07
CA ASP B 401 -13.69 28.35 10.33
C ASP B 401 -14.83 29.03 11.07
N VAL B 402 -15.75 28.25 11.62
CA VAL B 402 -16.82 28.83 12.43
C VAL B 402 -16.23 29.51 13.66
N SER B 403 -15.29 28.85 14.33
CA SER B 403 -14.65 29.43 15.50
C SER B 403 -14.01 30.76 15.17
N TYR B 404 -13.32 30.83 14.03
CA TYR B 404 -12.69 32.06 13.62
C TYR B 404 -13.71 33.17 13.44
N ILE B 405 -14.81 32.87 12.75
CA ILE B 405 -15.82 33.90 12.51
C ILE B 405 -16.48 34.34 13.82
N ALA B 406 -16.75 33.37 14.71
CA ALA B 406 -17.32 33.72 16.00
C ALA B 406 -16.37 34.60 16.81
N CYS B 407 -15.08 34.27 16.78
CA CYS B 407 -14.11 35.06 17.54
C CYS B 407 -13.90 36.42 16.89
N ALA B 408 -13.99 36.49 15.56
CA ALA B 408 -13.98 37.78 14.88
C ALA B 408 -15.16 38.64 15.30
N ALA B 409 -16.34 38.03 15.48
CA ALA B 409 -17.48 38.80 15.97
C ALA B 409 -17.20 39.39 17.35
N LYS B 410 -16.56 38.61 18.21
CA LYS B 410 -16.20 39.10 19.55
C LYS B 410 -15.19 40.24 19.46
N LEU B 411 -14.16 40.07 18.63
CA LEU B 411 -13.15 41.11 18.49
C LEU B 411 -13.74 42.37 17.87
N LEU B 412 -14.57 42.22 16.83
CA LEU B 412 -15.15 43.38 16.16
C LEU B 412 -16.06 44.18 17.08
N ALA B 413 -16.66 43.51 18.08
CA ALA B 413 -17.45 44.20 19.08
C ALA B 413 -16.58 44.91 20.13
N ALA B 414 -15.27 44.68 20.12
CA ALA B 414 -14.39 45.25 21.13
C ALA B 414 -13.29 46.12 20.53
N THR B 415 -13.48 46.64 19.32
CA THR B 415 -12.44 47.42 18.66
C THR B 415 -12.07 48.67 19.43
N ASP B 416 -12.90 49.08 20.39
CA ASP B 416 -12.55 50.16 21.29
C ASP B 416 -11.51 49.74 22.32
N VAL B 417 -11.36 48.44 22.58
CA VAL B 417 -10.46 47.95 23.61
C VAL B 417 -9.28 47.18 23.02
N VAL B 418 -9.42 46.57 21.85
CA VAL B 418 -8.37 45.81 21.23
C VAL B 418 -8.33 46.18 19.76
N PHE B 419 -7.19 45.90 19.13
CA PHE B 419 -7.02 46.13 17.71
C PHE B 419 -7.04 44.78 17.02
N PRO B 420 -8.17 44.37 16.43
CA PRO B 420 -8.25 43.06 15.81
C PRO B 420 -7.44 43.02 14.53
N GLN B 421 -6.71 41.94 14.35
CA GLN B 421 -5.90 41.72 13.17
C GLN B 421 -6.27 40.35 12.62
N PHE B 422 -6.99 40.33 11.51
CA PHE B 422 -7.54 39.08 11.00
C PHE B 422 -6.58 38.48 9.98
N ALA B 423 -5.75 37.56 10.45
CA ALA B 423 -4.77 36.89 9.61
C ALA B 423 -5.43 35.69 8.94
N THR B 424 -5.59 35.76 7.63
CA THR B 424 -6.17 34.65 6.89
C THR B 424 -5.91 34.84 5.41
N HIS B 425 -5.74 33.73 4.70
CA HIS B 425 -5.65 33.74 3.26
C HIS B 425 -6.92 33.25 2.61
N ASN B 426 -7.93 32.96 3.41
CA ASN B 426 -9.20 32.40 2.93
C ASN B 426 -10.14 33.53 2.56
N ALA B 427 -10.48 33.63 1.26
CA ALA B 427 -11.32 34.73 0.78
C ALA B 427 -12.73 34.67 1.38
N GLN B 428 -13.21 33.47 1.71
CA GLN B 428 -14.52 33.36 2.35
C GLN B 428 -14.47 33.93 3.76
N THR B 429 -13.47 33.50 4.56
CA THR B 429 -13.31 34.06 5.89
C THR B 429 -13.18 35.58 5.85
N LEU B 430 -12.34 36.08 4.94
CA LEU B 430 -12.13 37.52 4.82
C LEU B 430 -13.44 38.23 4.49
N ALA B 431 -14.17 37.73 3.50
CA ALA B 431 -15.41 38.38 3.09
C ALA B 431 -16.41 38.42 4.24
N ALA B 432 -16.50 37.33 5.01
CA ALA B 432 -17.43 37.29 6.12
C ALA B 432 -17.12 38.35 7.16
N ILE B 433 -15.83 38.53 7.47
CA ILE B 433 -15.45 39.53 8.45
C ILE B 433 -15.57 40.94 7.90
N TYR B 434 -15.20 41.12 6.62
CA TYR B 434 -15.34 42.41 5.97
C TYR B 434 -16.78 42.92 6.07
N HIS B 435 -17.74 42.05 5.84
CA HIS B 435 -19.13 42.46 5.91
C HIS B 435 -19.63 42.52 7.35
N MET B 436 -19.20 41.57 8.19
CA MET B 436 -19.54 41.63 9.59
C MET B 436 -19.10 42.93 10.24
N ALA B 437 -17.96 43.47 9.81
CA ALA B 437 -17.43 44.69 10.41
C ALA B 437 -18.24 45.93 10.02
N GLY B 438 -19.03 45.84 8.97
CA GLY B 438 -19.91 46.93 8.61
C GLY B 438 -19.24 47.98 7.75
N LYS B 439 -19.98 49.07 7.54
CA LYS B 439 -19.55 50.10 6.61
C LYS B 439 -18.59 51.11 7.23
N ASP B 440 -18.63 51.29 8.54
CA ASP B 440 -17.83 52.32 9.19
C ASP B 440 -16.42 51.78 9.40
N PHE B 441 -15.43 52.38 8.73
CA PHE B 441 -14.07 51.91 8.85
C PHE B 441 -13.09 53.07 8.83
N HIS B 442 -12.02 52.91 9.60
CA HIS B 442 -10.88 53.82 9.56
C HIS B 442 -9.65 52.99 9.90
N VAL B 443 -8.48 53.44 9.43
CA VAL B 443 -7.25 52.77 9.83
C VAL B 443 -7.10 52.89 11.33
N GLY B 444 -6.79 51.76 11.97
CA GLY B 444 -6.72 51.68 13.41
C GLY B 444 -7.90 51.00 14.06
N LYS B 445 -8.99 50.79 13.32
CA LYS B 445 -10.13 50.05 13.87
C LYS B 445 -9.83 48.56 13.90
N TYR B 446 -9.46 47.99 12.76
CA TYR B 446 -8.96 46.64 12.64
C TYR B 446 -8.15 46.59 11.36
N GLU B 447 -7.49 45.45 11.15
CA GLU B 447 -6.79 45.24 9.89
C GLU B 447 -6.87 43.76 9.55
N PHE B 448 -6.53 43.45 8.31
CA PHE B 448 -6.26 42.09 7.93
C PHE B 448 -4.74 41.84 7.97
N GLN B 449 -4.36 40.58 7.92
CA GLN B 449 -2.96 40.22 7.83
C GLN B 449 -2.80 39.03 6.91
N CYS B 450 -1.61 38.94 6.29
CA CYS B 450 -1.31 37.83 5.42
C CYS B 450 0.18 37.54 5.47
N LEU B 451 0.57 36.45 4.85
CA LEU B 451 1.96 36.03 4.82
C LEU B 451 2.60 36.55 3.55
N HIS B 452 3.81 37.09 3.69
CA HIS B 452 4.58 37.52 2.54
C HIS B 452 4.67 36.39 1.52
N GLY B 453 4.54 36.75 0.24
CA GLY B 453 4.74 35.79 -0.83
C GLY B 453 3.65 34.75 -0.94
N MET B 454 2.54 34.94 -0.24
CA MET B 454 1.43 34.00 -0.27
C MET B 454 0.14 34.80 -0.31
N GLY B 455 0.05 35.84 0.50
CA GLY B 455 -1.20 36.56 0.69
C GLY B 455 -1.40 37.78 -0.19
N GLU B 456 -0.32 38.26 -0.83
CA GLU B 456 -0.44 39.45 -1.65
C GLU B 456 -1.46 39.34 -2.78
N PRO B 457 -1.53 38.24 -3.55
CA PRO B 457 -2.57 38.14 -4.58
C PRO B 457 -3.97 38.38 -4.06
N LEU B 458 -4.32 37.81 -2.90
CA LEU B 458 -5.62 38.07 -2.32
C LEU B 458 -5.73 39.52 -1.87
N TYR B 459 -4.75 40.00 -1.12
CA TYR B 459 -4.89 41.30 -0.50
C TYR B 459 -4.64 42.47 -1.43
N GLU B 460 -4.04 42.24 -2.60
CA GLU B 460 -4.04 43.25 -3.65
C GLU B 460 -5.46 43.61 -4.06
N GLU B 461 -6.41 42.73 -3.80
CA GLU B 461 -7.83 42.97 -4.06
C GLU B 461 -8.56 43.57 -2.87
N VAL B 462 -7.83 43.91 -1.80
CA VAL B 462 -8.42 44.39 -0.55
C VAL B 462 -7.91 45.77 -0.19
N VAL B 463 -6.59 45.96 -0.23
CA VAL B 463 -5.98 47.23 0.12
C VAL B 463 -6.21 48.23 -1.01
N GLY B 464 -6.53 49.45 -0.64
CA GLY B 464 -6.62 50.52 -1.63
C GLY B 464 -8.06 50.97 -1.78
N ARG B 465 -8.25 52.29 -1.97
CA ARG B 465 -9.58 52.85 -2.17
C ARG B 465 -10.28 52.22 -3.36
N GLY B 466 -9.53 51.76 -4.35
CA GLY B 466 -10.08 51.06 -5.50
C GLY B 466 -10.46 49.62 -5.27
N LYS B 467 -10.20 49.10 -4.07
CA LYS B 467 -10.55 47.74 -3.72
C LYS B 467 -11.52 47.78 -2.55
N LEU B 468 -11.26 46.97 -1.51
CA LEU B 468 -12.10 47.02 -0.32
C LEU B 468 -11.71 48.14 0.63
N ASP B 469 -10.59 48.82 0.37
CA ASP B 469 -10.13 49.91 1.22
C ASP B 469 -9.95 49.46 2.66
N ARG B 470 -9.35 48.28 2.82
CA ARG B 470 -9.01 47.71 4.11
C ARG B 470 -7.52 47.41 4.14
N PRO B 471 -6.84 47.75 5.24
CA PRO B 471 -5.40 47.55 5.30
C PRO B 471 -5.06 46.10 5.58
N CYS B 472 -3.86 45.73 5.16
CA CYS B 472 -3.34 44.39 5.41
C CYS B 472 -1.90 44.51 5.87
N ARG B 473 -1.58 43.87 6.99
CA ARG B 473 -0.21 43.79 7.48
C ARG B 473 0.40 42.49 6.97
N ILE B 474 1.55 42.62 6.32
CA ILE B 474 2.25 41.46 5.77
C ILE B 474 3.22 40.92 6.81
N TYR B 475 3.06 39.65 7.16
CA TYR B 475 4.01 38.96 8.02
C TYR B 475 5.19 38.58 7.15
N ALA B 476 6.36 39.14 7.48
CA ALA B 476 7.50 39.13 6.57
C ALA B 476 8.65 38.37 7.20
N PRO B 477 8.88 37.11 6.82
CA PRO B 477 10.04 36.39 7.32
C PRO B 477 11.32 37.02 6.78
N VAL B 478 12.34 37.04 7.61
CA VAL B 478 13.61 37.67 7.28
C VAL B 478 14.70 36.69 7.72
N GLY B 479 15.56 36.31 6.79
CA GLY B 479 16.63 35.40 7.17
C GLY B 479 17.18 34.65 5.97
N THR B 480 18.16 33.82 6.28
CA THR B 480 18.97 33.13 5.29
C THR B 480 18.27 31.86 4.81
N HIS B 481 18.86 31.26 3.76
CA HIS B 481 18.28 30.06 3.18
C HIS B 481 18.20 28.92 4.19
N GLU B 482 19.26 28.73 4.99
CA GLU B 482 19.27 27.65 5.97
C GLU B 482 18.19 27.83 7.02
N THR B 483 18.00 29.07 7.50
CA THR B 483 16.98 29.32 8.51
C THR B 483 15.58 29.19 7.93
N LEU B 484 15.38 29.65 6.68
CA LEU B 484 14.05 29.61 6.08
C LEU B 484 13.57 28.17 5.89
N LEU B 485 14.46 27.29 5.43
CA LEU B 485 14.08 25.91 5.16
C LEU B 485 13.73 25.14 6.43
N ALA B 486 14.14 25.64 7.61
CA ALA B 486 14.00 24.91 8.86
C ALA B 486 12.57 24.75 9.33
N TYR B 487 11.62 25.52 8.77
CA TYR B 487 10.22 25.34 9.15
C TYR B 487 9.29 25.68 7.99
N LEU B 488 9.78 25.66 6.75
CA LEU B 488 8.93 25.95 5.61
C LEU B 488 7.89 24.87 5.38
N VAL B 489 8.18 23.63 5.83
CA VAL B 489 7.20 22.56 5.76
C VAL B 489 5.89 22.99 6.42
N ARG B 490 5.96 23.30 7.72
CA ARG B 490 4.79 23.75 8.44
C ARG B 490 4.19 25.00 7.80
N ARG B 491 5.04 25.88 7.27
CA ARG B 491 4.56 27.10 6.63
C ARG B 491 3.71 26.79 5.41
N LEU B 492 4.20 25.91 4.53
CA LEU B 492 3.49 25.60 3.30
C LEU B 492 2.27 24.74 3.54
N LEU B 493 2.32 23.86 4.56
CA LEU B 493 1.20 22.96 4.82
C LEU B 493 -0.05 23.71 5.26
N GLU B 494 0.09 24.95 5.75
CA GLU B 494 -1.06 25.75 6.17
C GLU B 494 -1.87 26.18 4.95
N ALA B 497 -2.15 21.60 2.43
CA ALA B 497 -3.06 20.51 2.76
C ALA B 497 -4.30 20.59 1.89
N ASN B 498 -4.92 19.43 1.62
CA ASN B 498 -6.06 19.38 0.72
C ASN B 498 -7.21 20.24 1.19
N SER B 499 -7.33 20.45 2.50
CA SER B 499 -8.39 21.27 3.06
C SER B 499 -8.03 22.75 3.12
N SER B 500 -6.79 23.10 2.80
CA SER B 500 -6.36 24.49 2.89
C SER B 500 -6.93 25.30 1.74
N PHE B 501 -7.29 26.56 2.02
CA PHE B 501 -7.75 27.44 0.96
C PHE B 501 -6.70 27.64 -0.12
N VAL B 502 -5.43 27.58 0.25
CA VAL B 502 -4.36 27.80 -0.73
C VAL B 502 -4.22 26.63 -1.69
N HIS B 503 -4.48 25.41 -1.22
CA HIS B 503 -4.51 24.28 -2.14
C HIS B 503 -5.80 24.24 -2.93
N ARG B 504 -6.92 24.62 -2.31
CA ARG B 504 -8.21 24.50 -2.96
C ARG B 504 -8.41 25.56 -4.04
N ILE B 505 -7.88 26.76 -3.83
CA ILE B 505 -8.00 27.82 -4.83
C ILE B 505 -7.34 27.41 -6.15
N ASN B 506 -6.35 26.52 -6.09
CA ASN B 506 -5.61 26.08 -7.27
C ASN B 506 -6.04 24.72 -7.77
N ASP B 507 -7.13 24.17 -7.24
CA ASP B 507 -7.64 22.90 -7.73
C ASP B 507 -8.84 23.17 -8.63
N PRO B 508 -8.74 22.93 -9.94
CA PRO B 508 -9.89 23.19 -10.82
C PRO B 508 -11.08 22.28 -10.56
N LYS B 509 -10.90 21.19 -9.80
CA LYS B 509 -12.01 20.34 -9.40
C LYS B 509 -12.86 20.98 -8.30
N VAL B 510 -12.47 22.13 -7.78
CA VAL B 510 -13.21 22.83 -6.73
C VAL B 510 -13.75 24.13 -7.31
N SER B 511 -15.06 24.33 -7.17
CA SER B 511 -15.73 25.48 -7.77
C SER B 511 -15.68 26.68 -6.83
N ILE B 512 -15.95 27.85 -7.40
CA ILE B 512 -16.08 29.04 -6.57
C ILE B 512 -17.24 28.89 -5.60
N ASP B 513 -18.28 28.15 -5.99
CA ASP B 513 -19.40 27.90 -5.09
C ASP B 513 -18.97 27.12 -3.86
N GLU B 514 -18.17 26.07 -4.05
CA GLU B 514 -17.67 25.32 -2.91
C GLU B 514 -16.81 26.19 -2.00
N LEU B 515 -16.03 27.10 -2.60
CA LEU B 515 -15.11 27.93 -1.82
C LEU B 515 -15.85 29.02 -1.05
N ILE B 516 -17.01 29.46 -1.55
CA ILE B 516 -17.78 30.50 -0.88
C ILE B 516 -18.84 29.93 0.06
N ALA B 517 -18.89 28.61 0.20
CA ALA B 517 -19.81 27.99 1.15
C ALA B 517 -19.61 28.59 2.53
N ASP B 518 -20.71 28.92 3.19
CA ASP B 518 -20.68 29.52 4.52
C ASP B 518 -20.44 28.40 5.53
N PRO B 519 -19.29 28.36 6.20
CA PRO B 519 -19.07 27.30 7.20
C PRO B 519 -20.10 27.33 8.31
N VAL B 520 -20.56 28.52 8.70
CA VAL B 520 -21.53 28.64 9.77
C VAL B 520 -22.81 27.90 9.42
N GLU B 521 -23.33 28.12 8.21
CA GLU B 521 -24.57 27.47 7.84
C GLU B 521 -24.40 25.98 7.57
N VAL B 522 -23.24 25.57 7.06
CA VAL B 522 -22.98 24.16 6.86
C VAL B 522 -22.94 23.44 8.20
N VAL B 523 -22.23 24.00 9.19
CA VAL B 523 -22.17 23.39 10.51
C VAL B 523 -23.56 23.35 11.14
N ARG B 524 -24.32 24.44 11.01
CA ARG B 524 -25.64 24.50 11.63
C ARG B 524 -26.54 23.38 11.13
N ALA B 525 -26.37 22.96 9.87
CA ALA B 525 -27.25 21.99 9.25
C ALA B 525 -26.79 20.55 9.45
N MET B 526 -25.67 20.33 10.13
CA MET B 526 -25.21 18.97 10.35
C MET B 526 -26.11 18.28 11.37
N PRO B 527 -26.27 16.96 11.27
CA PRO B 527 -27.18 16.25 12.20
C PRO B 527 -26.77 16.41 13.65
N VAL B 528 -25.48 16.36 13.94
CA VAL B 528 -24.95 16.58 15.28
C VAL B 528 -23.96 17.73 15.17
N VAL B 529 -24.36 18.91 15.64
CA VAL B 529 -23.50 20.08 15.51
C VAL B 529 -22.23 19.85 16.31
N GLY B 530 -21.09 20.00 15.65
CA GLY B 530 -19.83 19.89 16.34
C GLY B 530 -19.30 18.49 16.52
N ALA B 531 -19.84 17.51 15.79
CA ALA B 531 -19.30 16.16 15.88
C ALA B 531 -17.84 16.12 15.46
N LYS B 532 -17.04 15.37 16.22
CA LYS B 532 -15.65 15.12 15.88
C LYS B 532 -15.55 14.55 14.48
N HIS B 533 -14.43 14.83 13.82
CA HIS B 533 -14.15 14.21 12.54
C HIS B 533 -14.26 12.70 12.65
N ASP B 534 -14.95 12.08 11.69
CA ASP B 534 -15.18 10.65 11.73
C ASP B 534 -13.90 9.83 11.59
N ARG B 535 -12.83 10.43 11.04
CA ARG B 535 -11.62 9.69 10.75
C ARG B 535 -10.46 10.07 11.66
N ILE B 536 -10.72 10.77 12.75
CA ILE B 536 -9.70 11.08 13.76
C ILE B 536 -10.16 10.48 15.06
N ALA B 537 -9.36 9.59 15.62
CA ALA B 537 -9.76 8.92 16.85
C ALA B 537 -9.47 9.82 18.04
N LEU B 538 -10.43 9.92 18.96
CA LEU B 538 -10.09 10.46 20.27
C LEU B 538 -8.97 9.62 20.84
N PRO B 539 -8.10 10.20 21.68
CA PRO B 539 -7.02 9.41 22.27
C PRO B 539 -7.52 8.15 22.93
N ALA B 540 -8.67 8.20 23.61
CA ALA B 540 -9.18 7.00 24.27
C ALA B 540 -9.56 5.91 23.27
N GLU B 541 -9.77 6.27 22.01
CA GLU B 541 -10.35 5.36 21.03
C GLU B 541 -9.34 4.93 19.96
N LEU B 542 -8.05 5.09 20.23
CA LEU B 542 -7.04 4.73 19.24
C LEU B 542 -7.15 3.29 18.79
N PHE B 543 -7.63 2.40 19.66
CA PHE B 543 -7.71 0.99 19.36
C PHE B 543 -9.12 0.54 19.03
N GLY B 544 -10.03 1.50 18.84
CA GLY B 544 -11.37 1.16 18.41
C GLY B 544 -12.05 0.23 19.39
N ASP B 545 -12.77 -0.75 18.86
CA ASP B 545 -13.55 -1.63 19.71
C ASP B 545 -12.68 -2.63 20.47
N ALA B 546 -11.39 -2.74 20.16
CA ALA B 546 -10.56 -3.76 20.82
C ALA B 546 -10.38 -3.47 22.29
N ARG B 547 -10.13 -2.22 22.65
CA ARG B 547 -9.89 -1.87 24.04
C ARG B 547 -9.82 -0.35 24.14
N THR B 548 -9.94 0.13 25.35
CA THR B 548 -9.85 1.55 25.63
C THR B 548 -8.41 1.90 25.95
N ASN B 549 -7.89 2.92 25.28
CA ASN B 549 -6.54 3.37 25.52
C ASN B 549 -6.43 3.94 26.93
N SER B 550 -5.30 3.70 27.57
CA SER B 550 -5.08 4.32 28.87
C SER B 550 -5.05 5.83 28.70
N ALA B 551 -5.45 6.53 29.75
CA ALA B 551 -5.48 7.98 29.75
C ALA B 551 -4.35 8.52 30.59
N GLY B 552 -3.75 9.62 30.15
CA GLY B 552 -2.76 10.33 30.90
C GLY B 552 -3.36 11.48 31.67
N LEU B 553 -2.50 12.40 32.05
CA LEU B 553 -2.91 13.61 32.75
C LEU B 553 -2.19 14.75 32.09
N ASP B 554 -2.88 15.88 31.96
CA ASP B 554 -2.32 17.04 31.25
C ASP B 554 -1.59 17.91 32.25
N LEU B 555 -0.27 17.82 32.26
CA LEU B 555 0.53 18.59 33.20
C LEU B 555 0.71 20.03 32.78
N SER B 556 0.03 20.47 31.71
CA SER B 556 -0.07 21.89 31.39
C SER B 556 -1.40 22.48 31.82
N ASN B 557 -2.29 21.67 32.37
CA ASN B 557 -3.62 22.11 32.77
C ASN B 557 -3.58 22.50 34.24
N GLU B 558 -3.87 23.77 34.54
CA GLU B 558 -3.77 24.21 35.93
C GLU B 558 -4.76 23.51 36.84
N GLU B 559 -5.95 23.16 36.35
CA GLU B 559 -6.88 22.38 37.16
C GLU B 559 -6.25 21.05 37.51
N THR B 560 -5.66 20.40 36.51
CA THR B 560 -5.02 19.12 36.75
C THR B 560 -3.86 19.27 37.71
N LEU B 561 -3.04 20.30 37.54
CA LEU B 561 -1.89 20.46 38.41
C LEU B 561 -2.34 20.70 39.84
N ALA B 562 -3.40 21.48 40.03
CA ALA B 562 -3.89 21.76 41.38
C ALA B 562 -4.45 20.50 42.03
N SER B 563 -5.24 19.73 41.29
CA SER B 563 -5.80 18.51 41.88
C SER B 563 -4.72 17.47 42.07
N LEU B 564 -3.80 17.37 41.12
CA LEU B 564 -2.69 16.43 41.27
C LEU B 564 -1.85 16.78 42.48
N THR B 565 -1.55 18.07 42.67
CA THR B 565 -0.76 18.48 43.82
C THR B 565 -1.38 17.96 45.10
N GLU B 566 -2.70 18.10 45.24
CA GLU B 566 -3.35 17.65 46.45
C GLU B 566 -3.31 16.15 46.57
N ALA B 567 -3.52 15.43 45.47
CA ALA B 567 -3.47 13.98 45.52
C ALA B 567 -2.06 13.50 45.81
N LEU B 568 -1.04 14.17 45.27
CA LEU B 568 0.33 13.77 45.54
C LEU B 568 0.68 14.00 46.99
N ARG B 569 0.35 15.19 47.52
CA ARG B 569 0.57 15.44 48.94
C ARG B 569 -0.14 14.40 49.79
N GLU B 570 -1.39 14.09 49.46
CA GLU B 570 -2.13 13.11 50.23
C GLU B 570 -1.49 11.74 50.15
N SER B 571 -0.90 11.40 48.99
CA SER B 571 -0.26 10.10 48.85
C SER B 571 0.92 9.99 49.81
N ALA B 572 1.60 11.10 50.06
CA ALA B 572 2.75 11.04 50.94
C ALA B 572 2.36 10.89 52.41
N ALA B 573 1.12 11.19 52.76
CA ALA B 573 0.64 11.02 54.12
C ALA B 573 0.13 9.61 54.40
N MET B 574 0.08 8.75 53.39
CA MET B 574 -0.46 7.40 53.57
C MET B 574 0.62 6.48 54.08
N LYS B 575 0.20 5.47 54.84
CA LYS B 575 1.11 4.43 55.29
C LYS B 575 1.20 3.38 54.20
N TRP B 576 2.31 3.40 53.47
CA TRP B 576 2.57 2.45 52.40
C TRP B 576 3.37 1.29 52.94
N THR B 577 2.86 0.09 52.72
CA THR B 577 3.52 -1.12 53.18
C THR B 577 3.54 -2.13 52.04
N ALA B 578 4.43 -3.10 52.17
CA ALA B 578 4.46 -4.24 51.29
C ALA B 578 4.79 -5.43 52.15
N LEU B 579 3.96 -6.45 52.10
CA LEU B 579 4.08 -7.60 52.97
C LEU B 579 4.09 -8.85 52.13
N PRO B 580 4.60 -9.97 52.66
CA PRO B 580 4.37 -11.25 51.99
C PRO B 580 2.90 -11.59 52.10
N GLN B 581 2.18 -11.38 51.01
CA GLN B 581 0.75 -11.59 51.00
C GLN B 581 0.50 -12.98 50.43
N LEU B 582 0.40 -13.96 51.32
CA LEU B 582 0.09 -15.32 50.90
C LEU B 582 -1.42 -15.47 50.80
N ALA B 583 -1.84 -16.62 50.25
CA ALA B 583 -3.27 -16.87 50.10
C ALA B 583 -3.99 -16.79 51.45
N THR B 584 -3.33 -17.21 52.50
CA THR B 584 -3.92 -17.29 53.84
C THR B 584 -3.77 -15.99 54.63
N GLY B 585 -3.19 -14.95 54.04
CA GLY B 585 -3.00 -13.71 54.74
C GLY B 585 -1.54 -13.29 54.72
N PRO B 586 -1.25 -12.10 55.23
CA PRO B 586 0.15 -11.63 55.24
C PRO B 586 0.95 -12.44 56.23
N ALA B 587 2.18 -12.72 55.85
CA ALA B 587 3.10 -13.46 56.69
C ALA B 587 4.08 -12.50 57.36
N ALA B 588 4.62 -12.96 58.48
CA ALA B 588 5.64 -12.20 59.17
C ALA B 588 6.97 -12.32 58.44
N GLY B 589 7.85 -11.36 58.67
CA GLY B 589 9.15 -11.40 58.05
C GLY B 589 10.00 -10.25 58.55
N GLU B 590 11.19 -10.14 57.95
CA GLU B 590 12.10 -9.06 58.28
C GLU B 590 11.62 -7.77 57.62
N THR B 591 11.50 -6.71 58.40
CA THR B 591 10.91 -5.46 57.92
C THR B 591 11.97 -4.37 57.87
N ARG B 592 11.94 -3.58 56.80
CA ARG B 592 12.83 -2.43 56.71
C ARG B 592 12.10 -1.28 56.04
N THR B 593 12.68 -0.10 56.16
CA THR B 593 12.09 1.08 55.56
C THR B 593 12.47 1.16 54.08
N VAL B 594 11.58 1.78 53.32
CA VAL B 594 11.81 2.10 51.92
C VAL B 594 12.02 3.61 51.86
N LEU B 595 13.16 4.02 51.33
CA LEU B 595 13.57 5.42 51.34
C LEU B 595 13.51 5.99 49.94
N ASN B 596 13.21 7.27 49.85
CA ASN B 596 13.19 7.95 48.59
C ASN B 596 14.62 8.00 48.04
N PRO B 597 14.90 7.43 46.86
CA PRO B 597 16.28 7.48 46.35
C PRO B 597 16.79 8.87 46.13
N GLY B 598 15.90 9.85 45.93
CA GLY B 598 16.34 11.22 45.75
C GLY B 598 16.54 11.98 47.04
N ASP B 599 16.14 11.39 48.17
CA ASP B 599 16.31 12.03 49.46
C ASP B 599 16.06 10.97 50.52
N HIS B 600 17.13 10.42 51.07
CA HIS B 600 16.96 9.32 52.02
C HIS B 600 16.27 9.75 53.31
N ARG B 601 16.13 11.05 53.56
CA ARG B 601 15.38 11.51 54.71
C ARG B 601 13.89 11.32 54.51
N ASP B 602 13.44 11.09 53.28
CA ASP B 602 12.03 10.92 52.98
C ASP B 602 11.71 9.44 53.04
N VAL B 603 11.09 9.01 54.13
CA VAL B 603 10.69 7.62 54.30
C VAL B 603 9.38 7.40 53.55
N VAL B 604 9.42 6.50 52.57
CA VAL B 604 8.24 6.30 51.75
C VAL B 604 7.31 5.25 52.35
N GLY B 605 7.87 4.23 52.97
CA GLY B 605 7.04 3.17 53.48
C GLY B 605 7.90 2.10 54.10
N SER B 606 7.31 0.93 54.23
CA SER B 606 7.98 -0.18 54.90
CA SER B 606 7.97 -0.19 54.91
CA SER B 606 7.93 -0.19 54.94
C SER B 606 7.70 -1.46 54.13
N VAL B 607 8.70 -2.32 54.05
CA VAL B 607 8.56 -3.60 53.37
C VAL B 607 8.91 -4.70 54.35
N THR B 608 8.05 -5.71 54.42
CA THR B 608 8.33 -6.94 55.13
C THR B 608 8.69 -7.99 54.10
N GLU B 609 9.89 -8.54 54.21
CA GLU B 609 10.36 -9.42 53.17
C GLU B 609 10.07 -10.88 53.51
N THR B 610 9.98 -11.69 52.46
CA THR B 610 9.45 -13.05 52.54
C THR B 610 10.59 -14.00 52.91
N SER B 611 10.33 -14.87 53.88
CA SER B 611 11.28 -15.93 54.16
C SER B 611 11.25 -16.96 53.03
N GLU B 612 12.36 -17.67 52.86
CA GLU B 612 12.39 -18.70 51.83
C GLU B 612 11.35 -19.78 52.10
N GLU B 613 11.09 -20.09 53.37
CA GLU B 613 10.05 -21.05 53.70
C GLU B 613 8.67 -20.56 53.26
N ASP B 614 8.38 -19.27 53.48
CA ASP B 614 7.09 -18.75 53.06
C ASP B 614 7.00 -18.65 51.54
N ALA B 615 8.12 -18.41 50.86
CA ALA B 615 8.10 -18.45 49.41
C ALA B 615 7.68 -19.83 48.92
N ARG B 616 8.25 -20.89 49.51
CA ARG B 616 7.86 -22.24 49.12
C ARG B 616 6.41 -22.51 49.51
N ARG B 617 5.99 -22.06 50.69
CA ARG B 617 4.60 -22.22 51.08
C ARG B 617 3.67 -21.52 50.08
N ALA B 618 4.05 -20.32 49.63
CA ALA B 618 3.22 -19.63 48.65
C ALA B 618 3.04 -20.46 47.40
N VAL B 619 4.11 -21.10 46.93
CA VAL B 619 3.98 -21.88 45.70
C VAL B 619 3.06 -23.07 45.94
N ARG B 620 3.16 -23.70 47.10
CA ARG B 620 2.23 -24.79 47.40
C ARG B 620 0.79 -24.29 47.43
N LEU B 621 0.55 -23.12 48.02
CA LEU B 621 -0.80 -22.57 48.05
C LEU B 621 -1.29 -22.26 46.64
N ALA B 622 -0.39 -21.77 45.78
CA ALA B 622 -0.77 -21.50 44.40
C ALA B 622 -1.11 -22.79 43.66
N ALA B 623 -0.32 -23.84 43.88
CA ALA B 623 -0.60 -25.11 43.23
C ALA B 623 -1.95 -25.65 43.67
N ASP B 624 -2.28 -25.51 44.97
CA ASP B 624 -3.57 -25.98 45.45
C ASP B 624 -4.71 -25.26 44.79
N ALA B 625 -4.55 -23.96 44.55
CA ALA B 625 -5.59 -23.12 43.98
C ALA B 625 -5.59 -23.15 42.46
N ALA B 626 -4.62 -23.79 41.85
CA ALA B 626 -4.48 -23.71 40.40
C ALA B 626 -5.72 -24.18 39.65
N PRO B 627 -6.34 -25.32 39.97
CA PRO B 627 -7.53 -25.73 39.22
C PRO B 627 -8.70 -24.76 39.34
N ASP B 628 -8.90 -24.16 40.52
CA ASP B 628 -10.04 -23.25 40.68
C ASP B 628 -9.88 -22.00 39.83
N TRP B 629 -8.66 -21.48 39.73
CA TRP B 629 -8.45 -20.31 38.90
C TRP B 629 -8.52 -20.67 37.42
N ALA B 630 -7.95 -21.80 37.03
CA ALA B 630 -8.04 -22.23 35.64
C ALA B 630 -9.48 -22.38 35.21
N ALA B 631 -10.37 -22.74 36.15
CA ALA B 631 -11.78 -22.96 35.85
C ALA B 631 -12.58 -21.68 35.68
N VAL B 632 -12.02 -20.53 36.05
CA VAL B 632 -12.68 -19.26 35.82
C VAL B 632 -12.60 -19.03 34.32
N PRO B 633 -13.72 -18.80 33.64
CA PRO B 633 -13.68 -18.69 32.19
C PRO B 633 -12.76 -17.57 31.76
N PRO B 634 -12.08 -17.73 30.64
CA PRO B 634 -11.15 -16.68 30.19
C PRO B 634 -11.77 -15.31 30.12
N SER B 635 -13.01 -15.18 29.66
CA SER B 635 -13.59 -13.84 29.57
C SER B 635 -13.80 -13.24 30.95
N GLU B 636 -14.04 -14.08 31.97
CA GLU B 636 -14.17 -13.58 33.33
C GLU B 636 -12.80 -13.22 33.92
N ARG B 637 -11.77 -13.99 33.59
CA ARG B 637 -10.43 -13.59 34.00
C ARG B 637 -10.07 -12.27 33.35
N ALA B 638 -10.40 -12.11 32.07
CA ALA B 638 -10.13 -10.85 31.38
C ALA B 638 -10.90 -9.71 32.00
N ALA B 639 -12.12 -9.96 32.46
CA ALA B 639 -12.90 -8.90 33.10
C ALA B 639 -12.22 -8.42 34.37
N CYS B 640 -11.54 -9.31 35.09
CA CYS B 640 -10.76 -8.88 36.26
C CYS B 640 -9.68 -7.92 35.85
N LEU B 641 -8.96 -8.25 34.77
CA LEU B 641 -7.91 -7.35 34.29
C LEU B 641 -8.50 -6.01 33.91
N ASP B 642 -9.62 -6.01 33.21
CA ASP B 642 -10.24 -4.76 32.82
C ASP B 642 -10.69 -3.95 34.04
N ARG B 643 -11.23 -4.64 35.06
CA ARG B 643 -11.58 -3.92 36.28
C ARG B 643 -10.36 -3.33 36.95
N ALA B 644 -9.26 -4.09 36.96
CA ALA B 644 -8.04 -3.58 37.56
C ALA B 644 -7.55 -2.35 36.81
N ALA B 645 -7.70 -2.36 35.49
CA ALA B 645 -7.27 -1.19 34.72
C ALA B 645 -8.10 0.03 35.06
N GLU B 646 -9.42 -0.15 35.25
CA GLU B 646 -10.26 0.96 35.66
C GLU B 646 -9.82 1.52 37.00
N LEU B 647 -9.46 0.64 37.93
CA LEU B 647 -9.04 1.12 39.24
C LEU B 647 -7.72 1.87 39.14
N MET B 648 -6.76 1.34 38.39
CA MET B 648 -5.49 2.04 38.23
C MET B 648 -5.69 3.39 37.57
N GLN B 649 -6.59 3.44 36.58
CA GLN B 649 -6.86 4.71 35.91
C GLN B 649 -7.42 5.72 36.90
N ALA B 650 -8.39 5.30 37.70
CA ALA B 650 -9.03 6.21 38.65
C ALA B 650 -8.07 6.65 39.73
N ARG B 651 -7.16 5.78 40.13
CA ARG B 651 -6.25 6.05 41.23
C ARG B 651 -4.88 6.51 40.75
N MET B 652 -4.75 6.77 39.45
CA MET B 652 -3.47 7.21 38.91
C MET B 652 -2.81 8.33 39.72
N PRO B 653 -3.51 9.39 40.15
CA PRO B 653 -2.80 10.45 40.88
C PRO B 653 -2.10 9.95 42.14
N THR B 654 -2.76 9.07 42.91
CA THR B 654 -2.13 8.50 44.09
C THR B 654 -0.98 7.57 43.72
N LEU B 655 -1.17 6.74 42.69
CA LEU B 655 -0.09 5.86 42.25
C LEU B 655 1.12 6.66 41.81
N LEU B 656 0.90 7.78 41.11
CA LEU B 656 2.02 8.63 40.71
C LEU B 656 2.83 9.07 41.90
N GLY B 657 2.15 9.51 42.96
CA GLY B 657 2.85 9.97 44.14
C GLY B 657 3.77 8.92 44.70
N LEU B 658 3.30 7.67 44.71
CA LEU B 658 4.14 6.61 45.25
C LEU B 658 5.29 6.31 44.31
N ILE B 659 5.03 6.23 43.01
CA ILE B 659 6.10 5.92 42.05
C ILE B 659 7.16 7.01 42.04
N ILE B 660 6.72 8.27 42.10
CA ILE B 660 7.66 9.39 42.11
C ILE B 660 8.62 9.26 43.28
N ARG B 661 8.09 8.94 44.45
CA ARG B 661 8.91 8.94 45.65
C ARG B 661 9.66 7.63 45.84
N GLU B 662 9.10 6.50 45.39
CA GLU B 662 9.77 5.22 45.63
C GLU B 662 10.83 4.93 44.59
N ALA B 663 10.59 5.31 43.33
CA ALA B 663 11.42 4.86 42.23
C ALA B 663 12.17 5.99 41.55
N GLY B 664 12.13 7.20 42.09
CA GLY B 664 12.88 8.30 41.51
C GLY B 664 12.36 8.77 40.18
N LYS B 665 11.08 8.58 39.91
CA LYS B 665 10.51 8.95 38.64
C LYS B 665 9.97 10.35 38.69
N SER B 666 10.07 11.05 37.57
CA SER B 666 9.34 12.30 37.40
C SER B 666 7.85 12.02 37.20
N ALA B 667 7.05 13.08 37.32
CA ALA B 667 5.62 12.93 37.12
C ALA B 667 5.31 12.36 35.75
N LEU B 668 5.96 12.86 34.69
CA LEU B 668 5.67 12.35 33.35
C LEU B 668 6.01 10.88 33.25
N ASN B 669 7.14 10.47 33.81
CA ASN B 669 7.48 9.06 33.69
C ASN B 669 6.64 8.19 34.59
N ALA B 670 6.15 8.73 35.69
CA ALA B 670 5.21 7.98 36.51
C ALA B 670 3.87 7.83 35.80
N ILE B 671 3.42 8.86 35.11
CA ILE B 671 2.21 8.73 34.28
C ILE B 671 2.40 7.63 33.24
N ALA B 672 3.55 7.63 32.56
CA ALA B 672 3.81 6.61 31.56
C ALA B 672 3.79 5.23 32.20
N GLU B 673 4.34 5.12 33.40
CA GLU B 673 4.37 3.86 34.12
C GLU B 673 2.96 3.34 34.38
N VAL B 674 2.09 4.19 34.93
CA VAL B 674 0.74 3.74 35.23
C VAL B 674 -0.03 3.46 33.95
N ARG B 675 0.12 4.32 32.94
CA ARG B 675 -0.57 4.08 31.69
C ARG B 675 -0.17 2.74 31.11
N GLU B 676 1.11 2.41 31.17
CA GLU B 676 1.57 1.16 30.59
C GLU B 676 0.95 -0.02 31.31
N ALA B 677 0.85 0.07 32.65
CA ALA B 677 0.21 -1.02 33.39
C ALA B 677 -1.24 -1.18 32.98
N ILE B 678 -1.96 -0.05 32.86
CA ILE B 678 -3.34 -0.07 32.41
C ILE B 678 -3.43 -0.73 31.04
N ASP B 679 -2.53 -0.36 30.13
CA ASP B 679 -2.56 -0.89 28.78
C ASP B 679 -2.23 -2.38 28.76
N PHE B 680 -1.26 -2.83 29.56
CA PHE B 680 -1.03 -4.27 29.65
C PHE B 680 -2.29 -4.98 30.08
N LEU B 681 -2.94 -4.49 31.13
CA LEU B 681 -4.15 -5.15 31.62
C LEU B 681 -5.18 -5.24 30.51
N ARG B 682 -5.42 -4.14 29.82
CA ARG B 682 -6.49 -4.15 28.84
C ARG B 682 -6.10 -4.90 27.59
N TYR B 683 -4.82 -4.86 27.24
CA TYR B 683 -4.37 -5.59 26.06
C TYR B 683 -4.42 -7.09 26.30
N TYR B 684 -3.88 -7.55 27.42
CA TYR B 684 -3.96 -8.99 27.66
C TYR B 684 -5.39 -9.45 27.84
N ALA B 685 -6.26 -8.61 28.40
CA ALA B 685 -7.67 -8.96 28.47
C ALA B 685 -8.25 -9.13 27.08
N GLU B 686 -7.98 -8.18 26.19
CA GLU B 686 -8.52 -8.32 24.84
C GLU B 686 -7.91 -9.51 24.11
N GLN B 687 -6.60 -9.70 24.22
CA GLN B 687 -5.99 -10.84 23.55
C GLN B 687 -6.58 -12.15 24.07
N THR B 688 -6.88 -12.21 25.37
CA THR B 688 -7.55 -13.41 25.91
C THR B 688 -8.91 -13.60 25.25
N ARG B 689 -9.71 -12.53 25.19
CA ARG B 689 -11.03 -12.63 24.57
C ARG B 689 -10.94 -13.05 23.13
N ARG B 690 -9.85 -12.73 22.45
CA ARG B 690 -9.68 -13.14 21.06
C ARG B 690 -9.21 -14.57 20.90
N THR B 691 -8.64 -15.20 21.94
CA THR B 691 -7.92 -16.44 21.68
C THR B 691 -8.27 -17.61 22.59
N LEU B 692 -8.40 -17.40 23.89
CA LEU B 692 -8.30 -18.54 24.80
C LEU B 692 -9.60 -19.32 24.87
N GLY B 693 -9.47 -20.64 24.71
CA GLY B 693 -10.57 -21.55 24.82
C GLY B 693 -10.18 -22.71 25.70
N PRO B 694 -11.05 -23.72 25.79
CA PRO B 694 -10.83 -24.79 26.78
C PRO B 694 -9.58 -25.62 26.50
N GLY B 695 -9.14 -25.70 25.26
CA GLY B 695 -7.95 -26.47 24.95
C GLY B 695 -6.64 -25.78 25.22
N HIS B 696 -6.67 -24.53 25.69
CA HIS B 696 -5.45 -23.80 25.99
C HIS B 696 -5.31 -23.80 27.51
N GLY B 697 -4.89 -24.93 28.04
CA GLY B 697 -4.81 -25.09 29.46
C GLY B 697 -3.65 -24.31 30.06
N PRO B 698 -3.79 -23.91 31.31
CA PRO B 698 -2.70 -23.16 31.97
C PRO B 698 -1.50 -24.05 32.26
N LEU B 699 -0.36 -23.39 32.45
CA LEU B 699 0.81 -24.11 32.91
C LEU B 699 0.67 -24.54 34.36
N GLY B 700 0.11 -23.68 35.20
CA GLY B 700 0.16 -23.87 36.64
C GLY B 700 0.78 -22.64 37.27
N PRO B 701 1.26 -22.77 38.51
CA PRO B 701 1.82 -21.61 39.22
C PRO B 701 2.96 -20.98 38.43
N ILE B 702 2.85 -19.69 38.19
CA ILE B 702 3.88 -18.96 37.48
CA ILE B 702 3.87 -18.94 37.47
C ILE B 702 4.54 -17.98 38.44
N VAL B 703 5.86 -18.00 38.45
CA VAL B 703 6.64 -17.07 39.25
C VAL B 703 6.97 -15.89 38.36
N CYS B 704 6.56 -14.70 38.78
CA CYS B 704 6.79 -13.47 38.04
C CYS B 704 7.80 -12.64 38.80
N ILE B 705 8.96 -12.45 38.21
CA ILE B 705 10.05 -11.73 38.84
C ILE B 705 10.32 -10.49 38.00
N SER B 706 10.32 -9.33 38.63
CA SER B 706 10.27 -8.07 37.91
C SER B 706 11.38 -7.15 38.34
N PRO B 707 11.76 -6.22 37.47
CA PRO B 707 12.85 -5.29 37.76
C PRO B 707 12.33 -4.08 38.51
N TRP B 708 13.27 -3.32 39.09
CA TRP B 708 12.85 -2.15 39.84
C TRP B 708 12.46 -0.99 38.94
N ASN B 709 12.97 -0.93 37.71
CA ASN B 709 13.00 0.36 37.03
C ASN B 709 11.69 0.72 36.37
N PHE B 710 10.86 -0.28 36.06
CA PHE B 710 9.48 -0.08 35.65
C PHE B 710 8.67 -0.82 36.69
N PRO B 711 8.56 -0.24 37.89
CA PRO B 711 8.13 -1.01 39.07
C PRO B 711 6.66 -1.33 39.12
N LEU B 712 5.83 -0.67 38.31
CA LEU B 712 4.43 -1.07 38.19
C LEU B 712 4.12 -1.65 36.83
N ALA B 713 4.73 -1.13 35.77
CA ALA B 713 4.32 -1.52 34.43
C ALA B 713 4.72 -2.96 34.11
N ILE B 714 6.01 -3.27 34.20
CA ILE B 714 6.42 -4.63 33.90
C ILE B 714 5.89 -5.59 34.95
N PHE B 715 5.92 -5.15 36.22
CA PHE B 715 5.32 -5.93 37.30
C PHE B 715 3.90 -6.36 36.94
N THR B 716 3.06 -5.38 36.56
CA THR B 716 1.66 -5.66 36.23
C THR B 716 1.54 -6.48 34.96
N GLY B 717 2.33 -6.16 33.94
CA GLY B 717 2.22 -6.87 32.68
C GLY B 717 2.45 -8.37 32.82
N GLN B 718 3.53 -8.76 33.49
CA GLN B 718 3.81 -10.18 33.59
C GLN B 718 2.71 -10.87 34.37
N ILE B 719 2.30 -10.28 35.48
CA ILE B 719 1.30 -10.90 36.34
C ILE B 719 -0.02 -11.00 35.62
N ALA B 720 -0.42 -9.91 34.95
CA ALA B 720 -1.70 -9.89 34.27
C ALA B 720 -1.75 -10.97 33.21
N ALA B 721 -0.68 -11.11 32.43
CA ALA B 721 -0.67 -12.12 31.37
C ALA B 721 -0.76 -13.51 31.96
N ALA B 722 0.02 -13.79 32.99
CA ALA B 722 -0.01 -15.12 33.57
C ALA B 722 -1.38 -15.41 34.16
N LEU B 723 -1.95 -14.45 34.89
CA LEU B 723 -3.28 -14.65 35.48
C LEU B 723 -4.33 -14.88 34.42
N VAL B 724 -4.36 -14.04 33.39
CA VAL B 724 -5.44 -14.13 32.43
C VAL B 724 -5.33 -15.41 31.60
N ALA B 725 -4.12 -15.94 31.45
CA ALA B 725 -3.92 -17.24 30.82
C ALA B 725 -4.36 -18.39 31.71
N GLY B 726 -4.79 -18.11 32.94
CA GLY B 726 -5.33 -19.14 33.80
C GLY B 726 -4.38 -19.66 34.86
N ASN B 727 -3.26 -18.96 35.09
CA ASN B 727 -2.24 -19.43 36.02
C ASN B 727 -2.28 -18.60 37.29
N PRO B 728 -2.22 -19.22 38.45
CA PRO B 728 -1.98 -18.44 39.67
C PRO B 728 -0.55 -17.95 39.63
N VAL B 729 -0.33 -16.83 40.30
CA VAL B 729 0.93 -16.10 40.19
C VAL B 729 1.55 -15.91 41.55
N LEU B 730 2.87 -16.11 41.60
CA LEU B 730 3.70 -15.69 42.71
C LEU B 730 4.47 -14.47 42.21
N ALA B 731 4.16 -13.30 42.75
CA ALA B 731 4.73 -12.05 42.27
C ALA B 731 5.88 -11.64 43.18
N LYS B 732 7.08 -11.61 42.63
CA LYS B 732 8.29 -11.25 43.37
C LYS B 732 8.82 -9.95 42.80
N PRO B 733 8.47 -8.82 43.39
CA PRO B 733 8.95 -7.53 42.87
C PRO B 733 10.37 -7.29 43.29
N ALA B 734 11.02 -6.40 42.55
CA ALA B 734 12.39 -6.04 42.90
C ALA B 734 12.47 -5.50 44.32
N GLU B 735 13.61 -5.75 44.96
CA GLU B 735 13.75 -5.34 46.34
C GLU B 735 13.71 -3.84 46.51
N GLU B 736 14.08 -3.09 45.46
CA GLU B 736 14.12 -1.64 45.57
C GLU B 736 12.72 -1.02 45.56
N THR B 737 11.75 -1.67 44.93
CA THR B 737 10.45 -1.03 44.66
C THR B 737 9.26 -1.89 45.05
N PRO B 738 9.22 -2.37 46.29
CA PRO B 738 8.11 -3.27 46.68
C PRO B 738 6.80 -2.55 46.90
N LEU B 739 6.79 -1.25 47.18
CA LEU B 739 5.56 -0.60 47.62
C LEU B 739 4.57 -0.48 46.48
N ILE B 740 5.02 -0.02 45.31
CA ILE B 740 4.09 0.11 44.21
C ILE B 740 3.64 -1.26 43.72
N ALA B 741 4.51 -2.26 43.83
CA ALA B 741 4.12 -3.62 43.50
C ALA B 741 3.02 -4.11 44.43
N ALA B 742 3.15 -3.84 45.74
CA ALA B 742 2.10 -4.22 46.67
C ALA B 742 0.80 -3.53 46.29
N GLU B 743 0.88 -2.28 45.85
CA GLU B 743 -0.33 -1.58 45.46
C GLU B 743 -0.92 -2.20 44.20
N GLY B 744 -0.08 -2.62 43.26
CA GLY B 744 -0.60 -3.33 42.10
C GLY B 744 -1.34 -4.60 42.50
N VAL B 745 -0.79 -5.36 43.45
CA VAL B 745 -1.46 -6.58 43.88
C VAL B 745 -2.77 -6.24 44.57
N ARG B 746 -2.78 -5.19 45.40
CA ARG B 746 -4.04 -4.79 46.05
C ARG B 746 -5.10 -4.49 45.00
N ILE B 747 -4.71 -3.80 43.93
CA ILE B 747 -5.68 -3.42 42.91
C ILE B 747 -6.16 -4.64 42.14
N LEU B 748 -5.26 -5.54 41.78
CA LEU B 748 -5.69 -6.75 41.08
C LEU B 748 -6.59 -7.60 41.95
N ARG B 749 -6.27 -7.74 43.24
CA ARG B 749 -7.16 -8.48 44.11
C ARG B 749 -8.50 -7.78 44.25
N GLU B 750 -8.48 -6.45 44.34
CA GLU B 750 -9.74 -5.72 44.47
C GLU B 750 -10.58 -5.91 43.23
N ALA B 751 -9.93 -6.02 42.07
CA ALA B 751 -10.63 -6.21 40.81
C ALA B 751 -11.16 -7.61 40.62
N GLY B 752 -10.84 -8.54 41.52
CA GLY B 752 -11.43 -9.87 41.45
C GLY B 752 -10.44 -11.02 41.38
N ILE B 753 -9.14 -10.79 41.33
CA ILE B 753 -8.19 -11.89 41.31
C ILE B 753 -8.16 -12.49 42.72
N PRO B 754 -8.47 -13.77 42.87
CA PRO B 754 -8.52 -14.38 44.21
C PRO B 754 -7.16 -14.32 44.87
N ALA B 755 -7.18 -14.26 46.22
CA ALA B 755 -5.91 -14.16 46.93
C ALA B 755 -5.03 -15.36 46.67
N SER B 756 -5.63 -16.53 46.46
CA SER B 756 -4.82 -17.71 46.17
C SER B 756 -4.23 -17.67 44.76
N ALA B 757 -4.82 -16.87 43.87
CA ALA B 757 -4.29 -16.75 42.53
C ALA B 757 -3.21 -15.68 42.39
N LEU B 758 -3.04 -14.82 43.40
CA LEU B 758 -2.06 -13.74 43.26
C LEU B 758 -1.48 -13.43 44.64
N GLN B 759 -0.28 -13.93 44.87
CA GLN B 759 0.41 -13.73 46.12
C GLN B 759 1.63 -12.88 45.86
N LEU B 760 1.91 -11.95 46.77
CA LEU B 760 3.04 -11.04 46.66
C LEU B 760 4.13 -11.49 47.61
N LEU B 761 5.36 -11.65 47.10
CA LEU B 761 6.47 -12.11 47.93
C LEU B 761 7.60 -11.09 47.81
N PRO B 762 7.58 -10.04 48.62
CA PRO B 762 8.66 -9.05 48.56
C PRO B 762 9.95 -9.67 49.05
N GLY B 763 11.04 -9.11 48.57
CA GLY B 763 12.35 -9.50 49.05
C GLY B 763 13.36 -9.40 47.91
N ASP B 764 14.55 -9.90 48.21
CA ASP B 764 15.64 -9.76 47.26
C ASP B 764 15.71 -10.99 46.36
N GLY B 765 16.85 -11.18 45.70
CA GLY B 765 16.96 -12.26 44.74
C GLY B 765 16.86 -13.64 45.36
N ARG B 766 17.16 -13.77 46.66
CA ARG B 766 16.99 -15.07 47.32
C ARG B 766 15.52 -15.49 47.32
N VAL B 767 14.60 -14.53 47.45
CA VAL B 767 13.20 -14.87 47.38
C VAL B 767 12.83 -15.30 45.97
N GLY B 768 13.32 -14.57 44.96
CA GLY B 768 13.10 -15.00 43.60
C GLY B 768 13.63 -16.39 43.36
N ALA B 769 14.87 -16.65 43.83
CA ALA B 769 15.47 -17.96 43.61
C ALA B 769 14.68 -19.07 44.31
N ALA B 770 14.18 -18.79 45.52
CA ALA B 770 13.39 -19.81 46.22
C ALA B 770 12.11 -20.13 45.46
N LEU B 771 11.46 -19.11 44.90
CA LEU B 771 10.25 -19.35 44.13
C LEU B 771 10.55 -20.14 42.87
N VAL B 772 11.63 -19.78 42.16
CA VAL B 772 11.99 -20.46 40.92
C VAL B 772 12.26 -21.93 41.17
N ALA B 773 12.90 -22.24 42.30
CA ALA B 773 13.29 -23.61 42.57
C ALA B 773 12.16 -24.45 43.15
N ALA B 774 11.04 -23.83 43.52
CA ALA B 774 9.97 -24.55 44.19
C ALA B 774 9.40 -25.64 43.29
N ALA B 775 9.00 -26.75 43.92
CA ALA B 775 8.63 -27.94 43.17
C ALA B 775 7.47 -27.69 42.22
N GLU B 776 6.49 -26.89 42.63
CA GLU B 776 5.27 -26.73 41.86
C GLU B 776 5.33 -25.58 40.86
N THR B 777 6.43 -24.84 40.80
CA THR B 777 6.54 -23.76 39.83
C THR B 777 6.50 -24.33 38.43
N ALA B 778 5.56 -23.84 37.62
CA ALA B 778 5.28 -24.37 36.30
C ALA B 778 5.76 -23.44 35.19
N GLY B 779 6.18 -22.23 35.53
CA GLY B 779 6.73 -21.32 34.55
C GLY B 779 7.27 -20.12 35.27
N VAL B 780 8.17 -19.42 34.59
CA VAL B 780 8.79 -18.24 35.17
C VAL B 780 8.77 -17.14 34.13
N MET B 781 8.33 -15.97 34.55
CA MET B 781 8.40 -14.76 33.73
C MET B 781 9.37 -13.84 34.44
N PHE B 782 10.50 -13.58 33.79
CA PHE B 782 11.56 -12.80 34.40
C PHE B 782 11.85 -11.61 33.50
N THR B 783 11.94 -10.44 34.10
CA THR B 783 12.48 -9.26 33.45
C THR B 783 13.53 -8.68 34.37
N GLY B 784 14.72 -8.45 33.84
CA GLY B 784 15.82 -8.02 34.68
C GLY B 784 17.12 -8.20 33.92
N SER B 785 18.20 -8.28 34.67
CA SER B 785 19.49 -8.35 34.03
C SER B 785 19.71 -9.72 33.38
N THR B 786 20.51 -9.72 32.31
CA THR B 786 20.85 -10.98 31.65
C THR B 786 21.55 -11.94 32.61
N GLU B 787 22.41 -11.40 33.48
CA GLU B 787 23.15 -12.23 34.42
C GLU B 787 22.20 -12.99 35.34
N VAL B 788 21.18 -12.30 35.86
CA VAL B 788 20.24 -12.97 36.75
C VAL B 788 19.41 -13.98 35.97
N ALA B 789 19.02 -13.63 34.75
CA ALA B 789 18.24 -14.55 33.93
C ALA B 789 18.98 -15.86 33.74
N ARG B 790 20.30 -15.81 33.56
CA ARG B 790 21.06 -17.04 33.37
C ARG B 790 20.99 -17.92 34.59
N LEU B 791 21.03 -17.32 35.78
CA LEU B 791 20.93 -18.10 37.00
C LEU B 791 19.58 -18.79 37.09
N ILE B 792 18.52 -18.07 36.73
CA ILE B 792 17.18 -18.67 36.76
C ILE B 792 17.09 -19.79 35.74
N GLN B 793 17.62 -19.56 34.54
CA GLN B 793 17.60 -20.58 33.51
C GLN B 793 18.30 -21.85 34.00
N ALA B 794 19.44 -21.69 34.68
CA ALA B 794 20.14 -22.85 35.20
C ALA B 794 19.30 -23.59 36.23
N GLN B 795 18.68 -22.85 37.16
CA GLN B 795 17.81 -23.47 38.16
C GLN B 795 16.72 -24.29 37.47
N LEU B 796 16.08 -23.70 36.47
CA LEU B 796 14.92 -24.35 35.85
C LEU B 796 15.33 -25.59 35.08
N ALA B 797 16.52 -25.60 34.49
CA ALA B 797 16.94 -26.74 33.67
C ALA B 797 17.12 -27.99 34.51
N ASP B 798 17.25 -27.85 35.82
CA ASP B 798 17.30 -29.01 36.69
C ASP B 798 15.94 -29.68 36.85
N ARG B 799 14.86 -29.02 36.43
CA ARG B 799 13.51 -29.47 36.70
C ARG B 799 12.78 -29.79 35.40
N LEU B 800 11.74 -30.60 35.51
CA LEU B 800 10.78 -30.81 34.45
C LEU B 800 9.39 -30.66 35.05
N SER B 801 8.44 -30.36 34.18
CA SER B 801 7.05 -30.39 34.57
C SER B 801 6.66 -31.82 34.89
N PRO B 802 5.51 -32.03 35.54
CA PRO B 802 5.04 -33.42 35.73
C PRO B 802 4.79 -34.15 34.43
N ALA B 803 4.55 -33.42 33.34
CA ALA B 803 4.46 -34.01 32.01
C ALA B 803 5.82 -34.31 31.39
N GLY B 804 6.91 -34.01 32.09
CA GLY B 804 8.23 -34.33 31.59
C GLY B 804 8.75 -33.35 30.55
N ARG B 805 8.43 -32.07 30.68
CA ARG B 805 8.84 -31.09 29.69
C ARG B 805 9.49 -29.90 30.38
N PRO B 806 10.27 -29.12 29.65
CA PRO B 806 10.95 -27.98 30.28
C PRO B 806 9.94 -26.99 30.82
N ILE B 807 10.32 -26.36 31.92
CA ILE B 807 9.52 -25.29 32.53
C ILE B 807 9.73 -24.06 31.67
N PRO B 808 8.69 -23.45 31.12
CA PRO B 808 8.88 -22.28 30.26
C PRO B 808 9.44 -21.10 31.04
N LEU B 809 10.38 -20.40 30.41
CA LEU B 809 10.96 -19.20 30.98
C LEU B 809 10.85 -18.12 29.92
N ILE B 810 10.20 -17.01 30.26
CA ILE B 810 10.29 -15.81 29.46
C ILE B 810 11.30 -14.95 30.19
N ALA B 811 12.39 -14.61 29.51
CA ALA B 811 13.46 -13.86 30.16
C ALA B 811 13.76 -12.64 29.29
N GLU B 812 13.32 -11.48 29.74
CA GLU B 812 13.45 -10.24 28.99
C GLU B 812 14.51 -9.41 29.71
N THR B 813 15.62 -9.17 29.02
CA THR B 813 16.84 -8.81 29.70
C THR B 813 17.43 -7.51 29.18
N GLY B 814 18.74 -7.32 29.31
CA GLY B 814 19.31 -6.00 29.15
C GLY B 814 19.48 -5.58 27.70
N GLY B 815 19.97 -4.37 27.53
CA GLY B 815 20.25 -3.86 26.20
C GLY B 815 21.56 -3.11 26.19
N GLN B 816 22.09 -2.93 24.99
CA GLN B 816 23.23 -2.03 24.78
C GLN B 816 22.85 -1.20 23.57
N ASN B 817 21.92 -0.29 23.78
CA ASN B 817 21.11 0.23 22.70
C ASN B 817 21.80 1.40 22.02
N ALA B 818 21.81 1.37 20.70
CA ALA B 818 22.47 2.38 19.89
C ALA B 818 21.45 3.20 19.13
N MET B 819 21.85 4.42 18.79
CA MET B 819 21.13 5.24 17.83
C MET B 819 22.17 5.72 16.83
N ILE B 820 21.87 5.51 15.55
CA ILE B 820 22.73 5.97 14.47
C ILE B 820 22.12 7.22 13.88
N VAL B 821 22.94 8.27 13.75
CA VAL B 821 22.51 9.57 13.24
C VAL B 821 23.39 9.89 12.06
N ASP B 822 22.79 10.14 10.91
CA ASP B 822 23.58 10.55 9.76
C ASP B 822 23.49 12.07 9.57
N SER B 823 24.17 12.55 8.54
CA SER B 823 24.24 13.99 8.34
C SER B 823 22.95 14.58 7.79
N SER B 824 21.96 13.76 7.46
CA SER B 824 20.68 14.32 7.01
C SER B 824 19.72 14.56 8.16
N ALA B 825 20.01 14.07 9.34
CA ALA B 825 19.10 14.23 10.47
C ALA B 825 19.06 15.68 10.93
N LEU B 826 17.93 16.07 11.48
CA LEU B 826 17.79 17.41 12.04
C LEU B 826 18.35 17.41 13.46
N ALA B 827 19.39 18.21 13.69
CA ALA B 827 20.11 18.17 14.96
C ALA B 827 19.18 18.38 16.15
N GLU B 828 18.26 19.36 16.05
CA GLU B 828 17.37 19.65 17.17
C GLU B 828 16.51 18.44 17.52
N GLN B 829 16.05 17.71 16.51
CA GLN B 829 15.24 16.52 16.75
C GLN B 829 16.09 15.41 17.37
N VAL B 830 17.30 15.22 16.85
CA VAL B 830 18.22 14.25 17.43
C VAL B 830 18.45 14.56 18.90
N VAL B 831 18.76 15.82 19.20
CA VAL B 831 19.13 16.17 20.56
C VAL B 831 17.97 15.91 21.52
N GLY B 832 16.76 16.30 21.13
CA GLY B 832 15.62 16.02 21.99
C GLY B 832 15.42 14.54 22.21
N ASP B 833 15.58 13.75 21.15
CA ASP B 833 15.37 12.32 21.28
C ASP B 833 16.51 11.66 22.03
N VAL B 834 17.72 12.20 21.92
CA VAL B 834 18.83 11.67 22.71
C VAL B 834 18.63 11.96 24.18
N ILE B 835 18.22 13.17 24.52
CA ILE B 835 18.04 13.51 25.93
C ILE B 835 16.97 12.62 26.54
N THR B 836 15.85 12.46 25.83
CA THR B 836 14.80 11.58 26.31
C THR B 836 15.31 10.15 26.44
N SER B 837 15.99 9.66 25.40
CA SER B 837 16.31 8.24 25.39
C SER B 837 17.44 7.92 26.36
N ALA B 838 18.41 8.82 26.49
CA ALA B 838 19.59 8.49 27.28
C ALA B 838 19.46 8.90 28.72
N PHE B 839 18.77 9.99 29.02
CA PHE B 839 18.88 10.59 30.33
C PHE B 839 17.57 10.67 31.08
N ASP B 840 16.43 10.56 30.40
CA ASP B 840 15.16 10.41 31.09
C ASP B 840 15.25 9.23 32.04
N SER B 841 14.69 9.40 33.23
CA SER B 841 14.76 8.37 34.28
C SER B 841 16.20 8.05 34.63
N ALA B 842 17.08 9.03 34.45
CA ALA B 842 18.50 8.86 34.67
C ALA B 842 19.04 7.64 33.93
N GLY B 843 18.53 7.41 32.72
CA GLY B 843 18.99 6.30 31.93
C GLY B 843 18.58 4.96 32.46
N GLN B 844 17.67 4.93 33.42
CA GLN B 844 17.27 3.67 34.06
C GLN B 844 16.06 3.06 33.37
N ARG B 845 16.20 2.90 32.07
CA ARG B 845 15.26 2.13 31.25
C ARG B 845 16.07 1.09 30.50
N CYS B 846 15.54 -0.12 30.40
CA CYS B 846 16.23 -1.11 29.58
C CYS B 846 16.39 -0.64 28.14
N SER B 847 15.45 0.17 27.66
CA SER B 847 15.44 0.71 26.31
C SER B 847 16.34 1.92 26.14
N ALA B 848 17.00 2.39 27.19
CA ALA B 848 17.67 3.68 27.16
C ALA B 848 18.80 3.66 26.13
N LEU B 849 19.03 4.83 25.54
CA LEU B 849 20.12 5.00 24.60
C LEU B 849 21.46 4.95 25.32
N ARG B 850 22.29 3.99 24.93
CA ARG B 850 23.61 3.79 25.51
C ARG B 850 24.74 4.26 24.61
N VAL B 851 24.56 4.17 23.31
CA VAL B 851 25.63 4.49 22.36
C VAL B 851 25.04 5.34 21.26
N LEU B 852 25.44 6.60 21.20
CA LEU B 852 25.00 7.52 20.16
C LEU B 852 26.10 7.53 19.11
N CYS B 853 25.75 7.15 17.88
CA CYS B 853 26.70 7.04 16.79
C CYS B 853 26.41 8.17 15.81
N LEU B 854 27.36 9.09 15.70
CA LEU B 854 27.16 10.32 14.93
C LEU B 854 28.08 10.30 13.73
N GLN B 855 27.50 10.53 12.55
CA GLN B 855 28.33 10.66 11.37
C GLN B 855 29.34 11.80 11.61
N GLU B 856 30.59 11.57 11.19
CA GLU B 856 31.68 12.42 11.65
C GLU B 856 31.44 13.89 11.29
N ASP B 857 30.81 14.14 10.14
CA ASP B 857 30.66 15.51 9.64
C ASP B 857 29.67 16.33 10.45
N VAL B 858 28.80 15.70 11.23
CA VAL B 858 27.84 16.41 12.05
C VAL B 858 28.06 16.22 13.53
N ALA B 859 29.05 15.43 13.92
CA ALA B 859 29.19 15.03 15.32
C ALA B 859 29.42 16.22 16.22
N ASP B 860 30.35 17.11 15.84
CA ASP B 860 30.66 18.24 16.70
C ASP B 860 29.45 19.14 16.92
N ARG B 861 28.71 19.44 15.86
CA ARG B 861 27.57 20.34 16.00
C ARG B 861 26.49 19.70 16.86
N ILE B 862 26.21 18.42 16.66
CA ILE B 862 25.21 17.74 17.49
C ILE B 862 25.67 17.67 18.94
N LEU B 863 26.95 17.35 19.17
CA LEU B 863 27.42 17.26 20.55
C LEU B 863 27.36 18.61 21.25
N THR B 864 27.72 19.68 20.54
CA THR B 864 27.63 21.01 21.13
C THR B 864 26.19 21.32 21.51
N MET B 865 25.25 21.00 20.63
CA MET B 865 23.86 21.26 20.91
C MET B 865 23.38 20.39 22.07
N LEU B 866 23.79 19.13 22.06
CA LEU B 866 23.38 18.22 23.12
C LEU B 866 23.86 18.71 24.47
N LYS B 867 25.14 19.12 24.54
CA LYS B 867 25.67 19.62 25.80
C LYS B 867 24.95 20.88 26.24
N GLY B 868 24.62 21.76 25.29
CA GLY B 868 23.87 22.96 25.65
C GLY B 868 22.50 22.62 26.18
N ALA B 869 21.84 21.64 25.57
CA ALA B 869 20.53 21.22 26.06
C ALA B 869 20.65 20.55 27.43
N LEU B 870 21.70 19.76 27.65
CA LEU B 870 21.88 19.12 28.96
C LEU B 870 22.07 20.15 30.07
N HIS B 871 22.68 21.29 29.76
CA HIS B 871 22.86 22.32 30.77
C HIS B 871 21.54 22.92 31.23
N GLU B 872 20.46 22.67 30.50
CA GLU B 872 19.17 23.21 30.89
C GLU B 872 18.33 22.24 31.69
N LEU B 873 18.84 21.06 31.99
CA LEU B 873 18.07 20.09 32.75
C LEU B 873 18.20 20.34 34.23
N HIS B 874 17.12 20.06 34.94
CA HIS B 874 17.07 20.15 36.38
C HIS B 874 17.15 18.73 36.93
N ILE B 875 18.20 18.45 37.69
CA ILE B 875 18.39 17.15 38.34
C ILE B 875 18.06 17.31 39.81
N GLY B 876 17.21 16.44 40.34
CA GLY B 876 16.92 16.54 41.75
C GLY B 876 15.81 15.59 42.17
N ARG B 877 15.34 15.82 43.39
CA ARG B 877 14.25 15.01 43.92
C ARG B 877 13.01 15.27 43.08
N THR B 878 12.33 14.20 42.70
CA THR B 878 11.39 14.25 41.59
C THR B 878 9.99 14.71 41.98
N ASP B 879 9.77 15.16 43.21
CA ASP B 879 8.48 15.66 43.63
C ASP B 879 8.27 17.13 43.29
N ARG B 880 8.94 17.63 42.26
CA ARG B 880 8.70 18.94 41.68
C ARG B 880 8.54 18.76 40.19
N LEU B 881 7.51 19.39 39.62
CA LEU B 881 7.28 19.30 38.19
C LEU B 881 8.48 19.79 37.39
N SER B 882 9.24 20.74 37.93
CA SER B 882 10.40 21.28 37.22
C SER B 882 11.57 20.32 37.16
N VAL B 883 11.52 19.15 37.80
CA VAL B 883 12.65 18.24 37.77
C VAL B 883 12.60 17.37 36.52
N ASP B 884 13.70 17.34 35.79
CA ASP B 884 13.80 16.56 34.57
C ASP B 884 14.44 15.20 34.78
N VAL B 885 15.48 15.13 35.60
CA VAL B 885 16.26 13.91 35.81
C VAL B 885 16.27 13.62 37.29
N GLY B 886 15.82 12.44 37.67
CA GLY B 886 15.81 12.02 39.05
C GLY B 886 17.05 11.26 39.44
N PRO B 887 16.98 10.63 40.61
CA PRO B 887 18.15 9.92 41.14
C PRO B 887 18.32 8.54 40.51
N VAL B 888 19.48 7.98 40.77
CA VAL B 888 19.66 6.55 40.56
C VAL B 888 19.14 5.81 41.78
N ILE B 889 18.77 4.54 41.58
CA ILE B 889 17.87 3.91 42.54
C ILE B 889 18.54 3.64 43.88
N THR B 890 19.83 3.33 43.90
CA THR B 890 20.52 2.98 45.14
C THR B 890 21.95 3.47 45.09
N SER B 891 22.56 3.49 46.28
CA SER B 891 23.98 3.78 46.37
CA SER B 891 23.99 3.79 46.33
C SER B 891 24.80 2.74 45.59
N GLU B 892 24.38 1.48 45.65
CA GLU B 892 25.09 0.42 44.92
C GLU B 892 25.05 0.69 43.43
N ALA B 893 23.87 1.07 42.91
CA ALA B 893 23.79 1.39 41.49
C ALA B 893 24.67 2.57 41.17
N LYS B 894 24.65 3.60 42.01
CA LYS B 894 25.50 4.77 41.80
C LYS B 894 26.97 4.37 41.75
N ASP B 895 27.41 3.54 42.69
CA ASP B 895 28.81 3.11 42.69
C ASP B 895 29.14 2.32 41.43
N ASN B 896 28.21 1.49 40.97
CA ASN B 896 28.43 0.67 39.79
C ASN B 896 28.60 1.57 38.56
N ILE B 897 27.72 2.56 38.43
CA ILE B 897 27.80 3.49 37.32
C ILE B 897 29.09 4.28 37.39
N GLU B 898 29.42 4.78 38.59
CA GLU B 898 30.62 5.60 38.73
C GLU B 898 31.88 4.78 38.49
N LYS B 899 31.87 3.49 38.82
CA LYS B 899 33.03 2.66 38.55
C LYS B 899 33.27 2.57 37.05
N HIS B 900 32.21 2.46 36.27
CA HIS B 900 32.35 2.46 34.83
C HIS B 900 32.89 3.80 34.34
N ILE B 901 32.32 4.89 34.84
CA ILE B 901 32.76 6.21 34.41
C ILE B 901 34.24 6.38 34.72
N GLU B 902 34.66 6.01 35.92
CA GLU B 902 36.06 6.16 36.31
C GLU B 902 36.95 5.20 35.53
N ARG B 903 36.45 4.03 35.14
CA ARG B 903 37.23 3.15 34.27
CA ARG B 903 37.25 3.16 34.28
C ARG B 903 37.45 3.79 32.91
N MET B 904 36.39 4.36 32.33
CA MET B 904 36.54 5.05 31.06
C MET B 904 37.50 6.23 31.20
N ARG B 905 37.35 6.99 32.28
CA ARG B 905 38.25 8.13 32.49
C ARG B 905 39.69 7.67 32.63
N GLY B 906 39.92 6.57 33.36
CA GLY B 906 41.29 6.09 33.55
C GLY B 906 41.89 5.51 32.28
N LEU B 907 41.06 5.05 31.36
CA LEU B 907 41.53 4.59 30.06
C LEU B 907 41.82 5.73 29.09
N GLY B 908 41.56 6.98 29.49
CA GLY B 908 41.85 8.11 28.66
C GLY B 908 40.70 8.59 27.81
N ARG B 909 39.52 7.99 27.94
CA ARG B 909 38.38 8.44 27.16
C ARG B 909 37.91 9.79 27.68
N LYS B 910 37.41 10.61 26.76
CA LYS B 910 36.88 11.92 27.15
C LYS B 910 35.55 11.73 27.86
N VAL B 911 35.47 12.20 29.10
CA VAL B 911 34.28 12.07 29.93
C VAL B 911 33.83 13.47 30.32
N GLU B 912 32.57 13.77 30.06
CA GLU B 912 32.00 15.06 30.44
C GLU B 912 30.72 14.82 31.22
N GLN B 913 30.55 15.56 32.31
CA GLN B 913 29.36 15.45 33.14
C GLN B 913 28.76 16.82 33.30
N ILE B 914 27.45 16.89 33.22
CA ILE B 914 26.75 18.16 33.16
C ILE B 914 25.59 18.16 34.15
N LEU B 916 25.60 18.91 39.31
CA LEU B 916 24.60 18.53 40.30
C LEU B 916 24.43 19.59 41.37
N ALA B 917 23.18 19.86 41.74
CA ALA B 917 22.90 20.76 42.84
C ALA B 917 23.33 20.14 44.15
N SER B 918 23.63 21.00 45.13
CA SER B 918 24.03 20.51 46.45
C SER B 918 22.92 19.70 47.11
N GLU B 919 21.66 20.02 46.80
CA GLU B 919 20.53 19.30 47.37
C GLU B 919 20.53 17.83 46.99
N THR B 920 21.31 17.44 45.98
CA THR B 920 21.38 16.03 45.60
C THR B 920 22.12 15.17 46.62
N GLY B 921 22.92 15.80 47.50
CA GLY B 921 23.73 15.06 48.45
C GLY B 921 22.96 14.13 49.37
N VAL B 922 21.69 14.43 49.62
CA VAL B 922 20.84 13.60 50.47
C VAL B 922 20.27 12.38 49.75
N GLY B 923 20.41 12.31 48.43
CA GLY B 923 19.99 11.14 47.68
C GLY B 923 21.13 10.60 46.85
N THR B 924 20.85 9.68 45.95
CA THR B 924 21.88 9.05 45.14
C THR B 924 21.68 9.49 43.70
N PHE B 925 22.48 10.45 43.26
CA PHE B 925 22.36 10.99 41.91
C PHE B 925 23.66 10.79 41.15
N VAL B 926 23.52 10.53 39.86
CA VAL B 926 24.62 10.60 38.90
C VAL B 926 24.19 11.59 37.82
N PRO B 927 25.00 12.58 37.48
CA PRO B 927 24.58 13.53 36.46
C PRO B 927 24.69 12.91 35.09
N PRO B 928 23.91 13.42 34.12
CA PRO B 928 24.11 13.03 32.73
C PRO B 928 25.59 13.09 32.35
N THR B 929 26.06 12.01 31.76
CA THR B 929 27.47 11.82 31.48
C THR B 929 27.60 11.41 30.03
N ILE B 930 28.58 12.01 29.35
CA ILE B 930 28.88 11.70 27.96
C ILE B 930 30.32 11.22 27.90
N ILE B 931 30.52 10.05 27.32
CA ILE B 931 31.83 9.44 27.21
C ILE B 931 32.09 9.17 25.74
N GLU B 932 33.20 9.70 25.23
CA GLU B 932 33.57 9.45 23.84
C GLU B 932 34.35 8.15 23.76
N LEU B 933 33.87 7.22 22.96
CA LEU B 933 34.55 5.96 22.74
C LEU B 933 35.29 6.00 21.42
N GLU B 934 36.35 5.19 21.34
CA GLU B 934 37.02 4.99 20.05
C GLU B 934 36.34 3.89 19.26
N LYS B 935 35.83 2.88 19.95
CA LYS B 935 35.17 1.75 19.31
C LYS B 935 34.08 1.26 20.24
N LEU B 936 33.03 0.68 19.66
CA LEU B 936 31.94 0.19 20.49
C LEU B 936 32.43 -0.92 21.42
N SER B 937 33.44 -1.68 21.00
CA SER B 937 33.97 -2.73 21.85
C SER B 937 34.62 -2.20 23.13
N ASP B 938 34.81 -0.88 23.25
CA ASP B 938 35.23 -0.31 24.53
C ASP B 938 34.20 -0.57 25.62
N LEU B 939 32.95 -0.79 25.24
CA LEU B 939 31.85 -1.02 26.16
C LEU B 939 31.67 -2.52 26.31
N GLN B 940 31.76 -3.03 27.54
CA GLN B 940 31.72 -4.46 27.79
C GLN B 940 30.49 -4.92 28.55
N ARG B 941 29.69 -3.99 29.08
CA ARG B 941 28.55 -4.37 29.91
C ARG B 941 27.51 -3.27 29.84
N GLU B 942 26.26 -3.64 30.12
CA GLU B 942 25.20 -2.65 30.21
C GLU B 942 25.40 -1.83 31.48
N VAL B 943 25.51 -0.52 31.32
CA VAL B 943 25.69 0.40 32.43
C VAL B 943 24.37 1.13 32.60
N PHE B 944 23.66 0.78 33.67
CA PHE B 944 22.25 1.12 33.80
C PHE B 944 22.15 2.45 34.54
N GLY B 945 22.45 3.51 33.82
CA GLY B 945 22.50 4.82 34.41
C GLY B 945 22.59 5.85 33.32
N PRO B 946 22.76 7.11 33.70
CA PRO B 946 22.67 8.19 32.71
C PRO B 946 24.01 8.44 32.04
N VAL B 947 24.49 7.42 31.35
CA VAL B 947 25.82 7.44 30.76
C VAL B 947 25.67 7.17 29.28
N LEU B 948 25.87 8.20 28.47
CA LEU B 948 25.75 8.11 27.03
C LEU B 948 27.14 8.00 26.44
N HIS B 949 27.37 6.97 25.66
CA HIS B 949 28.64 6.81 24.98
C HIS B 949 28.47 7.30 23.56
N VAL B 950 29.52 7.92 23.03
CA VAL B 950 29.45 8.55 21.72
C VAL B 950 30.51 7.94 20.83
N ILE B 951 30.09 7.54 19.63
CA ILE B 951 30.95 7.02 18.58
C ILE B 951 30.79 7.94 17.38
N ARG B 952 31.90 8.29 16.75
CA ARG B 952 31.84 9.01 15.48
C ARG B 952 32.16 8.02 14.37
N TYR B 953 31.45 8.10 13.25
CA TYR B 953 31.71 7.16 12.18
C TYR B 953 31.73 7.88 10.83
N ARG B 954 32.50 7.33 9.89
CA ARG B 954 32.45 7.77 8.51
C ARG B 954 31.31 7.05 7.81
N ARG B 955 30.62 7.76 6.91
CA ARG B 955 29.44 7.18 6.26
C ARG B 955 29.78 5.88 5.53
N ASP B 956 30.98 5.78 4.94
CA ASP B 956 31.37 4.56 4.26
CA ASP B 956 31.31 4.55 4.25
C ASP B 956 31.54 3.38 5.21
N ASP B 957 31.61 3.63 6.51
CA ASP B 957 31.75 2.58 7.51
C ASP B 957 30.43 2.20 8.14
N LEU B 958 29.30 2.68 7.58
CA LEU B 958 28.01 2.45 8.23
C LEU B 958 27.71 0.97 8.40
N ASP B 959 27.99 0.15 7.38
CA ASP B 959 27.68 -1.27 7.51
C ASP B 959 28.51 -1.91 8.62
N ARG B 960 29.79 -1.56 8.69
CA ARG B 960 30.64 -2.04 9.77
C ARG B 960 30.15 -1.56 11.12
N LEU B 961 29.66 -0.31 11.18
CA LEU B 961 29.10 0.19 12.43
C LEU B 961 27.90 -0.63 12.87
N VAL B 962 27.03 -0.98 11.93
CA VAL B 962 25.89 -1.82 12.28
C VAL B 962 26.37 -3.15 12.83
N ASP B 963 27.42 -3.72 12.22
CA ASP B 963 28.03 -4.94 12.76
C ASP B 963 28.51 -4.70 14.18
N ASP B 964 29.16 -3.57 14.42
CA ASP B 964 29.66 -3.26 15.76
C ASP B 964 28.53 -3.21 16.76
N VAL B 965 27.40 -2.62 16.38
CA VAL B 965 26.25 -2.58 17.27
C VAL B 965 25.76 -3.99 17.54
N ASN B 966 25.61 -4.79 16.49
CA ASN B 966 25.13 -6.16 16.68
C ASN B 966 26.12 -6.99 17.47
N ALA B 967 27.41 -6.64 17.41
CA ALA B 967 28.45 -7.49 17.98
C ALA B 967 28.45 -7.50 19.49
N THR B 968 27.72 -6.58 20.14
CA THR B 968 27.64 -6.65 21.59
C THR B 968 26.89 -7.88 22.06
N GLY B 969 26.09 -8.49 21.17
CA GLY B 969 25.26 -9.61 21.54
C GLY B 969 23.87 -9.21 22.01
N TYR B 970 23.66 -7.94 22.32
CA TYR B 970 22.36 -7.43 22.71
C TYR B 970 21.55 -7.11 21.46
N GLY B 971 20.26 -6.88 21.67
CA GLY B 971 19.40 -6.57 20.55
C GLY B 971 18.05 -6.13 21.04
N LEU B 972 18.04 -5.05 21.83
CA LEU B 972 16.80 -4.60 22.43
C LEU B 972 16.24 -3.44 21.62
N THR B 973 16.63 -2.20 21.92
CA THR B 973 16.17 -1.08 21.13
C THR B 973 17.28 -0.53 20.24
N PHE B 974 16.84 0.11 19.17
CA PHE B 974 17.78 0.71 18.24
C PHE B 974 17.09 1.86 17.53
N GLY B 975 17.81 2.97 17.39
CA GLY B 975 17.27 4.15 16.74
C GLY B 975 18.09 4.55 15.54
N LEU B 976 17.42 5.13 14.56
CA LEU B 976 18.09 5.65 13.39
C LEU B 976 17.47 6.99 13.10
N HIS B 977 18.29 8.03 13.01
CA HIS B 977 17.84 9.35 12.58
C HIS B 977 18.45 9.63 11.22
N THR B 978 17.59 9.68 10.23
CA THR B 978 18.00 9.96 8.86
C THR B 978 16.76 10.35 8.08
N ARG B 979 16.97 11.18 7.07
CA ARG B 979 15.88 11.49 6.16
C ARG B 979 15.92 10.62 4.93
N LEU B 980 16.89 9.71 4.82
CA LEU B 980 17.20 9.06 3.54
C LEU B 980 16.68 7.64 3.52
N ASP B 981 15.79 7.34 2.57
CA ASP B 981 15.19 6.01 2.52
C ASP B 981 16.23 4.92 2.32
N GLU B 982 17.27 5.17 1.52
CA GLU B 982 18.26 4.14 1.30
C GLU B 982 18.96 3.79 2.59
N THR B 983 19.24 4.79 3.41
CA THR B 983 19.87 4.54 4.71
C THR B 983 18.94 3.79 5.63
N ILE B 984 17.66 4.16 5.63
CA ILE B 984 16.68 3.42 6.43
C ILE B 984 16.63 1.97 6.00
N ALA B 985 16.55 1.72 4.70
CA ALA B 985 16.45 0.33 4.23
C ALA B 985 17.71 -0.45 4.58
N HIS B 986 18.87 0.16 4.38
CA HIS B 986 20.12 -0.51 4.69
C HIS B 986 20.19 -0.84 6.17
N VAL B 987 20.03 0.17 7.01
CA VAL B 987 20.28 -0.04 8.43
C VAL B 987 19.23 -0.99 9.03
N THR B 988 17.96 -0.80 8.70
CA THR B 988 16.95 -1.70 9.27
C THR B 988 17.05 -3.11 8.72
N SER B 989 17.65 -3.30 7.54
CA SER B 989 17.86 -4.66 7.04
C SER B 989 19.02 -5.37 7.73
N ARG B 990 19.91 -4.63 8.38
CA ARG B 990 21.14 -5.20 8.91
C ARG B 990 21.20 -5.23 10.42
N ILE B 991 20.49 -4.32 11.09
CA ILE B 991 20.48 -4.30 12.53
C ILE B 991 19.68 -5.49 13.04
N LYS B 992 20.08 -6.01 14.19
CA LYS B 992 19.41 -7.17 14.77
C LYS B 992 18.93 -6.76 16.15
N ALA B 993 17.81 -6.07 16.20
CA ALA B 993 17.23 -5.62 17.46
C ALA B 993 15.72 -5.80 17.38
N GLY B 994 15.10 -5.99 18.54
CA GLY B 994 13.69 -6.29 18.57
C GLY B 994 12.79 -5.07 18.40
N ASN B 995 13.29 -3.89 18.75
CA ASN B 995 12.49 -2.67 18.70
C ASN B 995 13.30 -1.61 17.99
N LEU B 996 12.82 -1.22 16.83
CA LEU B 996 13.48 -0.23 16.00
C LEU B 996 12.66 1.05 16.03
N TYR B 997 13.35 2.18 15.95
CA TYR B 997 12.70 3.48 16.03
C TYR B 997 13.37 4.37 15.01
N ILE B 998 12.59 4.99 14.15
CA ILE B 998 13.12 5.84 13.09
CA ILE B 998 13.12 5.83 13.08
C ILE B 998 12.67 7.26 13.34
N ASN B 999 13.65 8.15 13.51
CA ASN B 999 13.39 9.59 13.64
C ASN B 999 12.55 9.92 14.87
N ARG B 1000 12.80 9.21 15.95
CA ARG B 1000 12.12 9.44 17.22
C ARG B 1000 12.99 8.88 18.33
N ASN B 1001 12.52 9.01 19.58
CA ASN B 1001 13.27 8.40 20.68
C ASN B 1001 13.18 6.88 20.60
N ILE B 1002 13.99 6.19 21.39
CA ILE B 1002 14.07 4.73 21.31
C ILE B 1002 13.48 4.07 22.54
N ILE B 1003 12.61 4.76 23.26
CA ILE B 1003 12.09 4.23 24.51
C ILE B 1003 10.62 3.84 24.41
N GLY B 1004 10.05 3.86 23.21
CA GLY B 1004 8.63 3.53 23.05
C GLY B 1004 8.35 2.07 23.32
N ALA B 1005 7.37 1.83 24.17
CA ALA B 1005 6.95 0.47 24.46
C ALA B 1005 5.45 0.43 24.56
N VAL B 1006 4.77 1.21 23.72
CA VAL B 1006 3.32 1.29 23.82
C VAL B 1006 2.73 -0.08 23.57
N VAL B 1007 1.94 -0.57 24.52
CA VAL B 1007 1.43 -1.93 24.45
C VAL B 1007 0.60 -2.11 23.19
N GLY B 1008 0.86 -3.19 22.46
CA GLY B 1008 0.11 -3.46 21.24
C GLY B 1008 0.40 -2.52 20.10
N VAL B 1009 1.35 -1.61 20.26
CA VAL B 1009 1.73 -0.65 19.25
C VAL B 1009 3.22 -0.75 18.92
N GLN B 1010 4.06 -0.72 19.95
CA GLN B 1010 5.43 -1.22 19.90
C GLN B 1010 5.52 -2.40 20.87
N PRO B 1011 5.01 -3.58 20.49
CA PRO B 1011 5.29 -4.78 21.27
C PRO B 1011 6.77 -4.82 21.55
N PHE B 1012 7.12 -5.02 22.81
CA PHE B 1012 8.45 -4.66 23.25
C PHE B 1012 9.22 -5.91 23.67
N GLY B 1013 10.43 -6.03 23.15
CA GLY B 1013 11.29 -7.11 23.60
C GLY B 1013 12.31 -7.40 22.55
N GLY B 1014 13.45 -7.89 22.99
CA GLY B 1014 14.54 -8.08 22.06
C GLY B 1014 15.03 -9.50 21.93
N ARG B 1015 16.20 -9.63 21.32
CA ARG B 1015 16.77 -10.91 20.97
C ARG B 1015 18.19 -10.97 21.49
N GLY B 1016 18.85 -12.10 21.24
CA GLY B 1016 20.22 -12.23 21.72
C GLY B 1016 20.24 -12.15 23.23
N LEU B 1017 21.20 -11.40 23.76
CA LEU B 1017 21.31 -11.20 25.20
C LEU B 1017 20.17 -10.40 25.77
N SER B 1018 19.28 -9.88 24.93
CA SER B 1018 18.20 -9.02 25.38
C SER B 1018 16.89 -9.76 25.62
N GLY B 1019 16.75 -11.00 25.19
CA GLY B 1019 15.48 -11.63 25.44
C GLY B 1019 15.34 -12.99 24.83
N THR B 1020 14.46 -13.80 25.42
CA THR B 1020 14.00 -15.03 24.81
C THR B 1020 12.80 -14.78 23.92
N GLY B 1021 12.07 -13.72 24.17
CA GLY B 1021 10.74 -13.59 23.62
C GLY B 1021 9.82 -14.58 24.29
N PRO B 1022 8.55 -14.56 23.91
CA PRO B 1022 7.91 -13.60 23.00
C PRO B 1022 7.83 -12.20 23.61
N LYS B 1023 7.53 -11.21 22.80
CA LYS B 1023 7.50 -9.84 23.28
C LYS B 1023 6.32 -9.60 24.21
N ALA B 1024 6.59 -8.95 25.33
CA ALA B 1024 5.52 -8.39 26.13
C ALA B 1024 4.76 -7.36 25.32
N GLY B 1025 3.46 -7.27 25.57
CA GLY B 1025 2.66 -6.30 24.86
C GLY B 1025 2.48 -6.64 23.41
N GLY B 1026 2.69 -7.91 23.06
CA GLY B 1026 2.50 -8.37 21.71
C GLY B 1026 1.65 -9.62 21.72
N PRO B 1027 1.28 -10.06 20.52
CA PRO B 1027 0.23 -11.08 20.39
C PRO B 1027 0.71 -12.50 20.62
N LEU B 1028 2.01 -12.74 20.73
CA LEU B 1028 2.49 -14.09 20.98
C LEU B 1028 2.66 -14.38 22.46
N TYR B 1029 2.53 -13.36 23.31
CA TYR B 1029 2.93 -13.47 24.71
C TYR B 1029 2.07 -14.48 25.46
N LEU B 1030 0.74 -14.33 25.38
CA LEU B 1030 -0.12 -15.20 26.20
C LEU B 1030 0.06 -16.66 25.84
N GLY B 1031 0.36 -16.94 24.58
CA GLY B 1031 0.49 -18.32 24.12
C GLY B 1031 1.64 -19.05 24.79
N ARG B 1032 2.60 -18.33 25.34
CA ARG B 1032 3.69 -18.97 26.07
C ARG B 1032 3.26 -19.42 27.45
N LEU B 1033 2.10 -18.96 27.92
CA LEU B 1033 1.70 -19.17 29.30
C LEU B 1033 0.60 -20.20 29.40
N VAL B 1034 0.38 -20.97 28.33
CA VAL B 1034 -0.55 -22.08 28.29
C VAL B 1034 0.17 -23.26 27.67
N THR B 1035 -0.37 -24.45 27.88
CA THR B 1035 0.33 -25.64 27.43
C THR B 1035 0.16 -25.89 25.93
N THR B 1036 -0.89 -25.32 25.33
CA THR B 1036 -1.10 -25.37 23.89
C THR B 1036 -1.36 -23.94 23.44
N ALA B 1037 -0.50 -23.42 22.58
CA ALA B 1037 -0.62 -22.02 22.21
C ALA B 1037 -1.80 -21.84 21.26
N PRO B 1038 -2.58 -20.78 21.43
CA PRO B 1038 -3.62 -20.46 20.46
C PRO B 1038 -3.01 -19.78 19.25
N VAL B 1039 -3.85 -19.60 18.23
CA VAL B 1039 -3.48 -18.84 17.05
C VAL B 1039 -3.75 -17.35 17.36
N PRO B 1040 -2.73 -16.52 17.48
CA PRO B 1040 -2.97 -15.14 17.84
C PRO B 1040 -3.74 -14.40 16.75
N PRO B 1041 -4.43 -13.32 17.11
CA PRO B 1041 -5.07 -12.48 16.10
C PRO B 1041 -4.07 -12.04 15.06
N GLN B 1042 -4.48 -12.10 13.79
CA GLN B 1042 -3.71 -11.62 12.65
C GLN B 1042 -2.46 -12.43 12.39
N HIS B 1043 -2.31 -13.57 13.02
CA HIS B 1043 -1.05 -14.30 12.99
C HIS B 1043 -1.11 -15.31 11.87
N SER B 1044 -0.63 -14.91 10.70
CA SER B 1044 -0.56 -15.80 9.55
C SER B 1044 0.33 -15.12 8.53
N SER B 1045 0.71 -15.88 7.53
CA SER B 1045 1.51 -15.32 6.44
C SER B 1045 1.19 -16.10 5.18
N VAL B 1046 1.12 -15.41 4.05
CA VAL B 1046 0.93 -16.10 2.78
C VAL B 1046 2.24 -16.59 2.19
N HIS B 1047 3.35 -16.27 2.83
CA HIS B 1047 4.64 -16.68 2.29
CA HIS B 1047 4.69 -16.66 2.35
C HIS B 1047 4.99 -18.07 2.79
N THR B 1048 5.62 -18.84 1.91
CA THR B 1048 6.10 -20.17 2.27
C THR B 1048 7.61 -20.18 2.07
N ASP B 1049 8.32 -20.61 3.10
CA ASP B 1049 9.76 -20.64 2.99
C ASP B 1049 10.17 -21.54 1.84
N PRO B 1050 11.02 -21.08 0.92
CA PRO B 1050 11.34 -21.91 -0.24
C PRO B 1050 12.21 -23.11 0.10
N VAL B 1051 13.04 -23.00 1.15
CA VAL B 1051 13.85 -24.14 1.55
C VAL B 1051 12.99 -25.21 2.19
N LEU B 1052 12.00 -24.80 2.99
CA LEU B 1052 10.97 -25.72 3.45
C LEU B 1052 10.36 -26.49 2.28
N LEU B 1053 9.98 -25.76 1.21
CA LEU B 1053 9.37 -26.42 0.07
C LEU B 1053 10.32 -27.42 -0.57
N ASP B 1054 11.60 -27.06 -0.68
CA ASP B 1054 12.58 -27.99 -1.25
C ASP B 1054 12.75 -29.21 -0.34
N PHE B 1055 12.70 -28.99 0.97
CA PHE B 1055 12.81 -30.10 1.91
C PHE B 1055 11.62 -31.04 1.76
N ALA B 1056 10.42 -30.49 1.62
CA ALA B 1056 9.24 -31.33 1.44
C ALA B 1056 9.34 -32.17 0.18
N LYS B 1057 9.83 -31.58 -0.91
CA LYS B 1057 10.01 -32.34 -2.15
C LYS B 1057 11.02 -33.46 -1.97
N TRP B 1058 12.09 -33.19 -1.21
CA TRP B 1058 13.08 -34.22 -0.93
C TRP B 1058 12.47 -35.35 -0.11
N LEU B 1059 11.68 -35.01 0.91
CA LEU B 1059 10.99 -36.03 1.68
C LEU B 1059 10.05 -36.84 0.80
N ASP B 1060 9.31 -36.16 -0.09
CA ASP B 1060 8.47 -36.85 -1.06
C ASP B 1060 9.28 -37.87 -1.85
N GLY B 1061 10.44 -37.45 -2.34
CA GLY B 1061 11.24 -38.33 -3.19
C GLY B 1061 11.65 -39.61 -2.49
N LYS B 1062 11.95 -39.53 -1.20
CA LYS B 1062 12.38 -40.70 -0.45
C LYS B 1062 11.23 -41.43 0.22
N GLY B 1063 9.99 -41.09 -0.09
CA GLY B 1063 8.84 -41.81 0.42
C GLY B 1063 8.48 -41.52 1.85
N ALA B 1064 9.07 -40.49 2.46
CA ALA B 1064 8.74 -40.10 3.83
C ALA B 1064 7.45 -39.28 3.80
N ARG B 1065 6.35 -40.00 3.51
CA ARG B 1065 5.08 -39.33 3.19
C ARG B 1065 4.52 -38.57 4.38
N ALA B 1066 4.55 -39.18 5.57
CA ALA B 1066 4.03 -38.48 6.74
C ALA B 1066 4.86 -37.24 7.05
N GLU B 1067 6.18 -37.33 6.90
CA GLU B 1067 7.03 -36.19 7.21
C GLU B 1067 6.88 -35.09 6.15
N ALA B 1068 6.77 -35.48 4.88
CA ALA B 1068 6.54 -34.48 3.83
C ALA B 1068 5.25 -33.72 4.09
N GLU B 1069 4.19 -34.44 4.51
CA GLU B 1069 2.93 -33.79 4.84
C GLU B 1069 3.10 -32.84 6.02
N ALA B 1070 3.77 -33.29 7.08
CA ALA B 1070 4.06 -32.41 8.19
C ALA B 1070 4.87 -31.20 7.75
N ALA B 1071 5.81 -31.39 6.82
CA ALA B 1071 6.62 -30.26 6.35
C ALA B 1071 5.76 -29.25 5.61
N ARG B 1072 4.90 -29.71 4.70
CA ARG B 1072 4.02 -28.79 4.00
C ARG B 1072 3.08 -28.08 4.96
N ASN B 1073 2.53 -28.81 5.92
CA ASN B 1073 1.67 -28.17 6.92
C ASN B 1073 2.42 -27.12 7.71
N ALA B 1074 3.68 -27.40 8.07
CA ALA B 1074 4.46 -26.40 8.78
C ALA B 1074 4.70 -25.19 7.90
N GLY B 1075 5.02 -25.41 6.62
CA GLY B 1075 5.23 -24.29 5.72
C GLY B 1075 4.02 -23.38 5.67
N SER B 1076 2.82 -23.97 5.69
CA SER B 1076 1.61 -23.17 5.62
C SER B 1076 1.30 -22.48 6.94
N SER B 1077 1.43 -23.19 8.06
CA SER B 1077 1.03 -22.59 9.33
C SER B 1077 2.07 -21.62 9.88
N SER B 1078 3.30 -21.67 9.39
CA SER B 1078 4.29 -20.69 9.77
C SER B 1078 3.79 -19.30 9.46
N ALA B 1079 4.07 -18.36 10.36
CA ALA B 1079 3.70 -16.97 10.12
C ALA B 1079 4.92 -16.16 9.72
N LEU B 1080 6.01 -16.83 9.40
CA LEU B 1080 7.18 -16.14 8.88
C LEU B 1080 6.78 -15.24 7.72
N GLY B 1081 7.21 -13.99 7.79
CA GLY B 1081 6.87 -13.04 6.74
C GLY B 1081 5.67 -12.19 7.05
N LEU B 1082 5.00 -12.43 8.17
CA LEU B 1082 3.94 -11.54 8.60
CA LEU B 1082 3.94 -11.54 8.62
C LEU B 1082 4.48 -10.11 8.67
N ASP B 1083 3.69 -9.17 8.16
CA ASP B 1083 4.16 -7.80 8.07
C ASP B 1083 2.92 -6.91 8.23
N LEU B 1084 2.72 -6.41 9.44
CA LEU B 1084 1.49 -5.71 9.81
C LEU B 1084 1.80 -4.29 10.24
N GLU B 1085 0.86 -3.39 9.96
CA GLU B 1085 0.85 -2.08 10.59
C GLU B 1085 -0.15 -2.12 11.73
N LEU B 1086 0.30 -1.77 12.91
CA LEU B 1086 -0.51 -1.80 14.12
C LEU B 1086 -1.22 -0.46 14.30
N PRO B 1087 -2.46 -0.47 14.80
CA PRO B 1087 -3.15 0.79 15.06
C PRO B 1087 -2.44 1.57 16.15
N GLY B 1088 -2.39 2.88 15.98
CA GLY B 1088 -1.71 3.74 16.91
C GLY B 1088 -1.98 5.19 16.58
N PRO B 1089 -1.17 6.10 17.10
CA PRO B 1089 -1.40 7.52 16.87
C PRO B 1089 -1.11 7.92 15.43
N VAL B 1090 -1.72 9.04 15.04
CA VAL B 1090 -1.35 9.66 13.77
C VAL B 1090 0.10 10.12 13.81
N GLY B 1091 0.67 10.31 12.63
CA GLY B 1091 2.04 10.78 12.56
C GLY B 1091 3.07 9.76 12.95
N GLU B 1092 2.68 8.50 13.01
CA GLU B 1092 3.59 7.42 13.33
C GLU B 1092 3.11 6.20 12.55
N ARG B 1093 4.06 5.40 12.11
CA ARG B 1093 3.78 4.11 11.49
CA ARG B 1093 3.76 4.11 11.52
C ARG B 1093 4.41 3.05 12.39
N ASN B 1094 3.59 2.19 12.94
CA ASN B 1094 4.07 1.20 13.90
C ASN B 1094 3.90 -0.16 13.25
N LEU B 1095 5.02 -0.79 12.93
CA LEU B 1095 5.06 -1.98 12.12
C LEU B 1095 5.47 -3.16 12.97
N TYR B 1096 4.94 -4.32 12.63
CA TYR B 1096 5.22 -5.53 13.38
C TYR B 1096 5.44 -6.64 12.36
N THR B 1097 6.58 -7.31 12.46
CA THR B 1097 6.97 -8.27 11.43
C THR B 1097 7.55 -9.50 12.09
N LEU B 1098 7.40 -10.64 11.43
CA LEU B 1098 7.93 -11.90 11.92
C LEU B 1098 9.02 -12.39 10.97
N HIS B 1099 10.20 -12.57 11.53
CA HIS B 1099 11.38 -12.98 10.80
C HIS B 1099 11.83 -14.32 11.34
N ALA B 1100 12.78 -14.93 10.64
CA ALA B 1100 13.42 -16.11 11.19
C ALA B 1100 14.13 -15.73 12.48
N ARG B 1101 14.21 -16.70 13.39
CA ARG B 1101 14.98 -16.49 14.61
C ARG B 1101 16.48 -16.49 14.34
N GLY B 1102 16.93 -17.32 13.42
CA GLY B 1102 18.35 -17.42 13.16
C GLY B 1102 18.73 -18.87 12.97
N ARG B 1103 19.68 -19.35 13.76
CA ARG B 1103 20.09 -20.74 13.68
C ARG B 1103 19.53 -21.47 14.89
N ILE B 1104 18.79 -22.53 14.64
CA ILE B 1104 18.14 -23.30 15.70
C ILE B 1104 18.97 -24.55 15.95
N LEU B 1105 19.26 -24.80 17.21
CA LEU B 1105 19.92 -26.04 17.60
C LEU B 1105 18.90 -27.17 17.58
N LEU B 1106 19.18 -28.21 16.81
CA LEU B 1106 18.32 -29.36 16.71
C LEU B 1106 18.99 -30.50 17.46
N VAL B 1107 18.26 -31.08 18.41
CA VAL B 1107 18.76 -32.20 19.18
C VAL B 1107 17.78 -33.35 18.96
N PRO B 1108 17.87 -34.05 17.84
CA PRO B 1108 16.93 -35.14 17.56
C PRO B 1108 17.37 -36.41 18.24
N ALA B 1109 16.43 -37.35 18.33
CA ALA B 1109 16.72 -38.72 18.71
C ALA B 1109 16.53 -39.70 17.57
N THR B 1110 15.55 -39.45 16.70
CA THR B 1110 15.19 -40.39 15.65
C THR B 1110 15.18 -39.66 14.33
N GLU B 1111 15.27 -40.43 13.25
CA GLU B 1111 15.24 -39.85 11.92
C GLU B 1111 13.95 -39.07 11.69
N SER B 1112 12.81 -39.65 12.04
CA SER B 1112 11.55 -38.96 11.87
C SER B 1112 11.50 -37.69 12.72
N GLY B 1113 11.99 -37.77 13.95
CA GLY B 1113 12.05 -36.59 14.78
C GLY B 1113 12.90 -35.50 14.16
N LEU B 1114 14.04 -35.87 13.59
CA LEU B 1114 14.87 -34.90 12.90
C LEU B 1114 14.13 -34.27 11.73
N TYR B 1115 13.43 -35.07 10.94
CA TYR B 1115 12.71 -34.51 9.80
C TYR B 1115 11.65 -33.53 10.27
N HIS B 1116 10.95 -33.87 11.36
CA HIS B 1116 9.95 -32.95 11.90
C HIS B 1116 10.59 -31.70 12.45
N GLN B 1117 11.72 -31.83 13.15
CA GLN B 1117 12.41 -30.66 13.66
C GLN B 1117 12.89 -29.78 12.52
N LEU B 1118 13.48 -30.40 11.50
CA LEU B 1118 13.93 -29.63 10.34
C LEU B 1118 12.76 -28.92 9.69
N ALA B 1119 11.64 -29.61 9.52
CA ALA B 1119 10.47 -28.98 8.91
C ALA B 1119 10.05 -27.75 9.69
N ALA B 1120 9.97 -27.86 11.02
CA ALA B 1120 9.55 -26.74 11.85
C ALA B 1120 10.53 -25.58 11.70
N ALA B 1121 11.83 -25.87 11.77
CA ALA B 1121 12.81 -24.79 11.70
C ALA B 1121 12.88 -24.17 10.31
N LEU B 1122 12.84 -25.00 9.26
CA LEU B 1122 12.92 -24.45 7.91
C LEU B 1122 11.67 -23.64 7.58
N ALA B 1123 10.51 -24.11 8.03
CA ALA B 1123 9.27 -23.43 7.72
C ALA B 1123 9.26 -22.02 8.27
N THR B 1124 10.02 -21.78 9.32
CA THR B 1124 10.10 -20.49 9.97
C THR B 1124 11.36 -19.73 9.55
N GLY B 1125 12.03 -20.17 8.48
CA GLY B 1125 13.08 -19.41 7.85
C GLY B 1125 14.45 -19.60 8.46
N ASN B 1126 14.59 -20.55 9.37
CA ASN B 1126 15.81 -20.67 10.14
C ASN B 1126 16.80 -21.58 9.45
N SER B 1127 18.05 -21.41 9.82
CA SER B 1127 19.05 -22.44 9.59
C SER B 1127 19.11 -23.31 10.84
N VAL B 1128 19.85 -24.42 10.74
CA VAL B 1128 19.91 -25.34 11.87
C VAL B 1128 21.33 -25.80 12.09
N ALA B 1129 21.61 -26.13 13.33
CA ALA B 1129 22.79 -26.92 13.70
C ALA B 1129 22.24 -28.17 14.35
N ILE B 1130 22.50 -29.31 13.76
CA ILE B 1130 21.98 -30.57 14.24
C ILE B 1130 23.05 -31.20 15.12
N ASP B 1131 22.63 -31.68 16.29
CA ASP B 1131 23.55 -32.38 17.19
C ASP B 1131 24.19 -33.58 16.51
N ALA B 1132 25.50 -33.55 16.31
CA ALA B 1132 26.18 -34.66 15.66
C ALA B 1132 26.12 -35.92 16.51
N ALA B 1133 26.01 -35.78 17.83
CA ALA B 1133 25.93 -36.95 18.69
C ALA B 1133 24.66 -37.76 18.47
N SER B 1134 23.68 -37.21 17.74
CA SER B 1134 22.49 -37.97 17.42
C SER B 1134 22.80 -39.15 16.51
N GLY B 1135 23.91 -39.12 15.79
CA GLY B 1135 24.24 -40.20 14.89
C GLY B 1135 23.35 -40.30 13.66
N LEU B 1136 22.61 -39.24 13.34
CA LEU B 1136 21.61 -39.29 12.28
C LEU B 1136 22.11 -38.74 10.96
N GLN B 1137 23.43 -38.62 10.78
CA GLN B 1137 23.97 -38.01 9.58
C GLN B 1137 23.47 -38.70 8.31
N ALA B 1138 23.34 -40.02 8.34
CA ALA B 1138 22.93 -40.75 7.13
C ALA B 1138 21.50 -40.43 6.72
N SER B 1139 20.70 -39.86 7.63
CA SER B 1139 19.32 -39.52 7.31
C SER B 1139 19.20 -38.35 6.35
N LEU B 1140 20.25 -37.55 6.20
CA LEU B 1140 20.25 -36.41 5.29
C LEU B 1140 21.12 -36.65 4.07
N LYS B 1141 21.30 -37.92 3.69
CA LYS B 1141 22.05 -38.22 2.48
C LYS B 1141 21.31 -37.67 1.26
N ASN B 1142 22.07 -37.03 0.36
CA ASN B 1142 21.55 -36.52 -0.90
C ASN B 1142 20.57 -35.37 -0.73
N LEU B 1143 20.73 -34.61 0.34
CA LEU B 1143 19.88 -33.46 0.56
C LEU B 1143 20.14 -32.42 -0.54
N PRO B 1144 19.11 -31.74 -1.03
CA PRO B 1144 19.34 -30.67 -2.01
C PRO B 1144 20.23 -29.58 -1.41
N GLN B 1145 21.08 -29.00 -2.27
CA GLN B 1145 21.97 -27.92 -1.83
C GLN B 1145 21.19 -26.77 -1.22
N THR B 1146 20.00 -26.47 -1.74
CA THR B 1146 19.18 -25.42 -1.15
C THR B 1146 18.92 -25.68 0.32
N VAL B 1147 18.65 -26.94 0.65
CA VAL B 1147 18.42 -27.27 2.05
C VAL B 1147 19.74 -27.39 2.80
N GLY B 1148 20.72 -28.03 2.17
CA GLY B 1148 22.00 -28.24 2.85
C GLY B 1148 22.68 -26.95 3.24
N LEU B 1149 22.47 -25.87 2.48
CA LEU B 1149 23.04 -24.58 2.82
C LEU B 1149 22.55 -24.10 4.17
N ARG B 1150 21.38 -24.57 4.60
CA ARG B 1150 20.79 -24.20 5.89
C ARG B 1150 21.16 -25.16 7.00
N VAL B 1151 21.85 -26.26 6.69
CA VAL B 1151 22.06 -27.34 7.63
C VAL B 1151 23.54 -27.41 7.98
N SER B 1152 23.83 -27.40 9.27
CA SER B 1152 25.16 -27.74 9.74
C SER B 1152 25.01 -28.81 10.82
N TRP B 1153 26.08 -29.54 11.07
CA TRP B 1153 26.12 -30.54 12.12
C TRP B 1153 27.11 -30.05 13.17
N SER B 1154 26.71 -30.14 14.43
CA SER B 1154 27.54 -29.58 15.49
C SER B 1154 27.95 -30.67 16.46
N LYS B 1155 29.26 -30.80 16.64
CA LYS B 1155 29.85 -31.63 17.68
C LYS B 1155 30.30 -30.81 18.87
N ASP B 1156 29.95 -29.52 18.88
CA ASP B 1156 30.39 -28.61 19.93
C ASP B 1156 29.37 -27.47 19.94
N TRP B 1157 28.31 -27.65 20.72
CA TRP B 1157 27.21 -26.68 20.65
C TRP B 1157 27.66 -25.31 21.08
N ALA B 1158 28.51 -25.24 22.10
CA ALA B 1158 28.88 -23.94 22.64
C ALA B 1158 29.80 -23.19 21.69
N ALA B 1159 30.61 -23.90 20.91
CA ALA B 1159 31.49 -23.24 19.96
C ALA B 1159 30.78 -22.83 18.69
N ASP B 1160 29.66 -23.49 18.37
CA ASP B 1160 28.98 -23.32 17.09
C ASP B 1160 27.82 -22.34 17.16
N GLY B 1161 27.49 -21.84 18.34
CA GLY B 1161 26.46 -20.83 18.49
C GLY B 1161 26.98 -19.46 18.16
N PRO B 1162 26.25 -18.42 18.54
CA PRO B 1162 24.99 -18.47 19.30
C PRO B 1162 23.85 -18.98 18.45
N PHE B 1163 22.97 -19.73 19.09
CA PHE B 1163 21.73 -20.16 18.47
C PHE B 1163 20.62 -19.22 18.90
N ALA B 1164 19.45 -19.39 18.28
CA ALA B 1164 18.31 -18.55 18.62
C ALA B 1164 17.13 -19.37 19.10
N GLY B 1165 17.35 -20.65 19.35
CA GLY B 1165 16.33 -21.51 19.91
C GLY B 1165 16.80 -22.93 19.78
N ALA B 1166 15.99 -23.85 20.29
CA ALA B 1166 16.39 -25.25 20.22
C ALA B 1166 15.16 -26.12 20.19
N LEU B 1167 15.25 -27.19 19.42
CA LEU B 1167 14.23 -28.22 19.37
C LEU B 1167 14.87 -29.52 19.83
N VAL B 1168 14.23 -30.18 20.78
CA VAL B 1168 14.81 -31.34 21.44
C VAL B 1168 13.79 -32.47 21.32
N GLU B 1169 14.28 -33.66 21.00
CA GLU B 1169 13.48 -34.87 20.98
C GLU B 1169 14.08 -35.86 21.97
N GLY B 1170 13.25 -36.46 22.81
CA GLY B 1170 13.75 -37.51 23.67
C GLY B 1170 12.78 -37.78 24.81
N ASP B 1171 13.14 -38.77 25.61
CA ASP B 1171 12.36 -39.05 26.81
C ASP B 1171 12.66 -38.01 27.88
N ALA B 1172 11.99 -38.12 29.02
CA ALA B 1172 12.09 -37.07 30.04
C ALA B 1172 13.53 -36.87 30.49
N GLU B 1173 14.26 -37.96 30.73
CA GLU B 1173 15.62 -37.77 31.24
C GLU B 1173 16.56 -37.23 30.16
N ARG B 1174 16.32 -37.60 28.89
CA ARG B 1174 17.09 -36.99 27.81
C ARG B 1174 16.78 -35.50 27.71
N ILE B 1175 15.50 -35.15 27.80
CA ILE B 1175 15.11 -33.74 27.74
C ILE B 1175 15.79 -32.95 28.85
N ARG B 1176 15.77 -33.51 30.08
CA ARG B 1176 16.38 -32.81 31.20
C ARG B 1176 17.87 -32.62 30.99
N ALA B 1177 18.56 -33.66 30.51
CA ALA B 1177 19.99 -33.56 30.29
C ALA B 1177 20.32 -32.55 29.21
N VAL B 1178 19.53 -32.54 28.14
CA VAL B 1178 19.76 -31.59 27.06
C VAL B 1178 19.47 -30.18 27.53
N ASN B 1179 18.37 -30.00 28.27
CA ASN B 1179 18.01 -28.69 28.77
C ASN B 1179 19.09 -28.14 29.68
N LYS B 1180 19.68 -29.00 30.52
CA LYS B 1180 20.79 -28.54 31.35
C LYS B 1180 21.98 -28.13 30.49
N ALA B 1181 22.30 -28.91 29.45
CA ALA B 1181 23.41 -28.56 28.58
C ALA B 1181 23.14 -27.24 27.88
N ILE B 1182 21.90 -27.02 27.46
CA ILE B 1182 21.55 -25.78 26.78
C ILE B 1182 21.66 -24.60 27.72
N ALA B 1183 21.20 -24.77 28.96
CA ALA B 1183 21.30 -23.68 29.93
C ALA B 1183 22.74 -23.29 30.22
N ALA B 1184 23.69 -24.19 29.97
CA ALA B 1184 25.10 -23.88 30.19
C ALA B 1184 25.77 -23.27 28.96
N LEU B 1185 25.05 -23.11 27.86
CA LEU B 1185 25.67 -22.53 26.68
C LEU B 1185 25.94 -21.04 26.92
N PRO B 1186 27.05 -20.52 26.43
CA PRO B 1186 27.30 -19.08 26.56
C PRO B 1186 26.36 -18.30 25.65
N GLY B 1187 26.22 -17.02 25.97
CA GLY B 1187 25.47 -16.13 25.13
C GLY B 1187 23.99 -16.11 25.45
N PRO B 1188 23.17 -16.08 24.42
CA PRO B 1188 21.73 -15.89 24.65
C PRO B 1188 21.08 -17.07 25.35
N LEU B 1189 20.04 -16.77 26.12
CA LEU B 1189 19.21 -17.80 26.69
C LEU B 1189 18.32 -18.38 25.60
N LEU B 1190 18.44 -19.68 25.35
CA LEU B 1190 17.70 -20.27 24.25
C LEU B 1190 16.28 -20.63 24.67
N LEU B 1191 15.32 -20.30 23.82
CA LEU B 1191 13.95 -20.78 23.95
C LEU B 1191 13.93 -22.22 23.44
N VAL B 1192 13.77 -23.16 24.36
CA VAL B 1192 13.87 -24.59 24.09
C VAL B 1192 12.46 -25.16 24.01
N GLN B 1193 12.23 -25.98 22.99
CA GLN B 1193 11.02 -26.78 22.91
C GLN B 1193 11.41 -28.24 22.84
N ALA B 1194 10.74 -29.07 23.62
CA ALA B 1194 11.07 -30.48 23.69
C ALA B 1194 9.82 -31.30 23.49
N ALA B 1195 10.01 -32.48 22.93
CA ALA B 1195 8.92 -33.42 22.71
C ALA B 1195 9.51 -34.82 22.70
N SER B 1196 8.72 -35.79 23.12
CA SER B 1196 9.11 -37.16 22.95
C SER B 1196 8.87 -37.59 21.51
N SER B 1197 9.52 -38.70 21.13
CA SER B 1197 9.29 -39.26 19.80
C SER B 1197 7.81 -39.56 19.58
N GLY B 1198 7.15 -40.10 20.60
CA GLY B 1198 5.74 -40.40 20.46
C GLY B 1198 4.90 -39.15 20.31
N GLU B 1199 5.27 -38.09 21.03
CA GLU B 1199 4.55 -36.84 20.92
C GLU B 1199 4.68 -36.26 19.51
N ILE B 1200 5.88 -36.33 18.94
CA ILE B 1200 6.09 -35.88 17.56
C ILE B 1200 5.19 -36.67 16.60
N ALA B 1201 5.04 -37.97 16.85
CA ALA B 1201 4.24 -38.80 15.95
C ALA B 1201 2.75 -38.50 16.11
N ARG B 1202 2.31 -38.22 17.33
CA ARG B 1202 0.89 -38.07 17.66
C ARG B 1202 0.37 -36.66 17.43
N ASN B 1203 1.20 -35.64 17.68
CA ASN B 1203 0.74 -34.26 17.75
C ASN B 1203 1.43 -33.43 16.69
N PRO B 1204 0.70 -32.99 15.66
CA PRO B 1204 1.32 -32.13 14.62
C PRO B 1204 1.90 -30.84 15.19
N ASP B 1205 1.39 -30.38 16.33
CA ASP B 1205 1.89 -29.17 16.98
C ASP B 1205 2.82 -29.48 18.14
N ALA B 1206 3.49 -30.64 18.11
CA ALA B 1206 4.46 -30.96 19.15
C ALA B 1206 5.48 -29.84 19.33
N TYR B 1207 5.93 -29.25 18.22
CA TYR B 1207 6.76 -28.06 18.26
C TYR B 1207 5.94 -26.88 17.73
N CYS B 1208 5.96 -25.80 18.47
CA CYS B 1208 5.14 -24.64 18.17
C CYS B 1208 5.95 -23.67 17.30
N LEU B 1209 5.40 -23.31 16.14
CA LEU B 1209 6.13 -22.39 15.26
C LEU B 1209 6.13 -20.97 15.77
N ASN B 1210 5.27 -20.64 16.76
CA ASN B 1210 5.26 -19.30 17.32
C ASN B 1210 6.63 -18.92 17.87
N TRP B 1211 7.36 -19.90 18.39
CA TRP B 1211 8.61 -19.63 19.10
C TRP B 1211 9.81 -19.74 18.19
N LEU B 1212 9.59 -20.04 16.91
CA LEU B 1212 10.67 -20.22 15.95
C LEU B 1212 10.79 -19.04 15.01
N VAL B 1213 9.97 -18.02 15.20
CA VAL B 1213 10.13 -16.76 14.51
C VAL B 1213 10.54 -15.72 15.52
N GLU B 1214 11.12 -14.64 15.04
CA GLU B 1214 11.49 -13.49 15.86
C GLU B 1214 10.59 -12.32 15.49
N GLU B 1215 10.01 -11.70 16.50
CA GLU B 1215 9.20 -10.52 16.29
C GLU B 1215 10.10 -9.29 16.22
N VAL B 1216 9.81 -8.40 15.28
CA VAL B 1216 10.48 -7.11 15.21
C VAL B 1216 9.42 -6.03 15.13
N SER B 1217 9.52 -5.05 16.03
CA SER B 1217 8.66 -3.88 16.01
C SER B 1217 9.47 -2.71 15.48
N ALA B 1218 8.87 -1.93 14.60
CA ALA B 1218 9.52 -0.73 14.09
C ALA B 1218 8.53 0.41 14.21
N SER B 1219 8.95 1.49 14.85
CA SER B 1219 8.11 2.67 15.02
C SER B 1219 8.76 3.80 14.25
N ILE B 1220 8.05 4.31 13.25
CA ILE B 1220 8.57 5.35 12.38
C ILE B 1220 7.78 6.62 12.64
N ASN B 1221 8.48 7.69 13.01
CA ASN B 1221 7.86 9.00 13.16
C ASN B 1221 7.69 9.59 11.76
N THR B 1222 6.46 9.61 11.26
CA THR B 1222 6.18 10.12 9.93
C THR B 1222 5.80 11.59 9.94
N ALA B 1223 5.91 12.23 11.10
CA ALA B 1223 5.79 13.67 11.20
C ALA B 1223 7.15 14.35 11.25
N ALA B 1224 8.24 13.59 11.05
CA ALA B 1224 9.58 14.10 11.33
C ALA B 1224 9.98 15.23 10.40
N ALA B 1225 9.44 15.27 9.18
CA ALA B 1225 9.75 16.34 8.23
C ALA B 1225 9.03 17.64 8.56
N GLY B 1226 8.26 17.69 9.66
CA GLY B 1226 7.58 18.89 10.06
C GLY B 1226 6.08 18.89 9.82
N GLY B 1227 5.50 17.77 9.42
CA GLY B 1227 4.06 17.70 9.23
C GLY B 1227 3.64 16.28 8.92
N ASN B 1228 2.33 16.11 8.77
CA ASN B 1228 1.71 14.79 8.60
C ASN B 1228 1.04 14.75 7.24
N ALA B 1229 1.53 13.85 6.37
CA ALA B 1229 0.96 13.72 5.03
C ALA B 1229 -0.50 13.27 5.08
N SER B 1230 -0.80 12.27 5.90
CA SER B 1230 -2.16 11.73 5.96
C SER B 1230 -3.14 12.79 6.42
N LEU B 1231 -2.81 13.52 7.48
CA LEU B 1231 -3.74 14.51 8.04
C LEU B 1231 -3.95 15.72 7.13
N MET B 1232 -3.12 15.89 6.09
CA MET B 1232 -3.40 16.92 5.10
C MET B 1232 -4.72 16.65 4.38
N ALA B 1233 -5.08 15.38 4.22
CA ALA B 1233 -6.34 14.98 3.61
C ALA B 1233 -7.45 14.77 4.63
N ILE B 1234 -7.34 15.37 5.81
CA ILE B 1234 -8.34 15.25 6.86
C ILE B 1234 -8.81 16.65 7.21
N GLY B 1235 -9.97 17.03 6.68
CA GLY B 1235 -10.59 18.30 7.00
C GLY B 1235 -12.03 18.12 7.47
#